data_2HTI
# 
_entry.id   2HTI 
# 
_audit_conform.dict_name       mmcif_pdbx.dic 
_audit_conform.dict_version    5.397 
_audit_conform.dict_location   http://mmcif.pdb.org/dictionaries/ascii/mmcif_pdbx.dic 
# 
loop_
_database_2.database_id 
_database_2.database_code 
_database_2.pdbx_database_accession 
_database_2.pdbx_DOI 
PDB   2HTI         pdb_00002hti 10.2210/pdb2hti/pdb 
RCSB  RCSB038742   ?            ?                   
WWPDB D_1000038742 ?            ?                   
# 
loop_
_pdbx_audit_revision_history.ordinal 
_pdbx_audit_revision_history.data_content_type 
_pdbx_audit_revision_history.major_revision 
_pdbx_audit_revision_history.minor_revision 
_pdbx_audit_revision_history.revision_date 
1 'Structure model' 1 0 2006-08-01 
2 'Structure model' 1 1 2008-05-01 
3 'Structure model' 1 2 2011-07-13 
4 'Structure model' 1 3 2017-10-18 
5 'Structure model' 1 4 2017-10-25 
6 'Structure model' 1 5 2023-01-25 
7 'Structure model' 1 6 2024-10-09 
# 
_pdbx_audit_revision_details.ordinal             1 
_pdbx_audit_revision_details.revision_ordinal    1 
_pdbx_audit_revision_details.data_content_type   'Structure model' 
_pdbx_audit_revision_details.provider            repository 
_pdbx_audit_revision_details.type                'Initial release' 
_pdbx_audit_revision_details.description         ? 
_pdbx_audit_revision_details.details             ? 
# 
loop_
_pdbx_audit_revision_group.ordinal 
_pdbx_audit_revision_group.revision_ordinal 
_pdbx_audit_revision_group.data_content_type 
_pdbx_audit_revision_group.group 
1 2 'Structure model' 'Version format compliance'  
2 3 'Structure model' 'Derived calculations'       
3 3 'Structure model' 'Version format compliance'  
4 4 'Structure model' 'Refinement description'     
5 5 'Structure model' 'Author supporting evidence' 
6 6 'Structure model' 'Database references'        
7 6 'Structure model' 'Derived calculations'       
8 7 'Structure model' 'Data collection'            
9 7 'Structure model' 'Structure summary'          
# 
loop_
_pdbx_audit_revision_category.ordinal 
_pdbx_audit_revision_category.revision_ordinal 
_pdbx_audit_revision_category.data_content_type 
_pdbx_audit_revision_category.category 
1  4 'Structure model' software                           
2  5 'Structure model' pdbx_struct_assembly_auth_evidence 
3  6 'Structure model' database_2                         
4  6 'Structure model' struct_conn                        
5  6 'Structure model' struct_ref_seq_dif                 
6  6 'Structure model' struct_site                        
7  7 'Structure model' chem_comp_atom                     
8  7 'Structure model' chem_comp_bond                     
9  7 'Structure model' pdbx_entry_details                 
10 7 'Structure model' pdbx_modification_feature          
# 
loop_
_pdbx_audit_revision_item.ordinal 
_pdbx_audit_revision_item.revision_ordinal 
_pdbx_audit_revision_item.data_content_type 
_pdbx_audit_revision_item.item 
1 4 'Structure model' '_software.classification'            
2 4 'Structure model' '_software.name'                      
3 6 'Structure model' '_database_2.pdbx_DOI'                
4 6 'Structure model' '_database_2.pdbx_database_accession' 
5 6 'Structure model' '_struct_conn.pdbx_leaving_atom_flag' 
6 6 'Structure model' '_struct_ref_seq_dif.details'         
7 6 'Structure model' '_struct_site.pdbx_auth_asym_id'      
8 6 'Structure model' '_struct_site.pdbx_auth_comp_id'      
9 6 'Structure model' '_struct_site.pdbx_auth_seq_id'       
# 
_pdbx_database_status.SG_entry                        Y 
_pdbx_database_status.entry_id                        2HTI 
_pdbx_database_status.deposit_site                    RCSB 
_pdbx_database_status.process_site                    RCSB 
_pdbx_database_status.recvd_initial_deposition_date   2006-07-25 
_pdbx_database_status.status_code                     REL 
_pdbx_database_status.status_code_sf                  REL 
_pdbx_database_status.status_code_mr                  ? 
_pdbx_database_status.pdb_format_compatible           Y 
_pdbx_database_status.status_code_cs                  ? 
_pdbx_database_status.methods_development_category    ? 
_pdbx_database_status.status_code_nmr_data            ? 
# 
_pdbx_database_related.db_name        TargetDB 
_pdbx_database_related.db_id          359054 
_pdbx_database_related.details        . 
_pdbx_database_related.content_type   unspecified 
# 
_audit_author.name           'Joint Center for Structural Genomics (JCSG)' 
_audit_author.pdbx_ordinal   1 
# 
_citation.id                        primary 
_citation.title                     'Crystal structure of BH0577 (10173191) from Bacillus halodurans at 2.50 A resolution' 
_citation.journal_abbrev            'To be published' 
_citation.journal_volume            ? 
_citation.page_first                ? 
_citation.page_last                 ? 
_citation.year                      ? 
_citation.journal_id_ASTM           ? 
_citation.country                   ? 
_citation.journal_id_ISSN           ? 
_citation.journal_id_CSD            0353 
_citation.book_publisher            ? 
_citation.pdbx_database_id_PubMed   ? 
_citation.pdbx_database_id_DOI      ? 
# 
_citation_author.citation_id        primary 
_citation_author.name               'Joint Center for Structural Genomics (JCSG)' 
_citation_author.ordinal            1 
_citation_author.identifier_ORCID   ? 
# 
loop_
_entity.id 
_entity.type 
_entity.src_method 
_entity.pdbx_description 
_entity.formula_weight 
_entity.pdbx_number_of_molecules 
_entity.pdbx_ec 
_entity.pdbx_mutation 
_entity.pdbx_fragment 
_entity.details 
1 polymer     man 'BH0577 protein'              21149.336 1  ? ? ? ? 
2 non-polymer syn 'SODIUM ION'                  22.990    1  ? ? ? ? 
3 non-polymer syn 'FLAVIN-ADENINE DINUCLEOTIDE' 785.550   1  ? ? ? ? 
4 water       nat water                         18.015    20 ? ? ? ? 
# 
_entity_poly.entity_id                      1 
_entity_poly.type                           'polypeptide(L)' 
_entity_poly.nstd_linkage                   no 
_entity_poly.nstd_monomer                   yes 
_entity_poly.pdbx_seq_one_letter_code       
;G(MSE)NAIRYTKRECKDEKKITEFLNKARTGFLGLSTNDQPYVIPLNFVWHNHAIYFHGASEGRKIK(MSE)IEANPEV
CFTICEDLGTIVSPVPAHTDTAY(MSE)SVIIFGTIEPVSAIEEGTEA(MSE)QQ(MSE)LDKYVPGYYHSPLAASHVEK
YRSSLGSRTAIYKISCRERTAKVNEPIESLKFYPGRNVSVDKDSR
;
_entity_poly.pdbx_seq_one_letter_code_can   
;GMNAIRYTKRECKDEKKITEFLNKARTGFLGLSTNDQPYVIPLNFVWHNHAIYFHGASEGRKIKMIEANPEVCFTICEDL
GTIVSPVPAHTDTAYMSVIIFGTIEPVSAIEEGTEAMQQMLDKYVPGYYHSPLAASHVEKYRSSLGSRTAIYKISCRERT
AKVNEPIESLKFYPGRNVSVDKDSR
;
_entity_poly.pdbx_strand_id                 A 
_entity_poly.pdbx_target_identifier         359054 
# 
loop_
_pdbx_entity_nonpoly.entity_id 
_pdbx_entity_nonpoly.name 
_pdbx_entity_nonpoly.comp_id 
2 'SODIUM ION'                  NA  
3 'FLAVIN-ADENINE DINUCLEOTIDE' FAD 
4 water                         HOH 
# 
loop_
_entity_poly_seq.entity_id 
_entity_poly_seq.num 
_entity_poly_seq.mon_id 
_entity_poly_seq.hetero 
1 1   GLY n 
1 2   MSE n 
1 3   ASN n 
1 4   ALA n 
1 5   ILE n 
1 6   ARG n 
1 7   TYR n 
1 8   THR n 
1 9   LYS n 
1 10  ARG n 
1 11  GLU n 
1 12  CYS n 
1 13  LYS n 
1 14  ASP n 
1 15  GLU n 
1 16  LYS n 
1 17  LYS n 
1 18  ILE n 
1 19  THR n 
1 20  GLU n 
1 21  PHE n 
1 22  LEU n 
1 23  ASN n 
1 24  LYS n 
1 25  ALA n 
1 26  ARG n 
1 27  THR n 
1 28  GLY n 
1 29  PHE n 
1 30  LEU n 
1 31  GLY n 
1 32  LEU n 
1 33  SER n 
1 34  THR n 
1 35  ASN n 
1 36  ASP n 
1 37  GLN n 
1 38  PRO n 
1 39  TYR n 
1 40  VAL n 
1 41  ILE n 
1 42  PRO n 
1 43  LEU n 
1 44  ASN n 
1 45  PHE n 
1 46  VAL n 
1 47  TRP n 
1 48  HIS n 
1 49  ASN n 
1 50  HIS n 
1 51  ALA n 
1 52  ILE n 
1 53  TYR n 
1 54  PHE n 
1 55  HIS n 
1 56  GLY n 
1 57  ALA n 
1 58  SER n 
1 59  GLU n 
1 60  GLY n 
1 61  ARG n 
1 62  LYS n 
1 63  ILE n 
1 64  LYS n 
1 65  MSE n 
1 66  ILE n 
1 67  GLU n 
1 68  ALA n 
1 69  ASN n 
1 70  PRO n 
1 71  GLU n 
1 72  VAL n 
1 73  CYS n 
1 74  PHE n 
1 75  THR n 
1 76  ILE n 
1 77  CYS n 
1 78  GLU n 
1 79  ASP n 
1 80  LEU n 
1 81  GLY n 
1 82  THR n 
1 83  ILE n 
1 84  VAL n 
1 85  SER n 
1 86  PRO n 
1 87  VAL n 
1 88  PRO n 
1 89  ALA n 
1 90  HIS n 
1 91  THR n 
1 92  ASP n 
1 93  THR n 
1 94  ALA n 
1 95  TYR n 
1 96  MSE n 
1 97  SER n 
1 98  VAL n 
1 99  ILE n 
1 100 ILE n 
1 101 PHE n 
1 102 GLY n 
1 103 THR n 
1 104 ILE n 
1 105 GLU n 
1 106 PRO n 
1 107 VAL n 
1 108 SER n 
1 109 ALA n 
1 110 ILE n 
1 111 GLU n 
1 112 GLU n 
1 113 GLY n 
1 114 THR n 
1 115 GLU n 
1 116 ALA n 
1 117 MSE n 
1 118 GLN n 
1 119 GLN n 
1 120 MSE n 
1 121 LEU n 
1 122 ASP n 
1 123 LYS n 
1 124 TYR n 
1 125 VAL n 
1 126 PRO n 
1 127 GLY n 
1 128 TYR n 
1 129 TYR n 
1 130 HIS n 
1 131 SER n 
1 132 PRO n 
1 133 LEU n 
1 134 ALA n 
1 135 ALA n 
1 136 SER n 
1 137 HIS n 
1 138 VAL n 
1 139 GLU n 
1 140 LYS n 
1 141 TYR n 
1 142 ARG n 
1 143 SER n 
1 144 SER n 
1 145 LEU n 
1 146 GLY n 
1 147 SER n 
1 148 ARG n 
1 149 THR n 
1 150 ALA n 
1 151 ILE n 
1 152 TYR n 
1 153 LYS n 
1 154 ILE n 
1 155 SER n 
1 156 CYS n 
1 157 ARG n 
1 158 GLU n 
1 159 ARG n 
1 160 THR n 
1 161 ALA n 
1 162 LYS n 
1 163 VAL n 
1 164 ASN n 
1 165 GLU n 
1 166 PRO n 
1 167 ILE n 
1 168 GLU n 
1 169 SER n 
1 170 LEU n 
1 171 LYS n 
1 172 PHE n 
1 173 TYR n 
1 174 PRO n 
1 175 GLY n 
1 176 ARG n 
1 177 ASN n 
1 178 VAL n 
1 179 SER n 
1 180 VAL n 
1 181 ASP n 
1 182 LYS n 
1 183 ASP n 
1 184 SER n 
1 185 ARG n 
# 
_entity_src_gen.entity_id                          1 
_entity_src_gen.pdbx_src_id                        1 
_entity_src_gen.pdbx_alt_source_flag               sample 
_entity_src_gen.pdbx_seq_type                      ? 
_entity_src_gen.pdbx_beg_seq_num                   ? 
_entity_src_gen.pdbx_end_seq_num                   ? 
_entity_src_gen.gene_src_common_name               ? 
_entity_src_gen.gene_src_genus                     Bacillus 
_entity_src_gen.pdbx_gene_src_gene                 10173191 
_entity_src_gen.gene_src_species                   ? 
_entity_src_gen.gene_src_strain                    ? 
_entity_src_gen.gene_src_tissue                    ? 
_entity_src_gen.gene_src_tissue_fraction           ? 
_entity_src_gen.gene_src_details                   ? 
_entity_src_gen.pdbx_gene_src_fragment             ? 
_entity_src_gen.pdbx_gene_src_scientific_name      'Bacillus halodurans' 
_entity_src_gen.pdbx_gene_src_ncbi_taxonomy_id     86665 
_entity_src_gen.pdbx_gene_src_variant              ? 
_entity_src_gen.pdbx_gene_src_cell_line            ? 
_entity_src_gen.pdbx_gene_src_atcc                 ? 
_entity_src_gen.pdbx_gene_src_organ                ? 
_entity_src_gen.pdbx_gene_src_organelle            ? 
_entity_src_gen.pdbx_gene_src_cell                 ? 
_entity_src_gen.pdbx_gene_src_cellular_location    ? 
_entity_src_gen.host_org_common_name               ? 
_entity_src_gen.pdbx_host_org_scientific_name      'Escherichia coli' 
_entity_src_gen.pdbx_host_org_ncbi_taxonomy_id     562 
_entity_src_gen.host_org_genus                     Escherichia 
_entity_src_gen.pdbx_host_org_gene                 ? 
_entity_src_gen.pdbx_host_org_organ                ? 
_entity_src_gen.host_org_species                   ? 
_entity_src_gen.pdbx_host_org_tissue               ? 
_entity_src_gen.pdbx_host_org_tissue_fraction      ? 
_entity_src_gen.pdbx_host_org_strain               ? 
_entity_src_gen.pdbx_host_org_variant              ? 
_entity_src_gen.pdbx_host_org_cell_line            ? 
_entity_src_gen.pdbx_host_org_atcc                 ? 
_entity_src_gen.pdbx_host_org_culture_collection   ? 
_entity_src_gen.pdbx_host_org_cell                 ? 
_entity_src_gen.pdbx_host_org_organelle            ? 
_entity_src_gen.pdbx_host_org_cellular_location    ? 
_entity_src_gen.pdbx_host_org_vector_type          Plasmid 
_entity_src_gen.pdbx_host_org_vector               ? 
_entity_src_gen.host_org_details                   ? 
_entity_src_gen.expression_system_id               ? 
_entity_src_gen.plasmid_name                       ? 
_entity_src_gen.plasmid_details                    ? 
_entity_src_gen.pdbx_description                   ? 
# 
loop_
_chem_comp.id 
_chem_comp.type 
_chem_comp.mon_nstd_flag 
_chem_comp.name 
_chem_comp.pdbx_synonyms 
_chem_comp.formula 
_chem_comp.formula_weight 
ALA 'L-peptide linking' y ALANINE                       ? 'C3 H7 N O2'        89.093  
ARG 'L-peptide linking' y ARGININE                      ? 'C6 H15 N4 O2 1'    175.209 
ASN 'L-peptide linking' y ASPARAGINE                    ? 'C4 H8 N2 O3'       132.118 
ASP 'L-peptide linking' y 'ASPARTIC ACID'               ? 'C4 H7 N O4'        133.103 
CYS 'L-peptide linking' y CYSTEINE                      ? 'C3 H7 N O2 S'      121.158 
FAD non-polymer         . 'FLAVIN-ADENINE DINUCLEOTIDE' ? 'C27 H33 N9 O15 P2' 785.550 
GLN 'L-peptide linking' y GLUTAMINE                     ? 'C5 H10 N2 O3'      146.144 
GLU 'L-peptide linking' y 'GLUTAMIC ACID'               ? 'C5 H9 N O4'        147.129 
GLY 'peptide linking'   y GLYCINE                       ? 'C2 H5 N O2'        75.067  
HIS 'L-peptide linking' y HISTIDINE                     ? 'C6 H10 N3 O2 1'    156.162 
HOH non-polymer         . WATER                         ? 'H2 O'              18.015  
ILE 'L-peptide linking' y ISOLEUCINE                    ? 'C6 H13 N O2'       131.173 
LEU 'L-peptide linking' y LEUCINE                       ? 'C6 H13 N O2'       131.173 
LYS 'L-peptide linking' y LYSINE                        ? 'C6 H15 N2 O2 1'    147.195 
MET 'L-peptide linking' y METHIONINE                    ? 'C5 H11 N O2 S'     149.211 
MSE 'L-peptide linking' n SELENOMETHIONINE              ? 'C5 H11 N O2 Se'    196.106 
NA  non-polymer         . 'SODIUM ION'                  ? 'Na 1'              22.990  
PHE 'L-peptide linking' y PHENYLALANINE                 ? 'C9 H11 N O2'       165.189 
PRO 'L-peptide linking' y PROLINE                       ? 'C5 H9 N O2'        115.130 
SER 'L-peptide linking' y SERINE                        ? 'C3 H7 N O3'        105.093 
THR 'L-peptide linking' y THREONINE                     ? 'C4 H9 N O3'        119.119 
TRP 'L-peptide linking' y TRYPTOPHAN                    ? 'C11 H12 N2 O2'     204.225 
TYR 'L-peptide linking' y TYROSINE                      ? 'C9 H11 N O3'       181.189 
VAL 'L-peptide linking' y VALINE                        ? 'C5 H11 N O2'       117.146 
# 
loop_
_pdbx_poly_seq_scheme.asym_id 
_pdbx_poly_seq_scheme.entity_id 
_pdbx_poly_seq_scheme.seq_id 
_pdbx_poly_seq_scheme.mon_id 
_pdbx_poly_seq_scheme.ndb_seq_num 
_pdbx_poly_seq_scheme.pdb_seq_num 
_pdbx_poly_seq_scheme.auth_seq_num 
_pdbx_poly_seq_scheme.pdb_mon_id 
_pdbx_poly_seq_scheme.auth_mon_id 
_pdbx_poly_seq_scheme.pdb_strand_id 
_pdbx_poly_seq_scheme.pdb_ins_code 
_pdbx_poly_seq_scheme.hetero 
A 1 1   GLY 1   0   ?   ?   ?   A . n 
A 1 2   MSE 2   1   ?   ?   ?   A . n 
A 1 3   ASN 3   2   ?   ?   ?   A . n 
A 1 4   ALA 4   3   ?   ?   ?   A . n 
A 1 5   ILE 5   4   ?   ?   ?   A . n 
A 1 6   ARG 6   5   ?   ?   ?   A . n 
A 1 7   TYR 7   6   ?   ?   ?   A . n 
A 1 8   THR 8   7   ?   ?   ?   A . n 
A 1 9   LYS 9   8   ?   ?   ?   A . n 
A 1 10  ARG 10  9   ?   ?   ?   A . n 
A 1 11  GLU 11  10  10  GLU GLU A . n 
A 1 12  CYS 12  11  11  CYS CYS A . n 
A 1 13  LYS 13  12  12  LYS LYS A . n 
A 1 14  ASP 14  13  13  ASP ASP A . n 
A 1 15  GLU 15  14  14  GLU GLU A . n 
A 1 16  LYS 16  15  15  LYS LYS A . n 
A 1 17  LYS 17  16  16  LYS LYS A . n 
A 1 18  ILE 18  17  17  ILE ILE A . n 
A 1 19  THR 19  18  18  THR THR A . n 
A 1 20  GLU 20  19  19  GLU GLU A . n 
A 1 21  PHE 21  20  20  PHE PHE A . n 
A 1 22  LEU 22  21  21  LEU LEU A . n 
A 1 23  ASN 23  22  22  ASN ASN A . n 
A 1 24  LYS 24  23  23  LYS LYS A . n 
A 1 25  ALA 25  24  24  ALA ALA A . n 
A 1 26  ARG 26  25  25  ARG ARG A . n 
A 1 27  THR 27  26  26  THR THR A . n 
A 1 28  GLY 28  27  27  GLY GLY A . n 
A 1 29  PHE 29  28  28  PHE PHE A . n 
A 1 30  LEU 30  29  29  LEU LEU A . n 
A 1 31  GLY 31  30  30  GLY GLY A . n 
A 1 32  LEU 32  31  31  LEU LEU A . n 
A 1 33  SER 33  32  32  SER SER A . n 
A 1 34  THR 34  33  33  THR THR A . n 
A 1 35  ASN 35  34  34  ASN ASN A . n 
A 1 36  ASP 36  35  35  ASP ASP A . n 
A 1 37  GLN 37  36  36  GLN GLN A . n 
A 1 38  PRO 38  37  37  PRO PRO A . n 
A 1 39  TYR 39  38  38  TYR TYR A . n 
A 1 40  VAL 40  39  39  VAL VAL A . n 
A 1 41  ILE 41  40  40  ILE ILE A . n 
A 1 42  PRO 42  41  41  PRO PRO A . n 
A 1 43  LEU 43  42  42  LEU LEU A . n 
A 1 44  ASN 44  43  43  ASN ASN A . n 
A 1 45  PHE 45  44  44  PHE PHE A . n 
A 1 46  VAL 46  45  45  VAL VAL A . n 
A 1 47  TRP 47  46  46  TRP TRP A . n 
A 1 48  HIS 48  47  47  HIS HIS A . n 
A 1 49  ASN 49  48  48  ASN ASN A . n 
A 1 50  HIS 50  49  49  HIS HIS A . n 
A 1 51  ALA 51  50  50  ALA ALA A . n 
A 1 52  ILE 52  51  51  ILE ILE A . n 
A 1 53  TYR 53  52  52  TYR TYR A . n 
A 1 54  PHE 54  53  53  PHE PHE A . n 
A 1 55  HIS 55  54  54  HIS HIS A . n 
A 1 56  GLY 56  55  55  GLY GLY A . n 
A 1 57  ALA 57  56  56  ALA ALA A . n 
A 1 58  SER 58  57  57  SER SER A . n 
A 1 59  GLU 59  58  58  GLU GLU A . n 
A 1 60  GLY 60  59  59  GLY GLY A . n 
A 1 61  ARG 61  60  60  ARG ARG A . n 
A 1 62  LYS 62  61  61  LYS LYS A . n 
A 1 63  ILE 63  62  62  ILE ILE A . n 
A 1 64  LYS 64  63  63  LYS LYS A . n 
A 1 65  MSE 65  64  64  MSE MSE A . n 
A 1 66  ILE 66  65  65  ILE ILE A . n 
A 1 67  GLU 67  66  66  GLU GLU A . n 
A 1 68  ALA 68  67  67  ALA ALA A . n 
A 1 69  ASN 69  68  68  ASN ASN A . n 
A 1 70  PRO 70  69  69  PRO PRO A . n 
A 1 71  GLU 71  70  70  GLU GLU A . n 
A 1 72  VAL 72  71  71  VAL VAL A . n 
A 1 73  CYS 73  72  72  CYS CYS A . n 
A 1 74  PHE 74  73  73  PHE PHE A . n 
A 1 75  THR 75  74  74  THR THR A . n 
A 1 76  ILE 76  75  75  ILE ILE A . n 
A 1 77  CYS 77  76  76  CYS CYS A . n 
A 1 78  GLU 78  77  77  GLU GLU A . n 
A 1 79  ASP 79  78  78  ASP ASP A . n 
A 1 80  LEU 80  79  79  LEU LEU A . n 
A 1 81  GLY 81  80  ?   ?   ?   A . n 
A 1 82  THR 82  81  ?   ?   ?   A . n 
A 1 83  ILE 83  82  ?   ?   ?   A . n 
A 1 84  VAL 84  83  ?   ?   ?   A . n 
A 1 85  SER 85  84  ?   ?   ?   A . n 
A 1 86  PRO 86  85  ?   ?   ?   A . n 
A 1 87  VAL 87  86  ?   ?   ?   A . n 
A 1 88  PRO 88  87  ?   ?   ?   A . n 
A 1 89  ALA 89  88  ?   ?   ?   A . n 
A 1 90  HIS 90  89  ?   ?   ?   A . n 
A 1 91  THR 91  90  ?   ?   ?   A . n 
A 1 92  ASP 92  91  ?   ?   ?   A . n 
A 1 93  THR 93  92  ?   ?   ?   A . n 
A 1 94  ALA 94  93  93  ALA ALA A . n 
A 1 95  TYR 95  94  94  TYR TYR A . n 
A 1 96  MSE 96  95  95  MSE MSE A . n 
A 1 97  SER 97  96  96  SER SER A . n 
A 1 98  VAL 98  97  97  VAL VAL A . n 
A 1 99  ILE 99  98  98  ILE ILE A . n 
A 1 100 ILE 100 99  99  ILE ILE A . n 
A 1 101 PHE 101 100 100 PHE PHE A . n 
A 1 102 GLY 102 101 101 GLY GLY A . n 
A 1 103 THR 103 102 102 THR THR A . n 
A 1 104 ILE 104 103 103 ILE ILE A . n 
A 1 105 GLU 105 104 104 GLU GLU A . n 
A 1 106 PRO 106 105 105 PRO PRO A . n 
A 1 107 VAL 107 106 106 VAL VAL A . n 
A 1 108 SER 108 107 107 SER SER A . n 
A 1 109 ALA 109 108 108 ALA ALA A . n 
A 1 110 ILE 110 109 109 ILE ILE A . n 
A 1 111 GLU 111 110 110 GLU GLU A . n 
A 1 112 GLU 112 111 111 GLU GLU A . n 
A 1 113 GLY 113 112 112 GLY GLY A . n 
A 1 114 THR 114 113 113 THR THR A . n 
A 1 115 GLU 115 114 114 GLU GLU A . n 
A 1 116 ALA 116 115 115 ALA ALA A . n 
A 1 117 MSE 117 116 116 MSE MSE A . n 
A 1 118 GLN 118 117 117 GLN GLN A . n 
A 1 119 GLN 119 118 118 GLN GLN A . n 
A 1 120 MSE 120 119 119 MSE MSE A . n 
A 1 121 LEU 121 120 120 LEU LEU A . n 
A 1 122 ASP 122 121 121 ASP ASP A . n 
A 1 123 LYS 123 122 122 LYS LYS A . n 
A 1 124 TYR 124 123 123 TYR TYR A . n 
A 1 125 VAL 125 124 124 VAL VAL A . n 
A 1 126 PRO 126 125 125 PRO PRO A . n 
A 1 127 GLY 127 126 ?   ?   ?   A . n 
A 1 128 TYR 128 127 ?   ?   ?   A . n 
A 1 129 TYR 129 128 ?   ?   ?   A . n 
A 1 130 HIS 130 129 ?   ?   ?   A . n 
A 1 131 SER 131 130 ?   ?   ?   A . n 
A 1 132 PRO 132 131 ?   ?   ?   A . n 
A 1 133 LEU 133 132 ?   ?   ?   A . n 
A 1 134 ALA 134 133 ?   ?   ?   A . n 
A 1 135 ALA 135 134 ?   ?   ?   A . n 
A 1 136 SER 136 135 ?   ?   ?   A . n 
A 1 137 HIS 137 136 ?   ?   ?   A . n 
A 1 138 VAL 138 137 ?   ?   ?   A . n 
A 1 139 GLU 139 138 ?   ?   ?   A . n 
A 1 140 LYS 140 139 ?   ?   ?   A . n 
A 1 141 TYR 141 140 ?   ?   ?   A . n 
A 1 142 ARG 142 141 ?   ?   ?   A . n 
A 1 143 SER 143 142 ?   ?   ?   A . n 
A 1 144 SER 144 143 143 SER SER A . n 
A 1 145 LEU 145 144 144 LEU LEU A . n 
A 1 146 GLY 146 145 145 GLY GLY A . n 
A 1 147 SER 147 146 146 SER SER A . n 
A 1 148 ARG 148 147 147 ARG ARG A . n 
A 1 149 THR 149 148 148 THR THR A . n 
A 1 150 ALA 150 149 149 ALA ALA A . n 
A 1 151 ILE 151 150 150 ILE ILE A . n 
A 1 152 TYR 152 151 151 TYR TYR A . n 
A 1 153 LYS 153 152 152 LYS LYS A . n 
A 1 154 ILE 154 153 153 ILE ILE A . n 
A 1 155 SER 155 154 154 SER SER A . n 
A 1 156 CYS 156 155 155 CYS CYS A . n 
A 1 157 ARG 157 156 156 ARG ARG A . n 
A 1 158 GLU 158 157 157 GLU GLU A . n 
A 1 159 ARG 159 158 158 ARG ARG A . n 
A 1 160 THR 160 159 159 THR THR A . n 
A 1 161 ALA 161 160 160 ALA ALA A . n 
A 1 162 LYS 162 161 161 LYS LYS A . n 
A 1 163 VAL 163 162 162 VAL VAL A . n 
A 1 164 ASN 164 163 163 ASN ASN A . n 
A 1 165 GLU 165 164 164 GLU GLU A . n 
A 1 166 PRO 166 165 165 PRO PRO A . n 
A 1 167 ILE 167 166 ?   ?   ?   A . n 
A 1 168 GLU 168 167 ?   ?   ?   A . n 
A 1 169 SER 169 168 ?   ?   ?   A . n 
A 1 170 LEU 170 169 ?   ?   ?   A . n 
A 1 171 LYS 171 170 ?   ?   ?   A . n 
A 1 172 PHE 172 171 ?   ?   ?   A . n 
A 1 173 TYR 173 172 ?   ?   ?   A . n 
A 1 174 PRO 174 173 ?   ?   ?   A . n 
A 1 175 GLY 175 174 ?   ?   ?   A . n 
A 1 176 ARG 176 175 ?   ?   ?   A . n 
A 1 177 ASN 177 176 ?   ?   ?   A . n 
A 1 178 VAL 178 177 ?   ?   ?   A . n 
A 1 179 SER 179 178 ?   ?   ?   A . n 
A 1 180 VAL 180 179 ?   ?   ?   A . n 
A 1 181 ASP 181 180 ?   ?   ?   A . n 
A 1 182 LYS 182 181 ?   ?   ?   A . n 
A 1 183 ASP 183 182 ?   ?   ?   A . n 
A 1 184 SER 184 183 ?   ?   ?   A . n 
A 1 185 ARG 185 184 ?   ?   ?   A . n 
# 
loop_
_pdbx_nonpoly_scheme.asym_id 
_pdbx_nonpoly_scheme.entity_id 
_pdbx_nonpoly_scheme.mon_id 
_pdbx_nonpoly_scheme.ndb_seq_num 
_pdbx_nonpoly_scheme.pdb_seq_num 
_pdbx_nonpoly_scheme.auth_seq_num 
_pdbx_nonpoly_scheme.pdb_mon_id 
_pdbx_nonpoly_scheme.auth_mon_id 
_pdbx_nonpoly_scheme.pdb_strand_id 
_pdbx_nonpoly_scheme.pdb_ins_code 
B 2 NA  1  185 1   NA  NA  A . 
C 3 FAD 1  200 200 FAD FAD A . 
D 4 HOH 1  201 2   HOH HOH A . 
D 4 HOH 2  202 3   HOH HOH A . 
D 4 HOH 3  203 4   HOH HOH A . 
D 4 HOH 4  204 5   HOH HOH A . 
D 4 HOH 5  205 6   HOH HOH A . 
D 4 HOH 6  206 7   HOH HOH A . 
D 4 HOH 7  207 8   HOH HOH A . 
D 4 HOH 8  208 9   HOH HOH A . 
D 4 HOH 9  209 10  HOH HOH A . 
D 4 HOH 10 210 11  HOH HOH A . 
D 4 HOH 11 211 12  HOH HOH A . 
D 4 HOH 12 212 13  HOH HOH A . 
D 4 HOH 13 213 14  HOH HOH A . 
D 4 HOH 14 214 15  HOH HOH A . 
D 4 HOH 15 215 16  HOH HOH A . 
D 4 HOH 16 216 17  HOH HOH A . 
D 4 HOH 17 217 18  HOH HOH A . 
D 4 HOH 18 218 19  HOH HOH A . 
D 4 HOH 19 219 20  HOH HOH A . 
D 4 HOH 20 220 21  HOH HOH A . 
# 
loop_
_pdbx_unobs_or_zero_occ_atoms.id 
_pdbx_unobs_or_zero_occ_atoms.PDB_model_num 
_pdbx_unobs_or_zero_occ_atoms.polymer_flag 
_pdbx_unobs_or_zero_occ_atoms.occupancy_flag 
_pdbx_unobs_or_zero_occ_atoms.auth_asym_id 
_pdbx_unobs_or_zero_occ_atoms.auth_comp_id 
_pdbx_unobs_or_zero_occ_atoms.auth_seq_id 
_pdbx_unobs_or_zero_occ_atoms.PDB_ins_code 
_pdbx_unobs_or_zero_occ_atoms.auth_atom_id 
_pdbx_unobs_or_zero_occ_atoms.label_alt_id 
_pdbx_unobs_or_zero_occ_atoms.label_asym_id 
_pdbx_unobs_or_zero_occ_atoms.label_comp_id 
_pdbx_unobs_or_zero_occ_atoms.label_seq_id 
_pdbx_unobs_or_zero_occ_atoms.label_atom_id 
1  1 Y 1 A GLU 10  ? CG  ? A GLU 11  CG  
2  1 Y 1 A GLU 10  ? CD  ? A GLU 11  CD  
3  1 Y 1 A GLU 10  ? OE1 ? A GLU 11  OE1 
4  1 Y 1 A GLU 10  ? OE2 ? A GLU 11  OE2 
5  1 Y 1 A LYS 12  ? CB  ? A LYS 13  CB  
6  1 Y 1 A LYS 12  ? CG  ? A LYS 13  CG  
7  1 Y 1 A LYS 12  ? CD  ? A LYS 13  CD  
8  1 Y 1 A LYS 12  ? CE  ? A LYS 13  CE  
9  1 Y 1 A LYS 12  ? NZ  ? A LYS 13  NZ  
10 1 Y 1 A GLU 14  ? CD  ? A GLU 15  CD  
11 1 Y 1 A GLU 14  ? OE1 ? A GLU 15  OE1 
12 1 Y 1 A GLU 14  ? OE2 ? A GLU 15  OE2 
13 1 Y 1 A LYS 15  ? CG  ? A LYS 16  CG  
14 1 Y 1 A LYS 15  ? CD  ? A LYS 16  CD  
15 1 Y 1 A LYS 15  ? CE  ? A LYS 16  CE  
16 1 Y 1 A LYS 15  ? NZ  ? A LYS 16  NZ  
17 1 Y 1 A LYS 16  ? CD  ? A LYS 17  CD  
18 1 Y 1 A LYS 16  ? CE  ? A LYS 17  CE  
19 1 Y 1 A LYS 16  ? NZ  ? A LYS 17  NZ  
20 1 Y 1 A GLU 19  ? CD  ? A GLU 20  CD  
21 1 Y 1 A GLU 19  ? OE1 ? A GLU 20  OE1 
22 1 Y 1 A GLU 19  ? OE2 ? A GLU 20  OE2 
23 1 Y 1 A LYS 23  ? CD  ? A LYS 24  CD  
24 1 Y 1 A LYS 23  ? CE  ? A LYS 24  CE  
25 1 Y 1 A LYS 23  ? NZ  ? A LYS 24  NZ  
26 1 Y 1 A ASP 35  ? CG  ? A ASP 36  CG  
27 1 Y 1 A ASP 35  ? OD1 ? A ASP 36  OD1 
28 1 Y 1 A ASP 35  ? OD2 ? A ASP 36  OD2 
29 1 Y 1 A GLU 58  ? CG  ? A GLU 59  CG  
30 1 Y 1 A GLU 58  ? CD  ? A GLU 59  CD  
31 1 Y 1 A GLU 58  ? OE1 ? A GLU 59  OE1 
32 1 Y 1 A GLU 58  ? OE2 ? A GLU 59  OE2 
33 1 Y 1 A LYS 63  ? CD  ? A LYS 64  CD  
34 1 Y 1 A LYS 63  ? CE  ? A LYS 64  CE  
35 1 Y 1 A LYS 63  ? NZ  ? A LYS 64  NZ  
36 1 Y 1 A GLU 114 ? CG  ? A GLU 115 CG  
37 1 Y 1 A GLU 114 ? CD  ? A GLU 115 CD  
38 1 Y 1 A GLU 114 ? OE1 ? A GLU 115 OE1 
39 1 Y 1 A GLU 114 ? OE2 ? A GLU 115 OE2 
40 1 Y 1 A GLN 117 ? CD  ? A GLN 118 CD  
41 1 Y 1 A GLN 117 ? OE1 ? A GLN 118 OE1 
42 1 Y 1 A GLN 117 ? NE2 ? A GLN 118 NE2 
43 1 Y 1 A GLN 118 ? CD  ? A GLN 119 CD  
44 1 Y 1 A GLN 118 ? OE1 ? A GLN 119 OE1 
45 1 Y 1 A GLN 118 ? NE2 ? A GLN 119 NE2 
46 1 Y 1 A ASP 121 ? OD1 ? A ASP 122 OD1 
47 1 Y 1 A ARG 147 ? CD  ? A ARG 148 CD  
48 1 Y 1 A ARG 147 ? NE  ? A ARG 148 NE  
49 1 Y 1 A ARG 147 ? CZ  ? A ARG 148 CZ  
50 1 Y 1 A ARG 147 ? NH1 ? A ARG 148 NH1 
51 1 Y 1 A ARG 147 ? NH2 ? A ARG 148 NH2 
52 1 Y 1 A GLU 164 ? CG  ? A GLU 165 CG  
53 1 Y 1 A GLU 164 ? CD  ? A GLU 165 CD  
54 1 Y 1 A GLU 164 ? OE1 ? A GLU 165 OE1 
55 1 Y 1 A GLU 164 ? OE2 ? A GLU 165 OE2 
56 1 Y 1 A PRO 165 ? CG  ? A PRO 166 CG  
57 1 Y 1 A PRO 165 ? CD  ? A PRO 166 CD  
# 
loop_
_software.name 
_software.version 
_software.date 
_software.type 
_software.contact_author 
_software.contact_author_email 
_software.classification 
_software.location 
_software.language 
_software.citation_id 
_software.pdbx_ordinal 
MolProbity  3beta29   ?                package 'D.C. & J.S. Richardson lab' molprobity@kinemage.biochem.duke.edu 'model building'  
http://kinemage.biochem.duke.edu/molprobity/ ?          ? 1 
SHELX       .         ?                package 'George Sheldrick'           gsheldr@shelx.uni-ac.gwdg.de         phasing           
http://shelx.uni-ac.gwdg.de/SHELX/           Fortran_77 ? 2 
REFMAC      5.2.0005  ?                program 'Murshudov, G.N.'            ccp4@dl.ac.uk                        refinement        
http://www.ccp4.ac.uk/main.html              Fortran_77 ? 3 
SCALA       .         ?                other   'Phil Evans'                 pre@mrc-lmb.cam.ac.uk                'data scaling'    
http://www.ccp4.ac.uk/dist/html/INDEX.html   Fortran_77 ? 4 
PDB_EXTRACT 2.000     'April. 3, 2006' package PDB                          sw-help@rcsb.rutgers.edu             'data extraction' 
http://pdb.rutgers.edu/software/             C++        ? 5 
MOSFLM      .         ?                ?       ?                            ?                                    'data reduction'  
?                                            ?          ? 6 
CCP4        '(SCALA)' ?                ?       ?                            ?                                    'data scaling'    
?                                            ?          ? 7 
SOLVE       .         ?                ?       ?                            ?                                    phasing           
?                                            ?          ? 8 
# 
_cell.entry_id           2HTI 
_cell.length_a           72.170 
_cell.length_b           72.170 
_cell.length_c           129.981 
_cell.angle_alpha        90.000 
_cell.angle_beta         90.000 
_cell.angle_gamma        120.000 
_cell.pdbx_unique_axis   ? 
_cell.Z_PDB              12 
_cell.length_a_esd       ? 
_cell.length_b_esd       ? 
_cell.length_c_esd       ? 
_cell.angle_alpha_esd    ? 
_cell.angle_beta_esd     ? 
_cell.angle_gamma_esd    ? 
# 
_symmetry.entry_id                         2HTI 
_symmetry.Int_Tables_number                178 
_symmetry.space_group_name_H-M             'P 61 2 2' 
_symmetry.pdbx_full_space_group_name_H-M   ? 
_symmetry.cell_setting                     ? 
_symmetry.space_group_name_Hall            ? 
# 
_exptl.crystals_number   1 
_exptl.method            'X-RAY DIFFRACTION' 
_exptl.entry_id          2HTI 
# 
_exptl_crystal.id                    1 
_exptl_crystal.density_percent_sol   63.88 
_exptl_crystal.density_Matthews      3.43 
_exptl_crystal.description           ? 
_exptl_crystal.density_meas          ? 
_exptl_crystal.F_000                 ? 
_exptl_crystal.preparation           ? 
# 
_exptl_crystal_grow.crystal_id      1 
_exptl_crystal_grow.method          ? 
_exptl_crystal_grow.pH              ? 
_exptl_crystal_grow.temp            293 
_exptl_crystal_grow.pdbx_details    '22.0% PEG-3350, 0.15M NaThioCyanate, VAPOR DIFFUSION,SITTING DROP,NANODROP, temperature 293K' 
_exptl_crystal_grow.temp_details    ? 
_exptl_crystal_grow.pdbx_pH_range   . 
# 
_diffrn.id                     1 
_diffrn.ambient_temp           100 
_diffrn.ambient_temp_details   ? 
_diffrn.crystal_id             1 
# 
_diffrn_detector.diffrn_id              1 
_diffrn_detector.detector               CCD 
_diffrn_detector.type                   'MARMOSAIC 325 mm CCD' 
_diffrn_detector.details                'Flat collimating mirror, toroid focusing mirror' 
_diffrn_detector.pdbx_collection_date   2006-06-05 
# 
_diffrn_radiation.diffrn_id                        1 
_diffrn_radiation.pdbx_monochromatic_or_laue_m_l   M 
_diffrn_radiation.monochromator                    'Double crystal monochromator' 
_diffrn_radiation.pdbx_diffrn_protocol             MAD 
_diffrn_radiation.wavelength_id                    1 
_diffrn_radiation.pdbx_scattering_type             x-ray 
# 
loop_
_diffrn_radiation_wavelength.id 
_diffrn_radiation_wavelength.wavelength 
_diffrn_radiation_wavelength.wt 
1 0.92522 1.0 
2 0.97934 1.0 
# 
_diffrn_source.diffrn_id                   1 
_diffrn_source.source                      SYNCHROTRON 
_diffrn_source.pdbx_synchrotron_beamline   BL9-2 
_diffrn_source.type                        'SSRL BEAMLINE BL9-2' 
_diffrn_source.pdbx_wavelength_list        0.92522,0.97934 
_diffrn_source.pdbx_wavelength             ? 
_diffrn_source.pdbx_synchrotron_site       SSRL 
# 
_reflns.entry_id                     2HTI 
_reflns.d_resolution_high            2.300 
_reflns.d_resolution_low             28.831 
_reflns.number_obs                   7389 
_reflns.pdbx_Rmerge_I_obs            0.098 
_reflns.pdbx_netI_over_sigmaI        5.200 
_reflns.pdbx_Rsym_value              0.098 
_reflns.pdbx_redundancy              13.600 
_reflns.percent_possible_obs         99.700 
_reflns.observed_criterion_sigma_F   ? 
_reflns.observed_criterion_sigma_I   ? 
_reflns.number_all                   ? 
_reflns.B_iso_Wilson_estimate        ? 
_reflns.R_free_details               ? 
_reflns.limit_h_max                  ? 
_reflns.limit_h_min                  ? 
_reflns.limit_k_max                  ? 
_reflns.limit_k_min                  ? 
_reflns.limit_l_max                  ? 
_reflns.limit_l_min                  ? 
_reflns.observed_criterion_F_max     ? 
_reflns.observed_criterion_F_min     ? 
_reflns.pdbx_chi_squared             ? 
_reflns.pdbx_scaling_rejects         ? 
_reflns.pdbx_ordinal                 1 
_reflns.pdbx_diffrn_id               1 
# 
loop_
_reflns_shell.d_res_high 
_reflns_shell.d_res_low 
_reflns_shell.number_measured_obs 
_reflns_shell.number_measured_all 
_reflns_shell.number_unique_obs 
_reflns_shell.Rmerge_I_obs 
_reflns_shell.meanI_over_sigI_obs 
_reflns_shell.pdbx_Rsym_value 
_reflns_shell.pdbx_chi_squared 
_reflns_shell.pdbx_redundancy 
_reflns_shell.percent_possible_obs 
_reflns_shell.number_unique_all 
_reflns_shell.percent_possible_all 
_reflns_shell.pdbx_ordinal 
_reflns_shell.pdbx_diffrn_id 
2.42  2.48  ? 8447 ? 0.015 0.5  0.01507 ? 14.40 ? 586 99.70 1  1 
2.48  2.55  ? 7918 ? 0.015 0.5  0.01307 ? 14.20 ? 558 99.50 2  1 
2.55  2.62  ? 7794 ? 0.015 0.7  0.01044 ? 14.10 ? 554 99.80 3  1 
2.62  2.71  ? 7532 ? 0.015 1.1  0.659   ? 14.30 ? 528 99.60 4  1 
2.71  2.79  ? 7345 ? 0.015 1.5  0.5     ? 14.10 ? 522 99.90 5  1 
2.79  2.89  ? 7209 ? 0.015 1.8  0.413   ? 14.10 ? 512 99.50 6  1 
2.89  3.00  ? 6799 ? 0.015 2.5  0.293   ? 13.90 ? 489 99.90 7  1 
3.00  3.12  ? 6675 ? 0.015 3.2  0.226   ? 14.00 ? 478 99.70 8  1 
3.12  3.26  ? 6188 ? 0.015 4.2  0.169   ? 13.90 ? 446 99.70 9  1 
3.26  3.42  ? 6118 ? 0.015 5.7  0.12    ? 13.80 ? 442 99.70 10 1 
3.42  3.61  ? 5836 ? 0.015 6.5  0.101   ? 13.50 ? 431 99.70 11 1 
3.61  3.83  ? 5294 ? 0.015 7.6  0.084   ? 13.50 ? 391 99.80 12 1 
3.83  4.09  ? 4943 ? 0.015 8.4  0.074   ? 13.40 ? 370 99.80 13 1 
4.09  4.42  ? 4704 ? 0.015 9.1  0.068   ? 13.30 ? 355 99.90 14 1 
4.42  4.84  ? 4348 ? 0.015 9.0  0.065   ? 12.90 ? 336 99.90 15 1 
4.84  5.41  ? 3831 ? 0.015 10.1 0.061   ? 12.90 ? 298 99.90 16 1 
5.41  6.25  ? 3459 ? 0.015 9.3  0.065   ? 12.40 ? 278 99.90 17 1 
6.25  7.65  ? 2851 ? 0.015 7.9  0.075   ? 12.00 ? 238 99.80 18 1 
7.65  10.82 ? 2152 ? 0.015 10.2 0.058   ? 11.30 ? 191 99.80 19 1 
10.82 28.83 ? 1110 ? 0.015 12.5 0.048   ? 9.60  ? 116 94.10 20 1 
# 
_refine.entry_id                                 2HTI 
_refine.ls_d_res_high                            2.500 
_refine.ls_d_res_low                             28.831 
_refine.pdbx_ls_sigma_F                          0.00 
_refine.ls_percent_reflns_obs                    99.420 
_refine.ls_number_reflns_obs                     7389 
_refine.pdbx_ls_cross_valid_method               THROUGHOUT 
_refine.pdbx_R_Free_selection_details            RANDOM 
_refine.details                                  
;1. HYDROGENS HAVE BEEN ADDED IN THE RIDING POSITIONS
2. A MET-INHIBITION PROTOCOL WAS USED FOR SELENOMETHIONINE INCORP-
ORATION DURING PROTEIN EXPRESSION.  THE OCCUPANCY OF THE SE ATOMS
IN THE MSE RESIDUES WAS REDUCED TO 0.7 TO ACCOUNT FOR THE REDUCED
SCATTERING DUE TO PARTIAL S-MET INCORPORATION.
3. A FLAVIN ADENINE DINUCLEOTIDE (FAD) MOLECULE WAS LOCATED IN THE
STRUCTURE.
4. RESIDUES 0-9, 80-92, 126-142, AND 166-184 WERE NOT MODELED DUE
POOR ELECTRON DENSITY.
5. EXTRA DENSITY WAS NOTED NEAR RESIDUE I109 BUT NOT MODELED.
6. ATOM RECORD CONTAINS RESIDUAL B FACTORS ONLY
;
_refine.ls_R_factor_all                          ? 
_refine.ls_R_factor_R_work                       0.208 
_refine.ls_R_factor_R_free                       0.262 
_refine.ls_percent_reflns_R_free                 4.700 
_refine.ls_number_reflns_R_free                  346 
_refine.B_iso_mean                               57.979 
_refine.aniso_B[1][1]                            1.550 
_refine.aniso_B[2][2]                            1.550 
_refine.aniso_B[3][3]                            -2.330 
_refine.aniso_B[1][2]                            0.780 
_refine.aniso_B[1][3]                            0.000 
_refine.aniso_B[2][3]                            0.000 
_refine.correlation_coeff_Fo_to_Fc               0.952 
_refine.correlation_coeff_Fo_to_Fc_free          0.915 
_refine.pdbx_overall_ESU_R                       0.309 
_refine.pdbx_overall_ESU_R_Free                  0.254 
_refine.overall_SU_ML                            0.175 
_refine.overall_SU_B                             7.855 
_refine.solvent_model_details                    MASK 
_refine.pdbx_solvent_vdw_probe_radii             1.200 
_refine.pdbx_solvent_ion_probe_radii             0.800 
_refine.pdbx_solvent_shrinkage_radii             0.800 
_refine.pdbx_method_to_determine_struct          MAD 
_refine.pdbx_stereochemistry_target_values       'MAXIMUM LIKELIHOOD WITH PHASES' 
_refine.pdbx_ls_sigma_I                          ? 
_refine.ls_number_reflns_all                     ? 
_refine.ls_R_factor_obs                          0.21 
_refine.ls_redundancy_reflns_obs                 ? 
_refine.pdbx_data_cutoff_high_absF               ? 
_refine.pdbx_data_cutoff_low_absF                ? 
_refine.ls_number_parameters                     ? 
_refine.ls_number_restraints                     ? 
_refine.ls_R_factor_R_free_error                 ? 
_refine.ls_R_factor_R_free_error_details         ? 
_refine.pdbx_starting_model                      ? 
_refine.pdbx_stereochem_target_val_spec_case     ? 
_refine.solvent_model_param_bsol                 ? 
_refine.solvent_model_param_ksol                 ? 
_refine.occupancy_max                            ? 
_refine.occupancy_min                            ? 
_refine.pdbx_isotropic_thermal_model             ? 
_refine.B_iso_min                                ? 
_refine.B_iso_max                                ? 
_refine.overall_SU_R_Cruickshank_DPI             ? 
_refine.overall_SU_R_free                        ? 
_refine.pdbx_data_cutoff_high_rms_absF           ? 
_refine.ls_wR_factor_R_free                      ? 
_refine.ls_wR_factor_R_work                      ? 
_refine.overall_FOM_free_R_set                   ? 
_refine.overall_FOM_work_R_set                   ? 
_refine.pdbx_refine_id                           'X-RAY DIFFRACTION' 
_refine.pdbx_diffrn_id                           1 
_refine.pdbx_TLS_residual_ADP_flag               ? 
_refine.pdbx_overall_phase_error                 ? 
_refine.pdbx_overall_SU_R_free_Cruickshank_DPI   ? 
_refine.pdbx_overall_SU_R_Blow_DPI               ? 
_refine.pdbx_overall_SU_R_free_Blow_DPI          ? 
# 
_refine_hist.pdbx_refine_id                   'X-RAY DIFFRACTION' 
_refine_hist.cycle_id                         LAST 
_refine_hist.pdbx_number_atoms_protein        943 
_refine_hist.pdbx_number_atoms_nucleic_acid   0 
_refine_hist.pdbx_number_atoms_ligand         54 
_refine_hist.number_atoms_solvent             20 
_refine_hist.number_atoms_total               1017 
_refine_hist.d_res_high                       2.500 
_refine_hist.d_res_low                        28.831 
# 
loop_
_refine_ls_restr.type 
_refine_ls_restr.number 
_refine_ls_restr.dev_ideal 
_refine_ls_restr.dev_ideal_target 
_refine_ls_restr.weight 
_refine_ls_restr.pdbx_refine_id 
_refine_ls_restr.pdbx_restraint_function 
r_bond_refined_d         1019 0.012  0.022  ? 'X-RAY DIFFRACTION' ? 
r_bond_other_d           902  0.001  0.020  ? 'X-RAY DIFFRACTION' ? 
r_angle_refined_deg      1390 1.547  2.016  ? 'X-RAY DIFFRACTION' ? 
r_angle_other_deg        2077 0.675  3.000  ? 'X-RAY DIFFRACTION' ? 
r_dihedral_angle_1_deg   123  8.530  5.000  ? 'X-RAY DIFFRACTION' ? 
r_dihedral_angle_2_deg   36   32.433 23.611 ? 'X-RAY DIFFRACTION' ? 
r_dihedral_angle_3_deg   152  14.910 15.000 ? 'X-RAY DIFFRACTION' ? 
r_dihedral_angle_4_deg   4    12.380 15.000 ? 'X-RAY DIFFRACTION' ? 
r_chiral_restr           159  0.076  0.200  ? 'X-RAY DIFFRACTION' ? 
r_gen_planes_refined     1082 0.004  0.020  ? 'X-RAY DIFFRACTION' ? 
r_gen_planes_other       194  0.001  0.020  ? 'X-RAY DIFFRACTION' ? 
r_nbd_refined            170  0.225  0.300  ? 'X-RAY DIFFRACTION' ? 
r_nbd_other              822  0.217  0.300  ? 'X-RAY DIFFRACTION' ? 
r_nbtor_refined          490  0.205  0.500  ? 'X-RAY DIFFRACTION' ? 
r_nbtor_other            579  0.093  0.500  ? 'X-RAY DIFFRACTION' ? 
r_xyhbond_nbd_refined    70   0.207  0.500  ? 'X-RAY DIFFRACTION' ? 
r_symmetry_vdw_refined   6    0.155  0.300  ? 'X-RAY DIFFRACTION' ? 
r_symmetry_vdw_other     30   0.183  0.300  ? 'X-RAY DIFFRACTION' ? 
r_symmetry_hbond_refined 10   0.152  0.500  ? 'X-RAY DIFFRACTION' ? 
r_mcbond_it              624  1.741  3.000  ? 'X-RAY DIFFRACTION' ? 
r_mcbond_other           255  0.237  3.000  ? 'X-RAY DIFFRACTION' ? 
r_mcangle_it             1001 3.345  5.000  ? 'X-RAY DIFFRACTION' ? 
r_scbond_it              439  4.713  8.000  ? 'X-RAY DIFFRACTION' ? 
r_scangle_it             389  7.111  11.000 ? 'X-RAY DIFFRACTION' ? 
# 
_refine_ls_shell.d_res_high                       2.500 
_refine_ls_shell.d_res_low                        2.565 
_refine_ls_shell.pdbx_total_number_of_bins_used   20 
_refine_ls_shell.percent_reflns_obs               99.430 
_refine_ls_shell.number_reflns_R_work             505 
_refine_ls_shell.R_factor_all                     ? 
_refine_ls_shell.R_factor_R_work                  0.266 
_refine_ls_shell.R_factor_R_free                  0.437 
_refine_ls_shell.percent_reflns_R_free            ? 
_refine_ls_shell.number_reflns_R_free             17 
_refine_ls_shell.R_factor_R_free_error            ? 
_refine_ls_shell.number_reflns_all                ? 
_refine_ls_shell.number_reflns_obs                522 
_refine_ls_shell.redundancy_reflns_obs            ? 
_refine_ls_shell.pdbx_refine_id                   'X-RAY DIFFRACTION' 
# 
_struct.entry_id                  2HTI 
_struct.title                     
'CRYSTAL STRUCTURE OF A FLAVIN-NUCLEOTIDE-BINDING PROTEIN (BH_0577) FROM BACILLUS HALODURANS AT 2.50 A RESOLUTION' 
_struct.pdbx_model_details        ? 
_struct.pdbx_CASP_flag            ? 
_struct.pdbx_model_type_details   ? 
# 
_struct_keywords.text            
'STRUCTURAL GENOMICS, JOINT CENTER FOR STRUCTURAL GENOMICS, JCSG, PROTEIN STRUCTURE INITIATIVE, PSI-2, FMN-BINDING PROTEIN' 
_struct_keywords.pdbx_keywords   'FMN-BINDING PROTEIN' 
_struct_keywords.entry_id        2HTI 
# 
loop_
_struct_asym.id 
_struct_asym.pdbx_blank_PDB_chainid_flag 
_struct_asym.pdbx_modified 
_struct_asym.entity_id 
_struct_asym.details 
A N N 1 ? 
B N N 2 ? 
C N N 3 ? 
D N N 4 ? 
# 
_struct_ref.id                         1 
_struct_ref.db_name                    UNP 
_struct_ref.db_code                    Q9KFA8_BACHD 
_struct_ref.pdbx_db_accession          Q9KFA8 
_struct_ref.entity_id                  1 
_struct_ref.pdbx_align_begin           1 
_struct_ref.pdbx_db_isoform            ? 
_struct_ref.pdbx_seq_one_letter_code   ? 
# 
_struct_ref_seq.align_id                      1 
_struct_ref_seq.ref_id                        1 
_struct_ref_seq.pdbx_PDB_id_code              2HTI 
_struct_ref_seq.pdbx_strand_id                A 
_struct_ref_seq.seq_align_beg                 2 
_struct_ref_seq.pdbx_seq_align_beg_ins_code   ? 
_struct_ref_seq.seq_align_end                 185 
_struct_ref_seq.pdbx_seq_align_end_ins_code   ? 
_struct_ref_seq.pdbx_db_accession             Q9KFA8 
_struct_ref_seq.db_align_beg                  1 
_struct_ref_seq.pdbx_db_align_beg_ins_code    ? 
_struct_ref_seq.db_align_end                  184 
_struct_ref_seq.pdbx_db_align_end_ins_code    ? 
_struct_ref_seq.pdbx_auth_seq_align_beg       1 
_struct_ref_seq.pdbx_auth_seq_align_end       184 
# 
loop_
_struct_ref_seq_dif.align_id 
_struct_ref_seq_dif.pdbx_pdb_id_code 
_struct_ref_seq_dif.mon_id 
_struct_ref_seq_dif.pdbx_pdb_strand_id 
_struct_ref_seq_dif.seq_num 
_struct_ref_seq_dif.pdbx_pdb_ins_code 
_struct_ref_seq_dif.pdbx_seq_db_name 
_struct_ref_seq_dif.pdbx_seq_db_accession_code 
_struct_ref_seq_dif.db_mon_id 
_struct_ref_seq_dif.pdbx_seq_db_seq_num 
_struct_ref_seq_dif.details 
_struct_ref_seq_dif.pdbx_auth_seq_num 
_struct_ref_seq_dif.pdbx_ordinal 
1 2HTI GLY A 1   ? UNP Q9KFA8 ?   ?   'expression tag'   0   1 
1 2HTI MSE A 2   ? UNP Q9KFA8 MET 1   'modified residue' 1   2 
1 2HTI MSE A 65  ? UNP Q9KFA8 MET 64  'modified residue' 64  3 
1 2HTI MSE A 96  ? UNP Q9KFA8 MET 95  'modified residue' 95  4 
1 2HTI MSE A 117 ? UNP Q9KFA8 MET 116 'modified residue' 116 5 
1 2HTI MSE A 120 ? UNP Q9KFA8 MET 119 'modified residue' 119 6 
# 
_pdbx_struct_assembly.id                   1 
_pdbx_struct_assembly.details              author_and_software_defined_assembly 
_pdbx_struct_assembly.method_details       PISA,PQS 
_pdbx_struct_assembly.oligomeric_details   dimeric 
_pdbx_struct_assembly.oligomeric_count     2 
# 
loop_
_pdbx_struct_assembly_prop.biol_id 
_pdbx_struct_assembly_prop.type 
_pdbx_struct_assembly_prop.value 
_pdbx_struct_assembly_prop.details 
1 'ABSA (A^2)' 4890  ? 
1 MORE         -56   ? 
1 'SSA (A^2)'  11410 ? 
# 
_pdbx_struct_assembly_gen.assembly_id       1 
_pdbx_struct_assembly_gen.oper_expression   1,2 
_pdbx_struct_assembly_gen.asym_id_list      A,B,C,D 
# 
loop_
_pdbx_struct_assembly_auth_evidence.id 
_pdbx_struct_assembly_auth_evidence.assembly_id 
_pdbx_struct_assembly_auth_evidence.experimental_support 
_pdbx_struct_assembly_auth_evidence.details 
1 1 'gel filtration'   ? 
2 1 'light scattering' ? 
# 
loop_
_pdbx_struct_oper_list.id 
_pdbx_struct_oper_list.type 
_pdbx_struct_oper_list.name 
_pdbx_struct_oper_list.symmetry_operation 
_pdbx_struct_oper_list.matrix[1][1] 
_pdbx_struct_oper_list.matrix[1][2] 
_pdbx_struct_oper_list.matrix[1][3] 
_pdbx_struct_oper_list.vector[1] 
_pdbx_struct_oper_list.matrix[2][1] 
_pdbx_struct_oper_list.matrix[2][2] 
_pdbx_struct_oper_list.matrix[2][3] 
_pdbx_struct_oper_list.vector[2] 
_pdbx_struct_oper_list.matrix[3][1] 
_pdbx_struct_oper_list.matrix[3][2] 
_pdbx_struct_oper_list.matrix[3][3] 
_pdbx_struct_oper_list.vector[3] 
1 'identity operation'         1_555  x,y,z            1.0000000000  0.0000000000 0.0000000000 0.0000000000  0.0000000000 1.0000000000 0.0000000000 0.0000000000 0.0000000000 0.0000000000 1.0000000000  0.0000000000   
2 'crystal symmetry operation' 10_665 -y+1,-x+1,-z+5/6 -0.9190891567 0.3932783367 0.0246428858 -3.3598483006 0.3932783367 0.9115837125 0.1197801523 2.0109279533 0.0246428858 0.1197801523 -0.9924945558 -21.0610983739 
# 
_struct_biol.id                    1 
_struct_biol.details               
;SIZE EXCLUSION CHROMATOGRAPHY WITH STATIC LIGHT                      
SCATTERING SUPPORTS THE ASSIGNMENT OF A DIMER AS                     
A BIOLOGICALLY SIGNIFICANT OLIGIMERIZATION STATE.
;
_struct_biol.pdbx_parent_biol_id   ? 
# 
loop_
_struct_conf.conf_type_id 
_struct_conf.id 
_struct_conf.pdbx_PDB_helix_id 
_struct_conf.beg_label_comp_id 
_struct_conf.beg_label_asym_id 
_struct_conf.beg_label_seq_id 
_struct_conf.pdbx_beg_PDB_ins_code 
_struct_conf.end_label_comp_id 
_struct_conf.end_label_asym_id 
_struct_conf.end_label_seq_id 
_struct_conf.pdbx_end_PDB_ins_code 
_struct_conf.beg_auth_comp_id 
_struct_conf.beg_auth_asym_id 
_struct_conf.beg_auth_seq_id 
_struct_conf.end_auth_comp_id 
_struct_conf.end_auth_asym_id 
_struct_conf.end_auth_seq_id 
_struct_conf.pdbx_PDB_helix_class 
_struct_conf.details 
_struct_conf.pdbx_PDB_helix_length 
HELX_P HELX_P1 1 ASP A 14  ? ALA A 25  ? ASP A 13  ALA A 24  1 ? 12 
HELX_P HELX_P2 2 GLY A 60  ? ASN A 69  ? GLY A 59  ASN A 68  1 ? 10 
HELX_P HELX_P3 3 ALA A 109 ? VAL A 125 ? ALA A 108 VAL A 124 1 ? 17 
# 
_struct_conf_type.id          HELX_P 
_struct_conf_type.criteria    ? 
_struct_conf_type.reference   ? 
# 
loop_
_struct_conn.id 
_struct_conn.conn_type_id 
_struct_conn.pdbx_leaving_atom_flag 
_struct_conn.pdbx_PDB_id 
_struct_conn.ptnr1_label_asym_id 
_struct_conn.ptnr1_label_comp_id 
_struct_conn.ptnr1_label_seq_id 
_struct_conn.ptnr1_label_atom_id 
_struct_conn.pdbx_ptnr1_label_alt_id 
_struct_conn.pdbx_ptnr1_PDB_ins_code 
_struct_conn.pdbx_ptnr1_standard_comp_id 
_struct_conn.ptnr1_symmetry 
_struct_conn.ptnr2_label_asym_id 
_struct_conn.ptnr2_label_comp_id 
_struct_conn.ptnr2_label_seq_id 
_struct_conn.ptnr2_label_atom_id 
_struct_conn.pdbx_ptnr2_label_alt_id 
_struct_conn.pdbx_ptnr2_PDB_ins_code 
_struct_conn.ptnr1_auth_asym_id 
_struct_conn.ptnr1_auth_comp_id 
_struct_conn.ptnr1_auth_seq_id 
_struct_conn.ptnr2_auth_asym_id 
_struct_conn.ptnr2_auth_comp_id 
_struct_conn.ptnr2_auth_seq_id 
_struct_conn.ptnr2_symmetry 
_struct_conn.pdbx_ptnr3_label_atom_id 
_struct_conn.pdbx_ptnr3_label_seq_id 
_struct_conn.pdbx_ptnr3_label_comp_id 
_struct_conn.pdbx_ptnr3_label_asym_id 
_struct_conn.pdbx_ptnr3_label_alt_id 
_struct_conn.pdbx_ptnr3_PDB_ins_code 
_struct_conn.details 
_struct_conn.pdbx_dist_value 
_struct_conn.pdbx_value_order 
_struct_conn.pdbx_role 
covale1 covale both ? A LYS 64  C ? ? ? 1_555 A MSE 65  N ? ? A LYS 63  A MSE 64  1_555 ? ? ? ? ? ? ? 1.329 ? ? 
covale2 covale both ? A MSE 65  C ? ? ? 1_555 A ILE 66  N ? ? A MSE 64  A ILE 65  1_555 ? ? ? ? ? ? ? 1.329 ? ? 
covale3 covale both ? A TYR 95  C ? ? ? 1_555 A MSE 96  N ? ? A TYR 94  A MSE 95  1_555 ? ? ? ? ? ? ? 1.331 ? ? 
covale4 covale both ? A MSE 96  C ? ? ? 1_555 A SER 97  N ? ? A MSE 95  A SER 96  1_555 ? ? ? ? ? ? ? 1.330 ? ? 
covale5 covale both ? A ALA 116 C ? ? ? 1_555 A MSE 117 N ? ? A ALA 115 A MSE 116 1_555 ? ? ? ? ? ? ? 1.329 ? ? 
covale6 covale both ? A MSE 117 C ? ? ? 1_555 A GLN 118 N ? ? A MSE 116 A GLN 117 1_555 ? ? ? ? ? ? ? 1.329 ? ? 
covale7 covale both ? A GLN 119 C ? ? ? 1_555 A MSE 120 N ? ? A GLN 118 A MSE 119 1_555 ? ? ? ? ? ? ? 1.330 ? ? 
covale8 covale both ? A MSE 120 C ? ? ? 1_555 A LEU 121 N ? ? A MSE 119 A LEU 120 1_555 ? ? ? ? ? ? ? 1.321 ? ? 
# 
_struct_conn_type.id          covale 
_struct_conn_type.criteria    ? 
_struct_conn_type.reference   ? 
# 
loop_
_pdbx_modification_feature.ordinal 
_pdbx_modification_feature.label_comp_id 
_pdbx_modification_feature.label_asym_id 
_pdbx_modification_feature.label_seq_id 
_pdbx_modification_feature.label_alt_id 
_pdbx_modification_feature.modified_residue_label_comp_id 
_pdbx_modification_feature.modified_residue_label_asym_id 
_pdbx_modification_feature.modified_residue_label_seq_id 
_pdbx_modification_feature.modified_residue_label_alt_id 
_pdbx_modification_feature.auth_comp_id 
_pdbx_modification_feature.auth_asym_id 
_pdbx_modification_feature.auth_seq_id 
_pdbx_modification_feature.PDB_ins_code 
_pdbx_modification_feature.symmetry 
_pdbx_modification_feature.modified_residue_auth_comp_id 
_pdbx_modification_feature.modified_residue_auth_asym_id 
_pdbx_modification_feature.modified_residue_auth_seq_id 
_pdbx_modification_feature.modified_residue_PDB_ins_code 
_pdbx_modification_feature.modified_residue_symmetry 
_pdbx_modification_feature.comp_id_linking_atom 
_pdbx_modification_feature.modified_residue_id_linking_atom 
_pdbx_modification_feature.modified_residue_id 
_pdbx_modification_feature.ref_pcm_id 
_pdbx_modification_feature.ref_comp_id 
_pdbx_modification_feature.type 
_pdbx_modification_feature.category 
1 MSE A 65  ? . . . . MSE A 64  ? 1_555 . . . . . . . MET 1 MSE Selenomethionine 'Named protein modification' 
2 MSE A 96  ? . . . . MSE A 95  ? 1_555 . . . . . . . MET 1 MSE Selenomethionine 'Named protein modification' 
3 MSE A 117 ? . . . . MSE A 116 ? 1_555 . . . . . . . MET 1 MSE Selenomethionine 'Named protein modification' 
4 MSE A 120 ? . . . . MSE A 119 ? 1_555 . . . . . . . MET 1 MSE Selenomethionine 'Named protein modification' 
# 
_struct_sheet.id               A 
_struct_sheet.type             ? 
_struct_sheet.number_strands   7 
_struct_sheet.details          ? 
# 
loop_
_struct_sheet_order.sheet_id 
_struct_sheet_order.range_id_1 
_struct_sheet_order.range_id_2 
_struct_sheet_order.offset 
_struct_sheet_order.sense 
A 1 2 ? anti-parallel 
A 2 3 ? anti-parallel 
A 3 4 ? anti-parallel 
A 4 5 ? anti-parallel 
A 5 6 ? anti-parallel 
A 6 7 ? anti-parallel 
# 
loop_
_struct_sheet_range.sheet_id 
_struct_sheet_range.id 
_struct_sheet_range.beg_label_comp_id 
_struct_sheet_range.beg_label_asym_id 
_struct_sheet_range.beg_label_seq_id 
_struct_sheet_range.pdbx_beg_PDB_ins_code 
_struct_sheet_range.end_label_comp_id 
_struct_sheet_range.end_label_asym_id 
_struct_sheet_range.end_label_seq_id 
_struct_sheet_range.pdbx_end_PDB_ins_code 
_struct_sheet_range.beg_auth_comp_id 
_struct_sheet_range.beg_auth_asym_id 
_struct_sheet_range.beg_auth_seq_id 
_struct_sheet_range.end_auth_comp_id 
_struct_sheet_range.end_auth_asym_id 
_struct_sheet_range.end_auth_seq_id 
A 1 GLN A 37  ? LEU A 43  ? GLN A 36  LEU A 42  
A 2 GLY A 28  ? THR A 34  ? GLY A 27  THR A 33  
A 3 GLU A 71  ? GLU A 78  ? GLU A 70  GLU A 77  
A 4 TYR A 95  ? PRO A 106 ? TYR A 94  PRO A 105 
A 5 THR A 149 ? ASN A 164 ? THR A 148 ASN A 163 
A 6 ALA A 51  ? ALA A 57  ? ALA A 50  ALA A 56  
A 7 VAL A 46  ? HIS A 48  ? VAL A 45  HIS A 47  
# 
loop_
_pdbx_struct_sheet_hbond.sheet_id 
_pdbx_struct_sheet_hbond.range_id_1 
_pdbx_struct_sheet_hbond.range_id_2 
_pdbx_struct_sheet_hbond.range_1_label_atom_id 
_pdbx_struct_sheet_hbond.range_1_label_comp_id 
_pdbx_struct_sheet_hbond.range_1_label_asym_id 
_pdbx_struct_sheet_hbond.range_1_label_seq_id 
_pdbx_struct_sheet_hbond.range_1_PDB_ins_code 
_pdbx_struct_sheet_hbond.range_1_auth_atom_id 
_pdbx_struct_sheet_hbond.range_1_auth_comp_id 
_pdbx_struct_sheet_hbond.range_1_auth_asym_id 
_pdbx_struct_sheet_hbond.range_1_auth_seq_id 
_pdbx_struct_sheet_hbond.range_2_label_atom_id 
_pdbx_struct_sheet_hbond.range_2_label_comp_id 
_pdbx_struct_sheet_hbond.range_2_label_asym_id 
_pdbx_struct_sheet_hbond.range_2_label_seq_id 
_pdbx_struct_sheet_hbond.range_2_PDB_ins_code 
_pdbx_struct_sheet_hbond.range_2_auth_atom_id 
_pdbx_struct_sheet_hbond.range_2_auth_comp_id 
_pdbx_struct_sheet_hbond.range_2_auth_asym_id 
_pdbx_struct_sheet_hbond.range_2_auth_seq_id 
A 1 2 O LEU A 43  ? O LEU A 42  N GLY A 28  ? N GLY A 27  
A 2 3 N GLY A 31  ? N GLY A 30  O CYS A 73  ? O CYS A 72  
A 3 4 N ILE A 76  ? N ILE A 75  O VAL A 98  ? O VAL A 97  
A 4 5 N PHE A 101 ? N PHE A 100 O GLU A 158 ? O GLU A 157 
A 5 6 O TYR A 152 ? O TYR A 151 N PHE A 54  ? N PHE A 53  
A 6 7 O ALA A 51  ? O ALA A 50  N HIS A 48  ? N HIS A 47  
# 
loop_
_struct_site.id 
_struct_site.pdbx_evidence_code 
_struct_site.pdbx_auth_asym_id 
_struct_site.pdbx_auth_comp_id 
_struct_site.pdbx_auth_seq_id 
_struct_site.pdbx_auth_ins_code 
_struct_site.pdbx_num_residues 
_struct_site.details 
AC1 Software A NA  185 ? 1  'BINDING SITE FOR RESIDUE NA A 185'  
AC2 Software A FAD 200 ? 21 'BINDING SITE FOR RESIDUE FAD A 200' 
# 
loop_
_struct_site_gen.id 
_struct_site_gen.site_id 
_struct_site_gen.pdbx_num_res 
_struct_site_gen.label_comp_id 
_struct_site_gen.label_asym_id 
_struct_site_gen.label_seq_id 
_struct_site_gen.pdbx_auth_ins_code 
_struct_site_gen.auth_comp_id 
_struct_site_gen.auth_asym_id 
_struct_site_gen.auth_seq_id 
_struct_site_gen.label_atom_id 
_struct_site_gen.label_alt_id 
_struct_site_gen.symmetry 
_struct_site_gen.details 
1  AC1 1  CYS A 77  ? CYS A 76  . ? 10_665 ? 
2  AC2 21 TYR A 39  ? TYR A 38  . ? 1_555  ? 
3  AC2 21 PRO A 42  ? PRO A 41  . ? 1_555  ? 
4  AC2 21 LEU A 43  ? LEU A 42  . ? 1_555  ? 
5  AC2 21 ASN A 44  ? ASN A 43  . ? 1_555  ? 
6  AC2 21 HIS A 55  ? HIS A 54  . ? 1_555  ? 
7  AC2 21 GLY A 56  ? GLY A 55  . ? 1_555  ? 
8  AC2 21 GLU A 59  ? GLU A 58  . ? 1_555  ? 
9  AC2 21 GLY A 60  ? GLY A 59  . ? 1_555  ? 
10 AC2 21 ARG A 61  ? ARG A 60  . ? 1_555  ? 
11 AC2 21 LYS A 62  ? LYS A 61  . ? 1_555  ? 
12 AC2 21 CYS A 77  ? CYS A 76  . ? 10_665 ? 
13 AC2 21 SER A 97  ? SER A 96  . ? 10_665 ? 
14 AC2 21 ILE A 99  ? ILE A 98  . ? 10_665 ? 
15 AC2 21 PHE A 101 ? PHE A 100 . ? 10_665 ? 
16 AC2 21 THR A 160 ? THR A 159 . ? 10_665 ? 
17 AC2 21 LYS A 162 ? LYS A 161 . ? 10_665 ? 
18 AC2 21 ASN A 164 ? ASN A 163 . ? 10_665 ? 
19 AC2 21 PRO A 166 ? PRO A 165 . ? 10_665 ? 
20 AC2 21 HOH D .   ? HOH A 209 . ? 1_555  ? 
21 AC2 21 HOH D .   ? HOH A 213 . ? 10_665 ? 
22 AC2 21 HOH D .   ? HOH A 220 . ? 1_555  ? 
# 
_pdbx_entry_details.entry_id                   2HTI 
_pdbx_entry_details.compound_details           ? 
_pdbx_entry_details.source_details             ? 
_pdbx_entry_details.nonpolymer_details         ? 
_pdbx_entry_details.sequence_details           ? 
_pdbx_entry_details.has_ligand_of_interest     ? 
_pdbx_entry_details.has_protein_modification   Y 
# 
_pdbx_validate_rmsd_bond.id                        1 
_pdbx_validate_rmsd_bond.PDB_model_num             1 
_pdbx_validate_rmsd_bond.auth_atom_id_1            C 
_pdbx_validate_rmsd_bond.auth_asym_id_1            A 
_pdbx_validate_rmsd_bond.auth_comp_id_1            SER 
_pdbx_validate_rmsd_bond.auth_seq_id_1             146 
_pdbx_validate_rmsd_bond.PDB_ins_code_1            ? 
_pdbx_validate_rmsd_bond.label_alt_id_1            ? 
_pdbx_validate_rmsd_bond.auth_atom_id_2            N 
_pdbx_validate_rmsd_bond.auth_asym_id_2            A 
_pdbx_validate_rmsd_bond.auth_comp_id_2            ARG 
_pdbx_validate_rmsd_bond.auth_seq_id_2             147 
_pdbx_validate_rmsd_bond.PDB_ins_code_2            ? 
_pdbx_validate_rmsd_bond.label_alt_id_2            ? 
_pdbx_validate_rmsd_bond.bond_value                1.506 
_pdbx_validate_rmsd_bond.bond_target_value         1.336 
_pdbx_validate_rmsd_bond.bond_deviation            0.170 
_pdbx_validate_rmsd_bond.bond_standard_deviation   0.023 
_pdbx_validate_rmsd_bond.linker_flag               Y 
# 
_pdbx_validate_rmsd_angle.id                         1 
_pdbx_validate_rmsd_angle.PDB_model_num              1 
_pdbx_validate_rmsd_angle.auth_atom_id_1             N 
_pdbx_validate_rmsd_angle.auth_asym_id_1             A 
_pdbx_validate_rmsd_angle.auth_comp_id_1             GLY 
_pdbx_validate_rmsd_angle.auth_seq_id_1              145 
_pdbx_validate_rmsd_angle.PDB_ins_code_1             ? 
_pdbx_validate_rmsd_angle.label_alt_id_1             ? 
_pdbx_validate_rmsd_angle.auth_atom_id_2             CA 
_pdbx_validate_rmsd_angle.auth_asym_id_2             A 
_pdbx_validate_rmsd_angle.auth_comp_id_2             GLY 
_pdbx_validate_rmsd_angle.auth_seq_id_2              145 
_pdbx_validate_rmsd_angle.PDB_ins_code_2             ? 
_pdbx_validate_rmsd_angle.label_alt_id_2             ? 
_pdbx_validate_rmsd_angle.auth_atom_id_3             C 
_pdbx_validate_rmsd_angle.auth_asym_id_3             A 
_pdbx_validate_rmsd_angle.auth_comp_id_3             GLY 
_pdbx_validate_rmsd_angle.auth_seq_id_3              145 
_pdbx_validate_rmsd_angle.PDB_ins_code_3             ? 
_pdbx_validate_rmsd_angle.label_alt_id_3             ? 
_pdbx_validate_rmsd_angle.angle_value                136.74 
_pdbx_validate_rmsd_angle.angle_target_value         113.10 
_pdbx_validate_rmsd_angle.angle_deviation            23.64 
_pdbx_validate_rmsd_angle.angle_standard_deviation   2.50 
_pdbx_validate_rmsd_angle.linker_flag                N 
# 
loop_
_pdbx_validate_torsion.id 
_pdbx_validate_torsion.PDB_model_num 
_pdbx_validate_torsion.auth_comp_id 
_pdbx_validate_torsion.auth_asym_id 
_pdbx_validate_torsion.auth_seq_id 
_pdbx_validate_torsion.PDB_ins_code 
_pdbx_validate_torsion.label_alt_id 
_pdbx_validate_torsion.phi 
_pdbx_validate_torsion.psi 
1 1 LYS A 12  ? ? -159.25 45.39   
2 1 ASN A 34  ? ? 57.99   -148.24 
3 1 ASP A 35  ? ? -98.91  39.07   
4 1 ASN A 48  ? ? 46.76   -141.74 
5 1 HIS A 49  ? ? -108.89 54.02   
6 1 GLU A 77  ? ? -169.27 -166.91 
7 1 ASP A 78  ? ? -81.12  -79.88  
8 1 LEU A 144 ? ? -87.72  31.07   
9 1 GLU A 164 ? ? -63.06  -70.25  
# 
_pdbx_validate_peptide_omega.id               1 
_pdbx_validate_peptide_omega.PDB_model_num    1 
_pdbx_validate_peptide_omega.auth_comp_id_1   LEU 
_pdbx_validate_peptide_omega.auth_asym_id_1   A 
_pdbx_validate_peptide_omega.auth_seq_id_1    144 
_pdbx_validate_peptide_omega.PDB_ins_code_1   ? 
_pdbx_validate_peptide_omega.label_alt_id_1   ? 
_pdbx_validate_peptide_omega.auth_comp_id_2   GLY 
_pdbx_validate_peptide_omega.auth_asym_id_2   A 
_pdbx_validate_peptide_omega.auth_seq_id_2    145 
_pdbx_validate_peptide_omega.PDB_ins_code_2   ? 
_pdbx_validate_peptide_omega.label_alt_id_2   ? 
_pdbx_validate_peptide_omega.omega            -130.93 
# 
_pdbx_SG_project.project_name          'PSI, Protein Structure Initiative' 
_pdbx_SG_project.full_name_of_center   'Joint Center for Structural Genomics' 
_pdbx_SG_project.id                    1 
_pdbx_SG_project.initial_of_center     JCSG 
# 
loop_
_pdbx_struct_mod_residue.id 
_pdbx_struct_mod_residue.label_asym_id 
_pdbx_struct_mod_residue.label_comp_id 
_pdbx_struct_mod_residue.label_seq_id 
_pdbx_struct_mod_residue.auth_asym_id 
_pdbx_struct_mod_residue.auth_comp_id 
_pdbx_struct_mod_residue.auth_seq_id 
_pdbx_struct_mod_residue.PDB_ins_code 
_pdbx_struct_mod_residue.parent_comp_id 
_pdbx_struct_mod_residue.details 
1 A MSE 65  A MSE 64  ? MET SELENOMETHIONINE 
2 A MSE 96  A MSE 95  ? MET SELENOMETHIONINE 
3 A MSE 117 A MSE 116 ? MET SELENOMETHIONINE 
4 A MSE 120 A MSE 119 ? MET SELENOMETHIONINE 
# 
loop_
_pdbx_refine_tls.id 
_pdbx_refine_tls.details 
_pdbx_refine_tls.method 
_pdbx_refine_tls.origin_x 
_pdbx_refine_tls.origin_y 
_pdbx_refine_tls.origin_z 
_pdbx_refine_tls.T[1][1] 
_pdbx_refine_tls.T[2][2] 
_pdbx_refine_tls.T[3][3] 
_pdbx_refine_tls.T[1][2] 
_pdbx_refine_tls.T[1][3] 
_pdbx_refine_tls.T[2][3] 
_pdbx_refine_tls.L[1][1] 
_pdbx_refine_tls.L[2][2] 
_pdbx_refine_tls.L[3][3] 
_pdbx_refine_tls.L[1][2] 
_pdbx_refine_tls.L[1][3] 
_pdbx_refine_tls.L[2][3] 
_pdbx_refine_tls.S[1][1] 
_pdbx_refine_tls.S[2][2] 
_pdbx_refine_tls.S[3][3] 
_pdbx_refine_tls.S[1][2] 
_pdbx_refine_tls.S[1][3] 
_pdbx_refine_tls.S[2][3] 
_pdbx_refine_tls.S[2][1] 
_pdbx_refine_tls.S[3][1] 
_pdbx_refine_tls.S[3][2] 
_pdbx_refine_tls.pdbx_refine_id 
1 ? refined -1.0027 -1.6298 -1.7653 0.2883 0.3743 0.3315 0.0371  -0.0456 0.0926 5.2198  5.2417 7.9512  1.6782 -1.2637 -0.2865 0.0246 -0.2544 0.2299 -0.2860 -0.4324 -0.1822 0.3059 -0.0405 0.3981 'X-RAY DIFFRACTION' 
2 ? refined 2.6595  0.4646  1.2223  0.4129 0.4250 0.4031 -0.0352 -0.0992 0.1012 3.7984  1.7181 9.7327  0.5769 -3.2275 0.2550  0.2445 -0.3157 0.0712 -0.2968 -0.1226 -0.2728 0.3734 -0.8845 0.7278 'X-RAY DIFFRACTION' 
3 ? refined 0.7545  -1.1584 -0.8462 0.3836 0.3419 0.3454 -0.0473 -0.0560 0.0400 13.0351 2.9579 11.5921 1.7194 -4.7641 -2.5042 0.1358 -0.1463 0.0106 0.1586  -0.2634 -0.2475 0.2211 -0.3366 0.7248 'X-RAY DIFFRACTION' 
# 
loop_
_pdbx_refine_tls_group.id 
_pdbx_refine_tls_group.refine_tls_id 
_pdbx_refine_tls_group.beg_auth_asym_id 
_pdbx_refine_tls_group.beg_auth_seq_id 
_pdbx_refine_tls_group.beg_label_asym_id 
_pdbx_refine_tls_group.beg_label_seq_id 
_pdbx_refine_tls_group.end_auth_asym_id 
_pdbx_refine_tls_group.end_auth_seq_id 
_pdbx_refine_tls_group.end_label_asym_id 
_pdbx_refine_tls_group.end_label_seq_id 
_pdbx_refine_tls_group.selection 
_pdbx_refine_tls_group.pdbx_refine_id 
_pdbx_refine_tls_group.selection_details 
1 1 A 10  A 11  A 79  A 80  ? 'X-RAY DIFFRACTION' ? 
2 2 A 93  A 94  A 125 A 126 ? 'X-RAY DIFFRACTION' ? 
3 3 A 143 A 144 A 165 A 166 ? 'X-RAY DIFFRACTION' ? 
# 
_phasing.method   MAD 
# 
loop_
_pdbx_database_remark.id 
_pdbx_database_remark.text 
300 
;BIOMOLECULE: 1 
THIS ENTRY CONTAINS THE CRYSTALLOGRAPHIC ASYMMETRIC UNIT 
WHICH CONSISTS OF 1 CHAIN(S). SEE REMARK 350 FOR 
INFORMATION ON GENERATING THE BIOLOGICAL MOLECULE(S). 
SIZE EXCLUSION CHROMATOGRAPHY WITH STATIC LIGHT 
SCATTERING SUPPORTS THE ASSIGNMENT OF A DIMER AS A 
BIOLOGICALLY SIGNIFICANT OLIGIMERIZATION STATE. 

;
999 
;SEQUENCE   
THE CONSTRUCT WAS EXPRESSED WITH A PURIFICATION TAG   
MGSDKIHHHHHHENLYFQG. THE TAG WAS REMOVED WITH TEV    
PROTEASE LEAVING ONLY A GLYCINE (0) FOLLOWED BY THE    
TARGET SEQUENCE.
;
# 
loop_
_pdbx_unobs_or_zero_occ_residues.id 
_pdbx_unobs_or_zero_occ_residues.PDB_model_num 
_pdbx_unobs_or_zero_occ_residues.polymer_flag 
_pdbx_unobs_or_zero_occ_residues.occupancy_flag 
_pdbx_unobs_or_zero_occ_residues.auth_asym_id 
_pdbx_unobs_or_zero_occ_residues.auth_comp_id 
_pdbx_unobs_or_zero_occ_residues.auth_seq_id 
_pdbx_unobs_or_zero_occ_residues.PDB_ins_code 
_pdbx_unobs_or_zero_occ_residues.label_asym_id 
_pdbx_unobs_or_zero_occ_residues.label_comp_id 
_pdbx_unobs_or_zero_occ_residues.label_seq_id 
1  1 Y 1 A GLY 0   ? A GLY 1   
2  1 Y 1 A MSE 1   ? A MSE 2   
3  1 Y 1 A ASN 2   ? A ASN 3   
4  1 Y 1 A ALA 3   ? A ALA 4   
5  1 Y 1 A ILE 4   ? A ILE 5   
6  1 Y 1 A ARG 5   ? A ARG 6   
7  1 Y 1 A TYR 6   ? A TYR 7   
8  1 Y 1 A THR 7   ? A THR 8   
9  1 Y 1 A LYS 8   ? A LYS 9   
10 1 Y 1 A ARG 9   ? A ARG 10  
11 1 Y 1 A GLY 80  ? A GLY 81  
12 1 Y 1 A THR 81  ? A THR 82  
13 1 Y 1 A ILE 82  ? A ILE 83  
14 1 Y 1 A VAL 83  ? A VAL 84  
15 1 Y 1 A SER 84  ? A SER 85  
16 1 Y 1 A PRO 85  ? A PRO 86  
17 1 Y 1 A VAL 86  ? A VAL 87  
18 1 Y 1 A PRO 87  ? A PRO 88  
19 1 Y 1 A ALA 88  ? A ALA 89  
20 1 Y 1 A HIS 89  ? A HIS 90  
21 1 Y 1 A THR 90  ? A THR 91  
22 1 Y 1 A ASP 91  ? A ASP 92  
23 1 Y 1 A THR 92  ? A THR 93  
24 1 Y 1 A GLY 126 ? A GLY 127 
25 1 Y 1 A TYR 127 ? A TYR 128 
26 1 Y 1 A TYR 128 ? A TYR 129 
27 1 Y 1 A HIS 129 ? A HIS 130 
28 1 Y 1 A SER 130 ? A SER 131 
29 1 Y 1 A PRO 131 ? A PRO 132 
30 1 Y 1 A LEU 132 ? A LEU 133 
31 1 Y 1 A ALA 133 ? A ALA 134 
32 1 Y 1 A ALA 134 ? A ALA 135 
33 1 Y 1 A SER 135 ? A SER 136 
34 1 Y 1 A HIS 136 ? A HIS 137 
35 1 Y 1 A VAL 137 ? A VAL 138 
36 1 Y 1 A GLU 138 ? A GLU 139 
37 1 Y 1 A LYS 139 ? A LYS 140 
38 1 Y 1 A TYR 140 ? A TYR 141 
39 1 Y 1 A ARG 141 ? A ARG 142 
40 1 Y 1 A SER 142 ? A SER 143 
41 1 Y 1 A ILE 166 ? A ILE 167 
42 1 Y 1 A GLU 167 ? A GLU 168 
43 1 Y 1 A SER 168 ? A SER 169 
44 1 Y 1 A LEU 169 ? A LEU 170 
45 1 Y 1 A LYS 170 ? A LYS 171 
46 1 Y 1 A PHE 171 ? A PHE 172 
47 1 Y 1 A TYR 172 ? A TYR 173 
48 1 Y 1 A PRO 173 ? A PRO 174 
49 1 Y 1 A GLY 174 ? A GLY 175 
50 1 Y 1 A ARG 175 ? A ARG 176 
51 1 Y 1 A ASN 176 ? A ASN 177 
52 1 Y 1 A VAL 177 ? A VAL 178 
53 1 Y 1 A SER 178 ? A SER 179 
54 1 Y 1 A VAL 179 ? A VAL 180 
55 1 Y 1 A ASP 180 ? A ASP 181 
56 1 Y 1 A LYS 181 ? A LYS 182 
57 1 Y 1 A ASP 182 ? A ASP 183 
58 1 Y 1 A SER 183 ? A SER 184 
59 1 Y 1 A ARG 184 ? A ARG 185 
# 
loop_
_chem_comp_atom.comp_id 
_chem_comp_atom.atom_id 
_chem_comp_atom.type_symbol 
_chem_comp_atom.pdbx_aromatic_flag 
_chem_comp_atom.pdbx_stereo_config 
_chem_comp_atom.pdbx_ordinal 
ALA N      N  N N 1   
ALA CA     C  N S 2   
ALA C      C  N N 3   
ALA O      O  N N 4   
ALA CB     C  N N 5   
ALA OXT    O  N N 6   
ALA H      H  N N 7   
ALA H2     H  N N 8   
ALA HA     H  N N 9   
ALA HB1    H  N N 10  
ALA HB2    H  N N 11  
ALA HB3    H  N N 12  
ALA HXT    H  N N 13  
ARG N      N  N N 14  
ARG CA     C  N S 15  
ARG C      C  N N 16  
ARG O      O  N N 17  
ARG CB     C  N N 18  
ARG CG     C  N N 19  
ARG CD     C  N N 20  
ARG NE     N  N N 21  
ARG CZ     C  N N 22  
ARG NH1    N  N N 23  
ARG NH2    N  N N 24  
ARG OXT    O  N N 25  
ARG H      H  N N 26  
ARG H2     H  N N 27  
ARG HA     H  N N 28  
ARG HB2    H  N N 29  
ARG HB3    H  N N 30  
ARG HG2    H  N N 31  
ARG HG3    H  N N 32  
ARG HD2    H  N N 33  
ARG HD3    H  N N 34  
ARG HE     H  N N 35  
ARG HH11   H  N N 36  
ARG HH12   H  N N 37  
ARG HH21   H  N N 38  
ARG HH22   H  N N 39  
ARG HXT    H  N N 40  
ASN N      N  N N 41  
ASN CA     C  N S 42  
ASN C      C  N N 43  
ASN O      O  N N 44  
ASN CB     C  N N 45  
ASN CG     C  N N 46  
ASN OD1    O  N N 47  
ASN ND2    N  N N 48  
ASN OXT    O  N N 49  
ASN H      H  N N 50  
ASN H2     H  N N 51  
ASN HA     H  N N 52  
ASN HB2    H  N N 53  
ASN HB3    H  N N 54  
ASN HD21   H  N N 55  
ASN HD22   H  N N 56  
ASN HXT    H  N N 57  
ASP N      N  N N 58  
ASP CA     C  N S 59  
ASP C      C  N N 60  
ASP O      O  N N 61  
ASP CB     C  N N 62  
ASP CG     C  N N 63  
ASP OD1    O  N N 64  
ASP OD2    O  N N 65  
ASP OXT    O  N N 66  
ASP H      H  N N 67  
ASP H2     H  N N 68  
ASP HA     H  N N 69  
ASP HB2    H  N N 70  
ASP HB3    H  N N 71  
ASP HD2    H  N N 72  
ASP HXT    H  N N 73  
CYS N      N  N N 74  
CYS CA     C  N R 75  
CYS C      C  N N 76  
CYS O      O  N N 77  
CYS CB     C  N N 78  
CYS SG     S  N N 79  
CYS OXT    O  N N 80  
CYS H      H  N N 81  
CYS H2     H  N N 82  
CYS HA     H  N N 83  
CYS HB2    H  N N 84  
CYS HB3    H  N N 85  
CYS HG     H  N N 86  
CYS HXT    H  N N 87  
FAD PA     P  N R 88  
FAD O1A    O  N N 89  
FAD O2A    O  N N 90  
FAD O5B    O  N N 91  
FAD C5B    C  N N 92  
FAD C4B    C  N R 93  
FAD O4B    O  N N 94  
FAD C3B    C  N S 95  
FAD O3B    O  N N 96  
FAD C2B    C  N R 97  
FAD O2B    O  N N 98  
FAD C1B    C  N R 99  
FAD N9A    N  Y N 100 
FAD C8A    C  Y N 101 
FAD N7A    N  Y N 102 
FAD C5A    C  Y N 103 
FAD C6A    C  Y N 104 
FAD N6A    N  N N 105 
FAD N1A    N  Y N 106 
FAD C2A    C  Y N 107 
FAD N3A    N  Y N 108 
FAD C4A    C  Y N 109 
FAD N1     N  N N 110 
FAD C2     C  N N 111 
FAD O2     O  N N 112 
FAD N3     N  N N 113 
FAD C4     C  N N 114 
FAD O4     O  N N 115 
FAD C4X    C  N N 116 
FAD N5     N  N N 117 
FAD C5X    C  Y N 118 
FAD C6     C  Y N 119 
FAD C7     C  Y N 120 
FAD C7M    C  N N 121 
FAD C8     C  Y N 122 
FAD C8M    C  N N 123 
FAD C9     C  Y N 124 
FAD C9A    C  Y N 125 
FAD N10    N  N N 126 
FAD C10    C  N N 127 
FAD "C1'"  C  N N 128 
FAD "C2'"  C  N S 129 
FAD "O2'"  O  N N 130 
FAD "C3'"  C  N S 131 
FAD "O3'"  O  N N 132 
FAD "C4'"  C  N R 133 
FAD "O4'"  O  N N 134 
FAD "C5'"  C  N N 135 
FAD "O5'"  O  N N 136 
FAD P      P  N R 137 
FAD O1P    O  N N 138 
FAD O2P    O  N N 139 
FAD O3P    O  N N 140 
FAD HOA2   H  N N 141 
FAD H51A   H  N N 142 
FAD H52A   H  N N 143 
FAD H4B    H  N N 144 
FAD H3B    H  N N 145 
FAD HO3A   H  N N 146 
FAD H2B    H  N N 147 
FAD HO2A   H  N N 148 
FAD H1B    H  N N 149 
FAD H8A    H  N N 150 
FAD H61A   H  N N 151 
FAD H62A   H  N N 152 
FAD H2A    H  N N 153 
FAD HN3    H  N N 154 
FAD H6     H  N N 155 
FAD HM71   H  N N 156 
FAD HM72   H  N N 157 
FAD HM73   H  N N 158 
FAD HM81   H  N N 159 
FAD HM82   H  N N 160 
FAD HM83   H  N N 161 
FAD H9     H  N N 162 
FAD "H1'1" H  N N 163 
FAD "H1'2" H  N N 164 
FAD "H2'"  H  N N 165 
FAD "HO2'" H  N N 166 
FAD "H3'"  H  N N 167 
FAD "HO3'" H  N N 168 
FAD "H4'"  H  N N 169 
FAD "HO4'" H  N N 170 
FAD "H5'1" H  N N 171 
FAD "H5'2" H  N N 172 
FAD HOP2   H  N N 173 
GLN N      N  N N 174 
GLN CA     C  N S 175 
GLN C      C  N N 176 
GLN O      O  N N 177 
GLN CB     C  N N 178 
GLN CG     C  N N 179 
GLN CD     C  N N 180 
GLN OE1    O  N N 181 
GLN NE2    N  N N 182 
GLN OXT    O  N N 183 
GLN H      H  N N 184 
GLN H2     H  N N 185 
GLN HA     H  N N 186 
GLN HB2    H  N N 187 
GLN HB3    H  N N 188 
GLN HG2    H  N N 189 
GLN HG3    H  N N 190 
GLN HE21   H  N N 191 
GLN HE22   H  N N 192 
GLN HXT    H  N N 193 
GLU N      N  N N 194 
GLU CA     C  N S 195 
GLU C      C  N N 196 
GLU O      O  N N 197 
GLU CB     C  N N 198 
GLU CG     C  N N 199 
GLU CD     C  N N 200 
GLU OE1    O  N N 201 
GLU OE2    O  N N 202 
GLU OXT    O  N N 203 
GLU H      H  N N 204 
GLU H2     H  N N 205 
GLU HA     H  N N 206 
GLU HB2    H  N N 207 
GLU HB3    H  N N 208 
GLU HG2    H  N N 209 
GLU HG3    H  N N 210 
GLU HE2    H  N N 211 
GLU HXT    H  N N 212 
GLY N      N  N N 213 
GLY CA     C  N N 214 
GLY C      C  N N 215 
GLY O      O  N N 216 
GLY OXT    O  N N 217 
GLY H      H  N N 218 
GLY H2     H  N N 219 
GLY HA2    H  N N 220 
GLY HA3    H  N N 221 
GLY HXT    H  N N 222 
HIS N      N  N N 223 
HIS CA     C  N S 224 
HIS C      C  N N 225 
HIS O      O  N N 226 
HIS CB     C  N N 227 
HIS CG     C  Y N 228 
HIS ND1    N  Y N 229 
HIS CD2    C  Y N 230 
HIS CE1    C  Y N 231 
HIS NE2    N  Y N 232 
HIS OXT    O  N N 233 
HIS H      H  N N 234 
HIS H2     H  N N 235 
HIS HA     H  N N 236 
HIS HB2    H  N N 237 
HIS HB3    H  N N 238 
HIS HD1    H  N N 239 
HIS HD2    H  N N 240 
HIS HE1    H  N N 241 
HIS HE2    H  N N 242 
HIS HXT    H  N N 243 
HOH O      O  N N 244 
HOH H1     H  N N 245 
HOH H2     H  N N 246 
ILE N      N  N N 247 
ILE CA     C  N S 248 
ILE C      C  N N 249 
ILE O      O  N N 250 
ILE CB     C  N S 251 
ILE CG1    C  N N 252 
ILE CG2    C  N N 253 
ILE CD1    C  N N 254 
ILE OXT    O  N N 255 
ILE H      H  N N 256 
ILE H2     H  N N 257 
ILE HA     H  N N 258 
ILE HB     H  N N 259 
ILE HG12   H  N N 260 
ILE HG13   H  N N 261 
ILE HG21   H  N N 262 
ILE HG22   H  N N 263 
ILE HG23   H  N N 264 
ILE HD11   H  N N 265 
ILE HD12   H  N N 266 
ILE HD13   H  N N 267 
ILE HXT    H  N N 268 
LEU N      N  N N 269 
LEU CA     C  N S 270 
LEU C      C  N N 271 
LEU O      O  N N 272 
LEU CB     C  N N 273 
LEU CG     C  N N 274 
LEU CD1    C  N N 275 
LEU CD2    C  N N 276 
LEU OXT    O  N N 277 
LEU H      H  N N 278 
LEU H2     H  N N 279 
LEU HA     H  N N 280 
LEU HB2    H  N N 281 
LEU HB3    H  N N 282 
LEU HG     H  N N 283 
LEU HD11   H  N N 284 
LEU HD12   H  N N 285 
LEU HD13   H  N N 286 
LEU HD21   H  N N 287 
LEU HD22   H  N N 288 
LEU HD23   H  N N 289 
LEU HXT    H  N N 290 
LYS N      N  N N 291 
LYS CA     C  N S 292 
LYS C      C  N N 293 
LYS O      O  N N 294 
LYS CB     C  N N 295 
LYS CG     C  N N 296 
LYS CD     C  N N 297 
LYS CE     C  N N 298 
LYS NZ     N  N N 299 
LYS OXT    O  N N 300 
LYS H      H  N N 301 
LYS H2     H  N N 302 
LYS HA     H  N N 303 
LYS HB2    H  N N 304 
LYS HB3    H  N N 305 
LYS HG2    H  N N 306 
LYS HG3    H  N N 307 
LYS HD2    H  N N 308 
LYS HD3    H  N N 309 
LYS HE2    H  N N 310 
LYS HE3    H  N N 311 
LYS HZ1    H  N N 312 
LYS HZ2    H  N N 313 
LYS HZ3    H  N N 314 
LYS HXT    H  N N 315 
MET N      N  N N 316 
MET CA     C  N S 317 
MET C      C  N N 318 
MET O      O  N N 319 
MET CB     C  N N 320 
MET CG     C  N N 321 
MET SD     S  N N 322 
MET CE     C  N N 323 
MET OXT    O  N N 324 
MET H      H  N N 325 
MET H2     H  N N 326 
MET HA     H  N N 327 
MET HB2    H  N N 328 
MET HB3    H  N N 329 
MET HG2    H  N N 330 
MET HG3    H  N N 331 
MET HE1    H  N N 332 
MET HE2    H  N N 333 
MET HE3    H  N N 334 
MET HXT    H  N N 335 
MSE N      N  N N 336 
MSE CA     C  N S 337 
MSE C      C  N N 338 
MSE O      O  N N 339 
MSE OXT    O  N N 340 
MSE CB     C  N N 341 
MSE CG     C  N N 342 
MSE SE     SE N N 343 
MSE CE     C  N N 344 
MSE H      H  N N 345 
MSE H2     H  N N 346 
MSE HA     H  N N 347 
MSE HXT    H  N N 348 
MSE HB2    H  N N 349 
MSE HB3    H  N N 350 
MSE HG2    H  N N 351 
MSE HG3    H  N N 352 
MSE HE1    H  N N 353 
MSE HE2    H  N N 354 
MSE HE3    H  N N 355 
NA  NA     NA N N 356 
PHE N      N  N N 357 
PHE CA     C  N S 358 
PHE C      C  N N 359 
PHE O      O  N N 360 
PHE CB     C  N N 361 
PHE CG     C  Y N 362 
PHE CD1    C  Y N 363 
PHE CD2    C  Y N 364 
PHE CE1    C  Y N 365 
PHE CE2    C  Y N 366 
PHE CZ     C  Y N 367 
PHE OXT    O  N N 368 
PHE H      H  N N 369 
PHE H2     H  N N 370 
PHE HA     H  N N 371 
PHE HB2    H  N N 372 
PHE HB3    H  N N 373 
PHE HD1    H  N N 374 
PHE HD2    H  N N 375 
PHE HE1    H  N N 376 
PHE HE2    H  N N 377 
PHE HZ     H  N N 378 
PHE HXT    H  N N 379 
PRO N      N  N N 380 
PRO CA     C  N S 381 
PRO C      C  N N 382 
PRO O      O  N N 383 
PRO CB     C  N N 384 
PRO CG     C  N N 385 
PRO CD     C  N N 386 
PRO OXT    O  N N 387 
PRO H      H  N N 388 
PRO HA     H  N N 389 
PRO HB2    H  N N 390 
PRO HB3    H  N N 391 
PRO HG2    H  N N 392 
PRO HG3    H  N N 393 
PRO HD2    H  N N 394 
PRO HD3    H  N N 395 
PRO HXT    H  N N 396 
SER N      N  N N 397 
SER CA     C  N S 398 
SER C      C  N N 399 
SER O      O  N N 400 
SER CB     C  N N 401 
SER OG     O  N N 402 
SER OXT    O  N N 403 
SER H      H  N N 404 
SER H2     H  N N 405 
SER HA     H  N N 406 
SER HB2    H  N N 407 
SER HB3    H  N N 408 
SER HG     H  N N 409 
SER HXT    H  N N 410 
THR N      N  N N 411 
THR CA     C  N S 412 
THR C      C  N N 413 
THR O      O  N N 414 
THR CB     C  N R 415 
THR OG1    O  N N 416 
THR CG2    C  N N 417 
THR OXT    O  N N 418 
THR H      H  N N 419 
THR H2     H  N N 420 
THR HA     H  N N 421 
THR HB     H  N N 422 
THR HG1    H  N N 423 
THR HG21   H  N N 424 
THR HG22   H  N N 425 
THR HG23   H  N N 426 
THR HXT    H  N N 427 
TRP N      N  N N 428 
TRP CA     C  N S 429 
TRP C      C  N N 430 
TRP O      O  N N 431 
TRP CB     C  N N 432 
TRP CG     C  Y N 433 
TRP CD1    C  Y N 434 
TRP CD2    C  Y N 435 
TRP NE1    N  Y N 436 
TRP CE2    C  Y N 437 
TRP CE3    C  Y N 438 
TRP CZ2    C  Y N 439 
TRP CZ3    C  Y N 440 
TRP CH2    C  Y N 441 
TRP OXT    O  N N 442 
TRP H      H  N N 443 
TRP H2     H  N N 444 
TRP HA     H  N N 445 
TRP HB2    H  N N 446 
TRP HB3    H  N N 447 
TRP HD1    H  N N 448 
TRP HE1    H  N N 449 
TRP HE3    H  N N 450 
TRP HZ2    H  N N 451 
TRP HZ3    H  N N 452 
TRP HH2    H  N N 453 
TRP HXT    H  N N 454 
TYR N      N  N N 455 
TYR CA     C  N S 456 
TYR C      C  N N 457 
TYR O      O  N N 458 
TYR CB     C  N N 459 
TYR CG     C  Y N 460 
TYR CD1    C  Y N 461 
TYR CD2    C  Y N 462 
TYR CE1    C  Y N 463 
TYR CE2    C  Y N 464 
TYR CZ     C  Y N 465 
TYR OH     O  N N 466 
TYR OXT    O  N N 467 
TYR H      H  N N 468 
TYR H2     H  N N 469 
TYR HA     H  N N 470 
TYR HB2    H  N N 471 
TYR HB3    H  N N 472 
TYR HD1    H  N N 473 
TYR HD2    H  N N 474 
TYR HE1    H  N N 475 
TYR HE2    H  N N 476 
TYR HH     H  N N 477 
TYR HXT    H  N N 478 
VAL N      N  N N 479 
VAL CA     C  N S 480 
VAL C      C  N N 481 
VAL O      O  N N 482 
VAL CB     C  N N 483 
VAL CG1    C  N N 484 
VAL CG2    C  N N 485 
VAL OXT    O  N N 486 
VAL H      H  N N 487 
VAL H2     H  N N 488 
VAL HA     H  N N 489 
VAL HB     H  N N 490 
VAL HG11   H  N N 491 
VAL HG12   H  N N 492 
VAL HG13   H  N N 493 
VAL HG21   H  N N 494 
VAL HG22   H  N N 495 
VAL HG23   H  N N 496 
VAL HXT    H  N N 497 
# 
loop_
_chem_comp_bond.comp_id 
_chem_comp_bond.atom_id_1 
_chem_comp_bond.atom_id_2 
_chem_comp_bond.value_order 
_chem_comp_bond.pdbx_aromatic_flag 
_chem_comp_bond.pdbx_stereo_config 
_chem_comp_bond.pdbx_ordinal 
ALA N     CA     sing N N 1   
ALA N     H      sing N N 2   
ALA N     H2     sing N N 3   
ALA CA    C      sing N N 4   
ALA CA    CB     sing N N 5   
ALA CA    HA     sing N N 6   
ALA C     O      doub N N 7   
ALA C     OXT    sing N N 8   
ALA CB    HB1    sing N N 9   
ALA CB    HB2    sing N N 10  
ALA CB    HB3    sing N N 11  
ALA OXT   HXT    sing N N 12  
ARG N     CA     sing N N 13  
ARG N     H      sing N N 14  
ARG N     H2     sing N N 15  
ARG CA    C      sing N N 16  
ARG CA    CB     sing N N 17  
ARG CA    HA     sing N N 18  
ARG C     O      doub N N 19  
ARG C     OXT    sing N N 20  
ARG CB    CG     sing N N 21  
ARG CB    HB2    sing N N 22  
ARG CB    HB3    sing N N 23  
ARG CG    CD     sing N N 24  
ARG CG    HG2    sing N N 25  
ARG CG    HG3    sing N N 26  
ARG CD    NE     sing N N 27  
ARG CD    HD2    sing N N 28  
ARG CD    HD3    sing N N 29  
ARG NE    CZ     sing N N 30  
ARG NE    HE     sing N N 31  
ARG CZ    NH1    sing N N 32  
ARG CZ    NH2    doub N N 33  
ARG NH1   HH11   sing N N 34  
ARG NH1   HH12   sing N N 35  
ARG NH2   HH21   sing N N 36  
ARG NH2   HH22   sing N N 37  
ARG OXT   HXT    sing N N 38  
ASN N     CA     sing N N 39  
ASN N     H      sing N N 40  
ASN N     H2     sing N N 41  
ASN CA    C      sing N N 42  
ASN CA    CB     sing N N 43  
ASN CA    HA     sing N N 44  
ASN C     O      doub N N 45  
ASN C     OXT    sing N N 46  
ASN CB    CG     sing N N 47  
ASN CB    HB2    sing N N 48  
ASN CB    HB3    sing N N 49  
ASN CG    OD1    doub N N 50  
ASN CG    ND2    sing N N 51  
ASN ND2   HD21   sing N N 52  
ASN ND2   HD22   sing N N 53  
ASN OXT   HXT    sing N N 54  
ASP N     CA     sing N N 55  
ASP N     H      sing N N 56  
ASP N     H2     sing N N 57  
ASP CA    C      sing N N 58  
ASP CA    CB     sing N N 59  
ASP CA    HA     sing N N 60  
ASP C     O      doub N N 61  
ASP C     OXT    sing N N 62  
ASP CB    CG     sing N N 63  
ASP CB    HB2    sing N N 64  
ASP CB    HB3    sing N N 65  
ASP CG    OD1    doub N N 66  
ASP CG    OD2    sing N N 67  
ASP OD2   HD2    sing N N 68  
ASP OXT   HXT    sing N N 69  
CYS N     CA     sing N N 70  
CYS N     H      sing N N 71  
CYS N     H2     sing N N 72  
CYS CA    C      sing N N 73  
CYS CA    CB     sing N N 74  
CYS CA    HA     sing N N 75  
CYS C     O      doub N N 76  
CYS C     OXT    sing N N 77  
CYS CB    SG     sing N N 78  
CYS CB    HB2    sing N N 79  
CYS CB    HB3    sing N N 80  
CYS SG    HG     sing N N 81  
CYS OXT   HXT    sing N N 82  
FAD PA    O1A    doub N N 83  
FAD PA    O2A    sing N N 84  
FAD PA    O5B    sing N N 85  
FAD PA    O3P    sing N N 86  
FAD O2A   HOA2   sing N N 87  
FAD O5B   C5B    sing N N 88  
FAD C5B   C4B    sing N N 89  
FAD C5B   H51A   sing N N 90  
FAD C5B   H52A   sing N N 91  
FAD C4B   O4B    sing N N 92  
FAD C4B   C3B    sing N N 93  
FAD C4B   H4B    sing N N 94  
FAD O4B   C1B    sing N N 95  
FAD C3B   O3B    sing N N 96  
FAD C3B   C2B    sing N N 97  
FAD C3B   H3B    sing N N 98  
FAD O3B   HO3A   sing N N 99  
FAD C2B   O2B    sing N N 100 
FAD C2B   C1B    sing N N 101 
FAD C2B   H2B    sing N N 102 
FAD O2B   HO2A   sing N N 103 
FAD C1B   N9A    sing N N 104 
FAD C1B   H1B    sing N N 105 
FAD N9A   C8A    sing Y N 106 
FAD N9A   C4A    sing Y N 107 
FAD C8A   N7A    doub Y N 108 
FAD C8A   H8A    sing N N 109 
FAD N7A   C5A    sing Y N 110 
FAD C5A   C6A    sing Y N 111 
FAD C5A   C4A    doub Y N 112 
FAD C6A   N6A    sing N N 113 
FAD C6A   N1A    doub Y N 114 
FAD N6A   H61A   sing N N 115 
FAD N6A   H62A   sing N N 116 
FAD N1A   C2A    sing Y N 117 
FAD C2A   N3A    doub Y N 118 
FAD C2A   H2A    sing N N 119 
FAD N3A   C4A    sing Y N 120 
FAD N1    C2     sing N N 121 
FAD N1    C10    doub N N 122 
FAD C2    O2     doub N N 123 
FAD C2    N3     sing N N 124 
FAD N3    C4     sing N N 125 
FAD N3    HN3    sing N N 126 
FAD C4    O4     doub N N 127 
FAD C4    C4X    sing N N 128 
FAD C4X   N5     doub N N 129 
FAD C4X   C10    sing N N 130 
FAD N5    C5X    sing N N 131 
FAD C5X   C6     doub Y N 132 
FAD C5X   C9A    sing Y N 133 
FAD C6    C7     sing Y N 134 
FAD C6    H6     sing N N 135 
FAD C7    C7M    sing N N 136 
FAD C7    C8     doub Y N 137 
FAD C7M   HM71   sing N N 138 
FAD C7M   HM72   sing N N 139 
FAD C7M   HM73   sing N N 140 
FAD C8    C8M    sing N N 141 
FAD C8    C9     sing Y N 142 
FAD C8M   HM81   sing N N 143 
FAD C8M   HM82   sing N N 144 
FAD C8M   HM83   sing N N 145 
FAD C9    C9A    doub Y N 146 
FAD C9    H9     sing N N 147 
FAD C9A   N10    sing N N 148 
FAD N10   C10    sing N N 149 
FAD N10   "C1'"  sing N N 150 
FAD "C1'" "C2'"  sing N N 151 
FAD "C1'" "H1'1" sing N N 152 
FAD "C1'" "H1'2" sing N N 153 
FAD "C2'" "O2'"  sing N N 154 
FAD "C2'" "C3'"  sing N N 155 
FAD "C2'" "H2'"  sing N N 156 
FAD "O2'" "HO2'" sing N N 157 
FAD "C3'" "O3'"  sing N N 158 
FAD "C3'" "C4'"  sing N N 159 
FAD "C3'" "H3'"  sing N N 160 
FAD "O3'" "HO3'" sing N N 161 
FAD "C4'" "O4'"  sing N N 162 
FAD "C4'" "C5'"  sing N N 163 
FAD "C4'" "H4'"  sing N N 164 
FAD "O4'" "HO4'" sing N N 165 
FAD "C5'" "O5'"  sing N N 166 
FAD "C5'" "H5'1" sing N N 167 
FAD "C5'" "H5'2" sing N N 168 
FAD "O5'" P      sing N N 169 
FAD P     O1P    doub N N 170 
FAD P     O2P    sing N N 171 
FAD P     O3P    sing N N 172 
FAD O2P   HOP2   sing N N 173 
GLN N     CA     sing N N 174 
GLN N     H      sing N N 175 
GLN N     H2     sing N N 176 
GLN CA    C      sing N N 177 
GLN CA    CB     sing N N 178 
GLN CA    HA     sing N N 179 
GLN C     O      doub N N 180 
GLN C     OXT    sing N N 181 
GLN CB    CG     sing N N 182 
GLN CB    HB2    sing N N 183 
GLN CB    HB3    sing N N 184 
GLN CG    CD     sing N N 185 
GLN CG    HG2    sing N N 186 
GLN CG    HG3    sing N N 187 
GLN CD    OE1    doub N N 188 
GLN CD    NE2    sing N N 189 
GLN NE2   HE21   sing N N 190 
GLN NE2   HE22   sing N N 191 
GLN OXT   HXT    sing N N 192 
GLU N     CA     sing N N 193 
GLU N     H      sing N N 194 
GLU N     H2     sing N N 195 
GLU CA    C      sing N N 196 
GLU CA    CB     sing N N 197 
GLU CA    HA     sing N N 198 
GLU C     O      doub N N 199 
GLU C     OXT    sing N N 200 
GLU CB    CG     sing N N 201 
GLU CB    HB2    sing N N 202 
GLU CB    HB3    sing N N 203 
GLU CG    CD     sing N N 204 
GLU CG    HG2    sing N N 205 
GLU CG    HG3    sing N N 206 
GLU CD    OE1    doub N N 207 
GLU CD    OE2    sing N N 208 
GLU OE2   HE2    sing N N 209 
GLU OXT   HXT    sing N N 210 
GLY N     CA     sing N N 211 
GLY N     H      sing N N 212 
GLY N     H2     sing N N 213 
GLY CA    C      sing N N 214 
GLY CA    HA2    sing N N 215 
GLY CA    HA3    sing N N 216 
GLY C     O      doub N N 217 
GLY C     OXT    sing N N 218 
GLY OXT   HXT    sing N N 219 
HIS N     CA     sing N N 220 
HIS N     H      sing N N 221 
HIS N     H2     sing N N 222 
HIS CA    C      sing N N 223 
HIS CA    CB     sing N N 224 
HIS CA    HA     sing N N 225 
HIS C     O      doub N N 226 
HIS C     OXT    sing N N 227 
HIS CB    CG     sing N N 228 
HIS CB    HB2    sing N N 229 
HIS CB    HB3    sing N N 230 
HIS CG    ND1    sing Y N 231 
HIS CG    CD2    doub Y N 232 
HIS ND1   CE1    doub Y N 233 
HIS ND1   HD1    sing N N 234 
HIS CD2   NE2    sing Y N 235 
HIS CD2   HD2    sing N N 236 
HIS CE1   NE2    sing Y N 237 
HIS CE1   HE1    sing N N 238 
HIS NE2   HE2    sing N N 239 
HIS OXT   HXT    sing N N 240 
HOH O     H1     sing N N 241 
HOH O     H2     sing N N 242 
ILE N     CA     sing N N 243 
ILE N     H      sing N N 244 
ILE N     H2     sing N N 245 
ILE CA    C      sing N N 246 
ILE CA    CB     sing N N 247 
ILE CA    HA     sing N N 248 
ILE C     O      doub N N 249 
ILE C     OXT    sing N N 250 
ILE CB    CG1    sing N N 251 
ILE CB    CG2    sing N N 252 
ILE CB    HB     sing N N 253 
ILE CG1   CD1    sing N N 254 
ILE CG1   HG12   sing N N 255 
ILE CG1   HG13   sing N N 256 
ILE CG2   HG21   sing N N 257 
ILE CG2   HG22   sing N N 258 
ILE CG2   HG23   sing N N 259 
ILE CD1   HD11   sing N N 260 
ILE CD1   HD12   sing N N 261 
ILE CD1   HD13   sing N N 262 
ILE OXT   HXT    sing N N 263 
LEU N     CA     sing N N 264 
LEU N     H      sing N N 265 
LEU N     H2     sing N N 266 
LEU CA    C      sing N N 267 
LEU CA    CB     sing N N 268 
LEU CA    HA     sing N N 269 
LEU C     O      doub N N 270 
LEU C     OXT    sing N N 271 
LEU CB    CG     sing N N 272 
LEU CB    HB2    sing N N 273 
LEU CB    HB3    sing N N 274 
LEU CG    CD1    sing N N 275 
LEU CG    CD2    sing N N 276 
LEU CG    HG     sing N N 277 
LEU CD1   HD11   sing N N 278 
LEU CD1   HD12   sing N N 279 
LEU CD1   HD13   sing N N 280 
LEU CD2   HD21   sing N N 281 
LEU CD2   HD22   sing N N 282 
LEU CD2   HD23   sing N N 283 
LEU OXT   HXT    sing N N 284 
LYS N     CA     sing N N 285 
LYS N     H      sing N N 286 
LYS N     H2     sing N N 287 
LYS CA    C      sing N N 288 
LYS CA    CB     sing N N 289 
LYS CA    HA     sing N N 290 
LYS C     O      doub N N 291 
LYS C     OXT    sing N N 292 
LYS CB    CG     sing N N 293 
LYS CB    HB2    sing N N 294 
LYS CB    HB3    sing N N 295 
LYS CG    CD     sing N N 296 
LYS CG    HG2    sing N N 297 
LYS CG    HG3    sing N N 298 
LYS CD    CE     sing N N 299 
LYS CD    HD2    sing N N 300 
LYS CD    HD3    sing N N 301 
LYS CE    NZ     sing N N 302 
LYS CE    HE2    sing N N 303 
LYS CE    HE3    sing N N 304 
LYS NZ    HZ1    sing N N 305 
LYS NZ    HZ2    sing N N 306 
LYS NZ    HZ3    sing N N 307 
LYS OXT   HXT    sing N N 308 
MET N     CA     sing N N 309 
MET N     H      sing N N 310 
MET N     H2     sing N N 311 
MET CA    C      sing N N 312 
MET CA    CB     sing N N 313 
MET CA    HA     sing N N 314 
MET C     O      doub N N 315 
MET C     OXT    sing N N 316 
MET CB    CG     sing N N 317 
MET CB    HB2    sing N N 318 
MET CB    HB3    sing N N 319 
MET CG    SD     sing N N 320 
MET CG    HG2    sing N N 321 
MET CG    HG3    sing N N 322 
MET SD    CE     sing N N 323 
MET CE    HE1    sing N N 324 
MET CE    HE2    sing N N 325 
MET CE    HE3    sing N N 326 
MET OXT   HXT    sing N N 327 
MSE N     CA     sing N N 328 
MSE N     H      sing N N 329 
MSE N     H2     sing N N 330 
MSE CA    C      sing N N 331 
MSE CA    CB     sing N N 332 
MSE CA    HA     sing N N 333 
MSE C     O      doub N N 334 
MSE C     OXT    sing N N 335 
MSE OXT   HXT    sing N N 336 
MSE CB    CG     sing N N 337 
MSE CB    HB2    sing N N 338 
MSE CB    HB3    sing N N 339 
MSE CG    SE     sing N N 340 
MSE CG    HG2    sing N N 341 
MSE CG    HG3    sing N N 342 
MSE SE    CE     sing N N 343 
MSE CE    HE1    sing N N 344 
MSE CE    HE2    sing N N 345 
MSE CE    HE3    sing N N 346 
PHE N     CA     sing N N 347 
PHE N     H      sing N N 348 
PHE N     H2     sing N N 349 
PHE CA    C      sing N N 350 
PHE CA    CB     sing N N 351 
PHE CA    HA     sing N N 352 
PHE C     O      doub N N 353 
PHE C     OXT    sing N N 354 
PHE CB    CG     sing N N 355 
PHE CB    HB2    sing N N 356 
PHE CB    HB3    sing N N 357 
PHE CG    CD1    doub Y N 358 
PHE CG    CD2    sing Y N 359 
PHE CD1   CE1    sing Y N 360 
PHE CD1   HD1    sing N N 361 
PHE CD2   CE2    doub Y N 362 
PHE CD2   HD2    sing N N 363 
PHE CE1   CZ     doub Y N 364 
PHE CE1   HE1    sing N N 365 
PHE CE2   CZ     sing Y N 366 
PHE CE2   HE2    sing N N 367 
PHE CZ    HZ     sing N N 368 
PHE OXT   HXT    sing N N 369 
PRO N     CA     sing N N 370 
PRO N     CD     sing N N 371 
PRO N     H      sing N N 372 
PRO CA    C      sing N N 373 
PRO CA    CB     sing N N 374 
PRO CA    HA     sing N N 375 
PRO C     O      doub N N 376 
PRO C     OXT    sing N N 377 
PRO CB    CG     sing N N 378 
PRO CB    HB2    sing N N 379 
PRO CB    HB3    sing N N 380 
PRO CG    CD     sing N N 381 
PRO CG    HG2    sing N N 382 
PRO CG    HG3    sing N N 383 
PRO CD    HD2    sing N N 384 
PRO CD    HD3    sing N N 385 
PRO OXT   HXT    sing N N 386 
SER N     CA     sing N N 387 
SER N     H      sing N N 388 
SER N     H2     sing N N 389 
SER CA    C      sing N N 390 
SER CA    CB     sing N N 391 
SER CA    HA     sing N N 392 
SER C     O      doub N N 393 
SER C     OXT    sing N N 394 
SER CB    OG     sing N N 395 
SER CB    HB2    sing N N 396 
SER CB    HB3    sing N N 397 
SER OG    HG     sing N N 398 
SER OXT   HXT    sing N N 399 
THR N     CA     sing N N 400 
THR N     H      sing N N 401 
THR N     H2     sing N N 402 
THR CA    C      sing N N 403 
THR CA    CB     sing N N 404 
THR CA    HA     sing N N 405 
THR C     O      doub N N 406 
THR C     OXT    sing N N 407 
THR CB    OG1    sing N N 408 
THR CB    CG2    sing N N 409 
THR CB    HB     sing N N 410 
THR OG1   HG1    sing N N 411 
THR CG2   HG21   sing N N 412 
THR CG2   HG22   sing N N 413 
THR CG2   HG23   sing N N 414 
THR OXT   HXT    sing N N 415 
TRP N     CA     sing N N 416 
TRP N     H      sing N N 417 
TRP N     H2     sing N N 418 
TRP CA    C      sing N N 419 
TRP CA    CB     sing N N 420 
TRP CA    HA     sing N N 421 
TRP C     O      doub N N 422 
TRP C     OXT    sing N N 423 
TRP CB    CG     sing N N 424 
TRP CB    HB2    sing N N 425 
TRP CB    HB3    sing N N 426 
TRP CG    CD1    doub Y N 427 
TRP CG    CD2    sing Y N 428 
TRP CD1   NE1    sing Y N 429 
TRP CD1   HD1    sing N N 430 
TRP CD2   CE2    doub Y N 431 
TRP CD2   CE3    sing Y N 432 
TRP NE1   CE2    sing Y N 433 
TRP NE1   HE1    sing N N 434 
TRP CE2   CZ2    sing Y N 435 
TRP CE3   CZ3    doub Y N 436 
TRP CE3   HE3    sing N N 437 
TRP CZ2   CH2    doub Y N 438 
TRP CZ2   HZ2    sing N N 439 
TRP CZ3   CH2    sing Y N 440 
TRP CZ3   HZ3    sing N N 441 
TRP CH2   HH2    sing N N 442 
TRP OXT   HXT    sing N N 443 
TYR N     CA     sing N N 444 
TYR N     H      sing N N 445 
TYR N     H2     sing N N 446 
TYR CA    C      sing N N 447 
TYR CA    CB     sing N N 448 
TYR CA    HA     sing N N 449 
TYR C     O      doub N N 450 
TYR C     OXT    sing N N 451 
TYR CB    CG     sing N N 452 
TYR CB    HB2    sing N N 453 
TYR CB    HB3    sing N N 454 
TYR CG    CD1    doub Y N 455 
TYR CG    CD2    sing Y N 456 
TYR CD1   CE1    sing Y N 457 
TYR CD1   HD1    sing N N 458 
TYR CD2   CE2    doub Y N 459 
TYR CD2   HD2    sing N N 460 
TYR CE1   CZ     doub Y N 461 
TYR CE1   HE1    sing N N 462 
TYR CE2   CZ     sing Y N 463 
TYR CE2   HE2    sing N N 464 
TYR CZ    OH     sing N N 465 
TYR OH    HH     sing N N 466 
TYR OXT   HXT    sing N N 467 
VAL N     CA     sing N N 468 
VAL N     H      sing N N 469 
VAL N     H2     sing N N 470 
VAL CA    C      sing N N 471 
VAL CA    CB     sing N N 472 
VAL CA    HA     sing N N 473 
VAL C     O      doub N N 474 
VAL C     OXT    sing N N 475 
VAL CB    CG1    sing N N 476 
VAL CB    CG2    sing N N 477 
VAL CB    HB     sing N N 478 
VAL CG1   HG11   sing N N 479 
VAL CG1   HG12   sing N N 480 
VAL CG1   HG13   sing N N 481 
VAL CG2   HG21   sing N N 482 
VAL CG2   HG22   sing N N 483 
VAL CG2   HG23   sing N N 484 
VAL OXT   HXT    sing N N 485 
# 
_atom_sites.entry_id                    2HTI 
_atom_sites.fract_transf_matrix[1][1]   0.00664910 
_atom_sites.fract_transf_matrix[1][2]   -0.00882887 
_atom_sites.fract_transf_matrix[1][3]   -0.01157325 
_atom_sites.fract_transf_matrix[2][1]   0.00986682 
_atom_sites.fract_transf_matrix[2][2]   0.00681664 
_atom_sites.fract_transf_matrix[2][3]   -0.01059147 
_atom_sites.fract_transf_matrix[3][1]   0.00597839 
_atom_sites.fract_transf_matrix[3][2]   -0.00151773 
_atom_sites.fract_transf_matrix[3][3]   0.00459255 
_atom_sites.fract_transf_vector[1]      0.525804 
_atom_sites.fract_transf_vector[2]      0.270690 
_atom_sites.fract_transf_vector[3]      0.476412 
# 
loop_
_atom_type.symbol 
C  
N  
NA 
O  
P  
S  
SE 
# 
loop_
_atom_site.group_PDB 
_atom_site.id 
_atom_site.type_symbol 
_atom_site.label_atom_id 
_atom_site.label_alt_id 
_atom_site.label_comp_id 
_atom_site.label_asym_id 
_atom_site.label_entity_id 
_atom_site.label_seq_id 
_atom_site.pdbx_PDB_ins_code 
_atom_site.Cartn_x 
_atom_site.Cartn_y 
_atom_site.Cartn_z 
_atom_site.occupancy 
_atom_site.B_iso_or_equiv 
_atom_site.pdbx_formal_charge 
_atom_site.auth_seq_id 
_atom_site.auth_comp_id 
_atom_site.auth_asym_id 
_atom_site.auth_atom_id 
_atom_site.pdbx_PDB_model_num 
ATOM   1    N  N     . GLU A 1 11  ? 17.411  0.888   -12.233 1.00 106.20 ? 10  GLU A N     1 
ATOM   2    C  CA    . GLU A 1 11  ? 17.372  -0.393  -11.456 1.00 106.19 ? 10  GLU A CA    1 
ATOM   3    C  C     . GLU A 1 11  ? 17.875  -0.164  -10.025 1.00 106.34 ? 10  GLU A C     1 
ATOM   4    O  O     . GLU A 1 11  ? 18.600  -0.990  -9.467  1.00 106.69 ? 10  GLU A O     1 
ATOM   5    C  CB    . GLU A 1 11  ? 18.202  -1.470  -12.163 1.00 105.97 ? 10  GLU A CB    1 
ATOM   6    N  N     . CYS A 1 12  ? 17.430  0.951   -9.446  1.00 106.15 ? 11  CYS A N     1 
ATOM   7    C  CA    . CYS A 1 12  ? 17.955  1.524   -8.195  1.00 106.08 ? 11  CYS A CA    1 
ATOM   8    C  C     . CYS A 1 12  ? 18.008  0.605   -6.951  1.00 105.37 ? 11  CYS A C     1 
ATOM   9    O  O     . CYS A 1 12  ? 17.294  -0.397  -6.859  1.00 105.45 ? 11  CYS A O     1 
ATOM   10   C  CB    . CYS A 1 12  ? 17.143  2.783   -7.870  1.00 105.85 ? 11  CYS A CB    1 
ATOM   11   S  SG    . CYS A 1 12  ? 17.323  3.383   -6.189  1.00 110.64 ? 11  CYS A SG    1 
ATOM   12   N  N     . LYS A 1 13  ? 18.864  0.975   -5.993  1.00 104.39 ? 12  LYS A N     1 
ATOM   13   C  CA    . LYS A 1 13  ? 19.069  0.200   -4.771  1.00 102.74 ? 12  LYS A CA    1 
ATOM   14   C  C     . LYS A 1 13  ? 19.675  1.021   -3.628  1.00 101.36 ? 12  LYS A C     1 
ATOM   15   O  O     . LYS A 1 13  ? 20.595  0.559   -2.952  1.00 102.19 ? 12  LYS A O     1 
ATOM   16   N  N     . ASP A 1 14  ? 19.144  2.228   -3.414  1.00 99.58  ? 13  ASP A N     1 
ATOM   17   C  CA    . ASP A 1 14  ? 19.561  3.112   -2.309  1.00 97.59  ? 13  ASP A CA    1 
ATOM   18   C  C     . ASP A 1 14  ? 18.454  3.203   -1.242  1.00 94.36  ? 13  ASP A C     1 
ATOM   19   O  O     . ASP A 1 14  ? 17.571  4.067   -1.314  1.00 92.79  ? 13  ASP A O     1 
ATOM   20   C  CB    . ASP A 1 14  ? 19.896  4.509   -2.851  1.00 98.54  ? 13  ASP A CB    1 
ATOM   21   C  CG    . ASP A 1 14  ? 20.641  5.377   -1.843  1.00 102.27 ? 13  ASP A CG    1 
ATOM   22   O  OD1   . ASP A 1 14  ? 20.054  5.739   -0.798  1.00 105.84 ? 13  ASP A OD1   1 
ATOM   23   O  OD2   . ASP A 1 14  ? 21.818  5.712   -2.112  1.00 110.00 ? 13  ASP A OD2   1 
ATOM   24   N  N     . GLU A 1 15  ? 18.532  2.321   -0.246  1.00 91.08  ? 14  GLU A N     1 
ATOM   25   C  CA    . GLU A 1 15  ? 17.464  2.129   0.742   1.00 88.59  ? 14  GLU A CA    1 
ATOM   26   C  C     . GLU A 1 15  ? 16.922  3.422   1.374   1.00 86.48  ? 14  GLU A C     1 
ATOM   27   O  O     . GLU A 1 15  ? 15.760  3.466   1.768   1.00 86.53  ? 14  GLU A O     1 
ATOM   28   C  CB    . GLU A 1 15  ? 17.934  1.158   1.842   1.00 88.64  ? 14  GLU A CB    1 
ATOM   29   C  CG    . GLU A 1 15  ? 16.816  0.545   2.695   1.00 88.28  ? 14  GLU A CG    1 
ATOM   30   N  N     . LYS A 1 16  ? 17.742  4.465   1.479   1.00 84.16  ? 15  LYS A N     1 
ATOM   31   C  CA    . LYS A 1 16  ? 17.289  5.715   2.110   1.00 82.48  ? 15  LYS A CA    1 
ATOM   32   C  C     . LYS A 1 16  ? 16.460  6.566   1.148   1.00 80.13  ? 15  LYS A C     1 
ATOM   33   O  O     . LYS A 1 16  ? 15.456  7.164   1.536   1.00 78.31  ? 15  LYS A O     1 
ATOM   34   C  CB    . LYS A 1 16  ? 18.478  6.531   2.631   1.00 82.71  ? 15  LYS A CB    1 
ATOM   35   N  N     . LYS A 1 17  ? 16.896  6.623   -0.106  1.00 78.28  ? 16  LYS A N     1 
ATOM   36   C  CA    . LYS A 1 17  ? 16.168  7.351   -1.149  1.00 76.50  ? 16  LYS A CA    1 
ATOM   37   C  C     . LYS A 1 17  ? 14.743  6.776   -1.323  1.00 73.78  ? 16  LYS A C     1 
ATOM   38   O  O     . LYS A 1 17  ? 13.754  7.526   -1.391  1.00 70.67  ? 16  LYS A O     1 
ATOM   39   C  CB    . LYS A 1 17  ? 16.958  7.287   -2.470  1.00 76.85  ? 16  LYS A CB    1 
ATOM   40   C  CG    . LYS A 1 17  ? 16.613  8.380   -3.485  1.00 75.75  ? 16  LYS A CG    1 
ATOM   41   N  N     . ILE A 1 18  ? 14.660  5.443   -1.375  1.00 71.84  ? 17  ILE A N     1 
ATOM   42   C  CA    . ILE A 1 18  ? 13.397  4.724   -1.549  1.00 70.21  ? 17  ILE A CA    1 
ATOM   43   C  C     . ILE A 1 18  ? 12.450  4.991   -0.395  1.00 69.75  ? 17  ILE A C     1 
ATOM   44   O  O     . ILE A 1 18  ? 11.264  5.272   -0.587  1.00 68.93  ? 17  ILE A O     1 
ATOM   45   C  CB    . ILE A 1 18  ? 13.612  3.223   -1.599  1.00 69.07  ? 17  ILE A CB    1 
ATOM   46   C  CG1   . ILE A 1 18  ? 14.513  2.849   -2.771  1.00 73.08  ? 17  ILE A CG1   1 
ATOM   47   C  CG2   . ILE A 1 18  ? 12.278  2.518   -1.753  1.00 71.60  ? 17  ILE A CG2   1 
ATOM   48   C  CD1   . ILE A 1 18  ? 15.050  1.422   -2.700  1.00 77.33  ? 17  ILE A CD1   1 
ATOM   49   N  N     . THR A 1 19  ? 12.987  4.900   0.809   1.00 69.14  ? 18  THR A N     1 
ATOM   50   C  CA    . THR A 1 19  ? 12.206  5.135   2.004   1.00 69.04  ? 18  THR A CA    1 
ATOM   51   C  C     . THR A 1 19  ? 11.667  6.548   2.010   1.00 66.96  ? 18  THR A C     1 
ATOM   52   O  O     . THR A 1 19  ? 10.498  6.780   2.332   1.00 69.13  ? 18  THR A O     1 
ATOM   53   C  CB    . THR A 1 19  ? 13.062  4.935   3.263   1.00 70.06  ? 18  THR A CB    1 
ATOM   54   O  OG1   . THR A 1 19  ? 13.705  3.656   3.203   1.00 73.59  ? 18  THR A OG1   1 
ATOM   55   C  CG2   . THR A 1 19  ? 12.200  5.030   4.524   1.00 73.88  ? 18  THR A CG2   1 
ATOM   56   N  N     . GLU A 1 20  ? 12.518  7.503   1.669   1.00 64.81  ? 19  GLU A N     1 
ATOM   57   C  CA    . GLU A 1 20  ? 12.081  8.892   1.623   1.00 64.20  ? 19  GLU A CA    1 
ATOM   58   C  C     . GLU A 1 20  ? 10.926  8.997   0.631   1.00 62.86  ? 19  GLU A C     1 
ATOM   59   O  O     . GLU A 1 20  ? 9.894   9.610   0.917   1.00 63.50  ? 19  GLU A O     1 
ATOM   60   C  CB    . GLU A 1 20  ? 13.237  9.829   1.235   1.00 64.20  ? 19  GLU A CB    1 
ATOM   61   C  CG    . GLU A 1 20  ? 12.872  11.322  1.293   1.00 67.11  ? 19  GLU A CG    1 
ATOM   62   N  N     . PHE A 1 21  ? 11.101  8.366   -0.527  1.00 61.31  ? 20  PHE A N     1 
ATOM   63   C  CA    . PHE A 1 21  ? 10.070  8.355   -1.557  1.00 60.13  ? 20  PHE A CA    1 
ATOM   64   C  C     . PHE A 1 21  ? 8.770   7.729   -1.031  1.00 58.24  ? 20  PHE A C     1 
ATOM   65   O  O     . PHE A 1 21  ? 7.698   8.318   -1.163  1.00 57.21  ? 20  PHE A O     1 
ATOM   66   C  CB    . PHE A 1 21  ? 10.584  7.599   -2.789  1.00 60.99  ? 20  PHE A CB    1 
ATOM   67   C  CG    . PHE A 1 21  ? 9.561   7.437   -3.870  1.00 61.98  ? 20  PHE A CG    1 
ATOM   68   C  CD1   . PHE A 1 21  ? 9.181   8.524   -4.644  1.00 62.54  ? 20  PHE A CD1   1 
ATOM   69   C  CD2   . PHE A 1 21  ? 8.981   6.192   -4.119  1.00 64.56  ? 20  PHE A CD2   1 
ATOM   70   C  CE1   . PHE A 1 21  ? 8.236   8.382   -5.645  1.00 63.79  ? 20  PHE A CE1   1 
ATOM   71   C  CE2   . PHE A 1 21  ? 8.038   6.038   -5.121  1.00 61.90  ? 20  PHE A CE2   1 
ATOM   72   C  CZ    . PHE A 1 21  ? 7.661   7.132   -5.885  1.00 64.38  ? 20  PHE A CZ    1 
ATOM   73   N  N     . LEU A 1 22  ? 8.871   6.554   -0.412  1.00 56.90  ? 21  LEU A N     1 
ATOM   74   C  CA    . LEU A 1 22  ? 7.686   5.862   0.122   1.00 57.36  ? 21  LEU A CA    1 
ATOM   75   C  C     . LEU A 1 22  ? 6.981   6.643   1.220   1.00 57.68  ? 21  LEU A C     1 
ATOM   76   O  O     . LEU A 1 22  ? 5.783   6.465   1.440   1.00 57.28  ? 21  LEU A O     1 
ATOM   77   C  CB    . LEU A 1 22  ? 8.055   4.485   0.647   1.00 57.17  ? 21  LEU A CB    1 
ATOM   78   C  CG    . LEU A 1 22  ? 8.497   3.512   -0.448  1.00 58.07  ? 21  LEU A CG    1 
ATOM   79   C  CD1   . LEU A 1 22  ? 9.154   2.289   0.153   1.00 58.30  ? 21  LEU A CD1   1 
ATOM   80   C  CD2   . LEU A 1 22  ? 7.317   3.114   -1.320  1.00 60.25  ? 21  LEU A CD2   1 
ATOM   81   N  N     . ASN A 1 23  ? 7.717   7.511   1.908   1.00 58.37  ? 22  ASN A N     1 
ATOM   82   C  CA    . ASN A 1 23  ? 7.121   8.315   2.952   1.00 59.25  ? 22  ASN A CA    1 
ATOM   83   C  C     . ASN A 1 23  ? 6.371   9.482   2.366   1.00 59.04  ? 22  ASN A C     1 
ATOM   84   O  O     . ASN A 1 23  ? 5.379   9.922   2.927   1.00 59.87  ? 22  ASN A O     1 
ATOM   85   C  CB    . ASN A 1 23  ? 8.192   8.810   3.931   1.00 61.97  ? 22  ASN A CB    1 
ATOM   86   C  CG    . ASN A 1 23  ? 8.781   7.677   4.796   1.00 67.69  ? 22  ASN A CG    1 
ATOM   87   O  OD1   . ASN A 1 23  ? 8.113   6.680   5.094   1.00 70.67  ? 22  ASN A OD1   1 
ATOM   88   N  ND2   . ASN A 1 23  ? 10.036  7.844   5.205   1.00 69.75  ? 22  ASN A ND2   1 
ATOM   89   N  N     . LYS A 1 24  ? 6.832   9.984   1.225   1.00 59.53  ? 23  LYS A N     1 
ATOM   90   C  CA    . LYS A 1 24  ? 6.252   11.199  0.657   1.00 58.91  ? 23  LYS A CA    1 
ATOM   91   C  C     . LYS A 1 24  ? 5.141   10.941  -0.360  1.00 55.85  ? 23  LYS A C     1 
ATOM   92   O  O     . LYS A 1 24  ? 4.155   11.678  -0.388  1.00 55.91  ? 23  LYS A O     1 
ATOM   93   C  CB    . LYS A 1 24  ? 7.352   12.071  0.045   1.00 61.10  ? 23  LYS A CB    1 
ATOM   94   C  CG    . LYS A 1 24  ? 8.339   12.625  1.093   1.00 66.81  ? 23  LYS A CG    1 
ATOM   95   N  N     . ALA A 1 25  ? 5.292   9.901   -1.179  1.00 52.58  ? 24  ALA A N     1 
ATOM   96   C  CA    . ALA A 1 25  ? 4.286   9.574   -2.202  1.00 52.33  ? 24  ALA A CA    1 
ATOM   97   C  C     . ALA A 1 25  ? 2.865   9.505   -1.627  1.00 53.15  ? 24  ALA A C     1 
ATOM   98   O  O     . ALA A 1 25  ? 2.637   8.890   -0.596  1.00 53.47  ? 24  ALA A O     1 
ATOM   99   C  CB    . ALA A 1 25  ? 4.638   8.275   -2.887  1.00 52.04  ? 24  ALA A CB    1 
ATOM   100  N  N     . ARG A 1 26  ? 1.923   10.146  -2.320  1.00 53.96  ? 25  ARG A N     1 
ATOM   101  C  CA    . ARG A 1 26  ? 0.543   10.320  -1.853  1.00 54.03  ? 25  ARG A CA    1 
ATOM   102  C  C     . ARG A 1 26  ? -0.383  9.165   -2.171  1.00 51.80  ? 25  ARG A C     1 
ATOM   103  O  O     . ARG A 1 26  ? -1.327  8.900   -1.442  1.00 49.86  ? 25  ARG A O     1 
ATOM   104  C  CB    . ARG A 1 26  ? -0.069  11.504  -2.579  1.00 56.04  ? 25  ARG A CB    1 
ATOM   105  C  CG    . ARG A 1 26  ? 0.695   12.800  -2.458  1.00 65.71  ? 25  ARG A CG    1 
ATOM   106  C  CD    . ARG A 1 26  ? -0.031  13.749  -1.540  1.00 72.59  ? 25  ARG A CD    1 
ATOM   107  N  NE    . ARG A 1 26  ? 0.460   13.654  -0.178  1.00 76.81  ? 25  ARG A NE    1 
ATOM   108  C  CZ    . ARG A 1 26  ? -0.170  14.167  0.869   1.00 78.62  ? 25  ARG A CZ    1 
ATOM   109  N  NH1   . ARG A 1 26  ? -1.335  14.795  0.715   1.00 73.33  ? 25  ARG A NH1   1 
ATOM   110  N  NH2   . ARG A 1 26  ? 0.362   14.034  2.070   1.00 82.31  ? 25  ARG A NH2   1 
ATOM   111  N  N     . THR A 1 27  ? -0.158  8.532   -3.316  1.00 51.44  ? 26  THR A N     1 
ATOM   112  C  CA    . THR A 1 27  ? -1.102  7.573   -3.842  1.00 50.53  ? 26  THR A CA    1 
ATOM   113  C  C     . THR A 1 27  ? -0.387  6.344   -4.329  1.00 49.25  ? 26  THR A C     1 
ATOM   114  O  O     . THR A 1 27  ? 0.639   6.436   -5.000  1.00 49.23  ? 26  THR A O     1 
ATOM   115  C  CB    . THR A 1 27  ? -1.860  8.146   -5.022  1.00 50.04  ? 26  THR A CB    1 
ATOM   116  O  OG1   . THR A 1 27  ? -2.589  9.293   -4.605  1.00 51.20  ? 26  THR A OG1   1 
ATOM   117  C  CG2   . THR A 1 27  ? -2.850  7.126   -5.572  1.00 56.88  ? 26  THR A CG2   1 
ATOM   118  N  N     . GLY A 1 28  ? -0.948  5.191   -3.996  1.00 46.47  ? 27  GLY A N     1 
ATOM   119  C  CA    . GLY A 1 28  ? -0.410  3.935   -4.461  1.00 44.87  ? 27  GLY A CA    1 
ATOM   120  C  C     . GLY A 1 28  ? -1.478  3.149   -5.182  1.00 43.00  ? 27  GLY A C     1 
ATOM   121  O  O     . GLY A 1 28  ? -2.676  3.436   -5.068  1.00 42.80  ? 27  GLY A O     1 
ATOM   122  N  N     . PHE A 1 29  ? -1.040  2.141   -5.919  1.00 41.56  ? 28  PHE A N     1 
ATOM   123  C  CA    . PHE A 1 29  ? -1.938  1.377   -6.749  1.00 41.69  ? 28  PHE A CA    1 
ATOM   124  C  C     . PHE A 1 29  ? -1.882  -0.085  -6.400  1.00 40.25  ? 28  PHE A C     1 
ATOM   125  O  O     . PHE A 1 29  ? -0.857  -0.738  -6.548  1.00 40.01  ? 28  PHE A O     1 
ATOM   126  C  CB    . PHE A 1 29  ? -1.620  1.634   -8.213  1.00 41.80  ? 28  PHE A CB    1 
ATOM   127  C  CG    . PHE A 1 29  ? -2.015  3.009   -8.647  1.00 43.52  ? 28  PHE A CG    1 
ATOM   128  C  CD1   . PHE A 1 29  ? -1.190  4.084   -8.390  1.00 46.59  ? 28  PHE A CD1   1 
ATOM   129  C  CD2   . PHE A 1 29  ? -3.232  3.234   -9.235  1.00 46.70  ? 28  PHE A CD2   1 
ATOM   130  C  CE1   . PHE A 1 29  ? -1.557  5.353   -8.750  1.00 44.25  ? 28  PHE A CE1   1 
ATOM   131  C  CE2   . PHE A 1 29  ? -3.606  4.497   -9.603  1.00 53.05  ? 28  PHE A CE2   1 
ATOM   132  C  CZ    . PHE A 1 29  ? -2.766  5.565   -9.357  1.00 49.61  ? 28  PHE A CZ    1 
ATOM   133  N  N     . LEU A 1 30  ? -3.009  -0.582  -5.919  1.00 41.22  ? 29  LEU A N     1 
ATOM   134  C  CA    . LEU A 1 30  ? -3.087  -1.913  -5.380  1.00 40.74  ? 29  LEU A CA    1 
ATOM   135  C  C     . LEU A 1 30  ? -3.608  -2.819  -6.443  1.00 40.11  ? 29  LEU A C     1 
ATOM   136  O  O     . LEU A 1 30  ? -4.699  -2.603  -6.941  1.00 39.04  ? 29  LEU A O     1 
ATOM   137  C  CB    . LEU A 1 30  ? -4.042  -1.947  -4.205  1.00 41.27  ? 29  LEU A CB    1 
ATOM   138  C  CG    . LEU A 1 30  ? -4.282  -3.365  -3.678  1.00 39.12  ? 29  LEU A CG    1 
ATOM   139  C  CD1   . LEU A 1 30  ? -3.008  -3.919  -3.071  1.00 36.34  ? 29  LEU A CD1   1 
ATOM   140  C  CD2   . LEU A 1 30  ? -5.392  -3.376  -2.637  1.00 42.45  ? 29  LEU A CD2   1 
ATOM   141  N  N     . GLY A 1 31  ? -2.826  -3.839  -6.786  1.00 43.12  ? 30  GLY A N     1 
ATOM   142  C  CA    . GLY A 1 31  ? -3.203  -4.805  -7.834  1.00 42.66  ? 30  GLY A CA    1 
ATOM   143  C  C     . GLY A 1 31  ? -3.586  -6.126  -7.208  1.00 43.72  ? 30  GLY A C     1 
ATOM   144  O  O     . GLY A 1 31  ? -2.836  -6.667  -6.402  1.00 46.00  ? 30  GLY A O     1 
ATOM   145  N  N     . LEU A 1 32  ? -4.765  -6.621  -7.573  1.00 45.35  ? 31  LEU A N     1 
ATOM   146  C  CA    . LEU A 1 32  ? -5.338  -7.875  -7.068  1.00 46.57  ? 31  LEU A CA    1 
ATOM   147  C  C     . LEU A 1 32  ? -5.760  -8.717  -8.251  1.00 49.61  ? 31  LEU A C     1 
ATOM   148  O  O     . LEU A 1 32  ? -5.969  -8.189  -9.343  1.00 49.74  ? 31  LEU A O     1 
ATOM   149  C  CB    . LEU A 1 32  ? -6.604  -7.580  -6.257  1.00 46.66  ? 31  LEU A CB    1 
ATOM   150  C  CG    . LEU A 1 32  ? -6.541  -6.477  -5.206  1.00 47.56  ? 31  LEU A CG    1 
ATOM   151  C  CD1   . LEU A 1 32  ? -7.884  -6.210  -4.572  1.00 50.53  ? 31  LEU A CD1   1 
ATOM   152  C  CD2   . LEU A 1 32  ? -5.535  -6.880  -4.149  1.00 53.75  ? 31  LEU A CD2   1 
ATOM   153  N  N     . SER A 1 33  ? -5.916  -10.018 -8.049  1.00 53.29  ? 32  SER A N     1 
ATOM   154  C  CA    . SER A 1 33  ? -6.530  -10.861 -9.069  1.00 56.95  ? 32  SER A CA    1 
ATOM   155  C  C     . SER A 1 33  ? -7.244  -12.037 -8.445  1.00 59.33  ? 32  SER A C     1 
ATOM   156  O  O     . SER A 1 33  ? -6.762  -12.631 -7.478  1.00 59.67  ? 32  SER A O     1 
ATOM   157  C  CB    . SER A 1 33  ? -5.500  -11.389 -10.069 1.00 57.45  ? 32  SER A CB    1 
ATOM   158  O  OG    . SER A 1 33  ? -4.633  -12.318 -9.438  1.00 63.51  ? 32  SER A OG    1 
ATOM   159  N  N     . THR A 1 34  ? -8.408  -12.353 -9.001  1.00 62.02  ? 33  THR A N     1 
ATOM   160  C  CA    . THR A 1 34  ? -9.034  -13.654 -8.800  1.00 64.60  ? 33  THR A CA    1 
ATOM   161  C  C     . THR A 1 34  ? -9.342  -14.195 -10.178 1.00 66.21  ? 33  THR A C     1 
ATOM   162  O  O     . THR A 1 34  ? -9.722  -13.447 -11.086 1.00 64.71  ? 33  THR A O     1 
ATOM   163  C  CB    . THR A 1 34  ? -10.298 -13.603 -7.940  1.00 63.83  ? 33  THR A CB    1 
ATOM   164  O  OG1   . THR A 1 34  ? -11.220 -12.649 -8.476  1.00 66.05  ? 33  THR A OG1   1 
ATOM   165  C  CG2   . THR A 1 34  ? -9.938  -13.210 -6.529  1.00 66.11  ? 33  THR A CG2   1 
ATOM   166  N  N     . ASN A 1 35  ? -9.148  -15.498 -10.330 1.00 69.73  ? 34  ASN A N     1 
ATOM   167  C  CA    . ASN A 1 35  ? -9.008  -16.083 -11.644 1.00 72.43  ? 34  ASN A CA    1 
ATOM   168  C  C     . ASN A 1 35  ? -7.824  -15.376 -12.303 1.00 74.54  ? 34  ASN A C     1 
ATOM   169  O  O     . ASN A 1 35  ? -6.856  -14.942 -11.616 1.00 76.17  ? 34  ASN A O     1 
ATOM   170  C  CB    . ASN A 1 35  ? -10.293 -15.905 -12.463 1.00 72.63  ? 34  ASN A CB    1 
ATOM   171  C  CG    . ASN A 1 35  ? -11.551 -16.320 -11.689 1.00 77.43  ? 34  ASN A CG    1 
ATOM   172  O  OD1   . ASN A 1 35  ? -11.513 -17.221 -10.846 1.00 80.82  ? 34  ASN A OD1   1 
ATOM   173  N  ND2   . ASN A 1 35  ? -12.671 -15.658 -11.977 1.00 84.37  ? 34  ASN A ND2   1 
ATOM   174  N  N     . ASP A 1 36  ? -7.896  -15.241 -13.621 1.00 73.93  ? 35  ASP A N     1 
ATOM   175  C  CA    . ASP A 1 36  ? -6.889  -14.475 -14.342 1.00 74.57  ? 35  ASP A CA    1 
ATOM   176  C  C     . ASP A 1 36  ? -7.432  -13.052 -14.626 1.00 72.24  ? 35  ASP A C     1 
ATOM   177  O  O     . ASP A 1 36  ? -7.207  -12.493 -15.710 1.00 71.23  ? 35  ASP A O     1 
ATOM   178  C  CB    . ASP A 1 36  ? -6.497  -15.215 -15.638 1.00 74.52  ? 35  ASP A CB    1 
ATOM   179  N  N     . GLN A 1 37  ? -8.150  -12.479 -13.654 1.00 68.70  ? 36  GLN A N     1 
ATOM   180  C  CA    . GLN A 1 37  ? -8.764  -11.163 -13.844 1.00 66.82  ? 36  GLN A CA    1 
ATOM   181  C  C     . GLN A 1 37  ? -8.202  -10.130 -12.868 1.00 62.19  ? 36  GLN A C     1 
ATOM   182  O  O     . GLN A 1 37  ? -8.533  -10.113 -11.681 1.00 62.63  ? 36  GLN A O     1 
ATOM   183  C  CB    . GLN A 1 37  ? -10.290 -11.236 -13.743 1.00 68.73  ? 36  GLN A CB    1 
ATOM   184  C  CG    . GLN A 1 37  ? -11.001 -9.871  -13.941 1.00 77.51  ? 36  GLN A CG    1 
ATOM   185  C  CD    . GLN A 1 37  ? -10.729 -9.222  -15.300 1.00 84.88  ? 36  GLN A CD    1 
ATOM   186  O  OE1   . GLN A 1 37  ? -10.798 -9.889  -16.338 1.00 97.40  ? 36  GLN A OE1   1 
ATOM   187  N  NE2   . GLN A 1 37  ? -10.434 -7.917  -15.298 1.00 76.84  ? 36  GLN A NE2   1 
ATOM   188  N  N     . PRO A 1 38  ? -7.320  -9.270  -13.370 1.00 57.53  ? 37  PRO A N     1 
ATOM   189  C  CA    . PRO A 1 38  ? -6.703  -8.237  -12.556 1.00 54.51  ? 37  PRO A CA    1 
ATOM   190  C  C     . PRO A 1 38  ? -7.644  -7.094  -12.186 1.00 51.11  ? 37  PRO A C     1 
ATOM   191  O  O     . PRO A 1 38  ? -8.583  -6.791  -12.918 1.00 50.19  ? 37  PRO A O     1 
ATOM   192  C  CB    . PRO A 1 38  ? -5.585  -7.715  -13.459 1.00 54.94  ? 37  PRO A CB    1 
ATOM   193  C  CG    . PRO A 1 38  ? -5.455  -8.739  -14.564 1.00 56.94  ? 37  PRO A CG    1 
ATOM   194  C  CD    . PRO A 1 38  ? -6.812  -9.259  -14.749 1.00 55.30  ? 37  PRO A CD    1 
ATOM   195  N  N     . TYR A 1 39  ? -7.372  -6.461  -11.046 1.00 49.46  ? 38  TYR A N     1 
ATOM   196  C  CA    . TYR A 1 39  ? -8.134  -5.298  -10.575 1.00 46.18  ? 38  TYR A CA    1 
ATOM   197  C  C     . TYR A 1 39  ? -7.146  -4.390  -9.856  1.00 45.31  ? 38  TYR A C     1 
ATOM   198  O  O     . TYR A 1 39  ? -6.438  -4.842  -8.961  1.00 45.57  ? 38  TYR A O     1 
ATOM   199  C  CB    . TYR A 1 39  ? -9.229  -5.763  -9.622  1.00 46.02  ? 38  TYR A CB    1 
ATOM   200  C  CG    . TYR A 1 39  ? -10.128 -4.689  -9.028  1.00 43.40  ? 38  TYR A CG    1 
ATOM   201  C  CD1   . TYR A 1 39  ? -10.713 -3.717  -9.815  1.00 44.73  ? 38  TYR A CD1   1 
ATOM   202  C  CD2   . TYR A 1 39  ? -10.448 -4.706  -7.686  1.00 49.71  ? 38  TYR A CD2   1 
ATOM   203  C  CE1   . TYR A 1 39  ? -11.564 -2.777  -9.274  1.00 48.42  ? 38  TYR A CE1   1 
ATOM   204  C  CE2   . TYR A 1 39  ? -11.311 -3.770  -7.132  1.00 48.93  ? 38  TYR A CE2   1 
ATOM   205  C  CZ    . TYR A 1 39  ? -11.861 -2.815  -7.927  1.00 47.25  ? 38  TYR A CZ    1 
ATOM   206  O  OH    . TYR A 1 39  ? -12.696 -1.886  -7.374  1.00 49.02  ? 38  TYR A OH    1 
ATOM   207  N  N     . VAL A 1 40  ? -7.077  -3.126  -10.272 1.00 44.80  ? 39  VAL A N     1 
ATOM   208  C  CA    . VAL A 1 40  ? -6.110  -2.146  -9.743  1.00 44.61  ? 39  VAL A CA    1 
ATOM   209  C  C     . VAL A 1 40  ? -6.855  -0.899  -9.244  1.00 45.14  ? 39  VAL A C     1 
ATOM   210  O  O     . VAL A 1 40  ? -7.560  -0.245  -10.027 1.00 45.05  ? 39  VAL A O     1 
ATOM   211  C  CB    . VAL A 1 40  ? -5.113  -1.682  -10.839 1.00 44.11  ? 39  VAL A CB    1 
ATOM   212  C  CG1   . VAL A 1 40  ? -4.190  -0.600  -10.317 1.00 45.90  ? 39  VAL A CG1   1 
ATOM   213  C  CG2   . VAL A 1 40  ? -4.295  -2.847  -11.359 1.00 46.55  ? 39  VAL A CG2   1 
ATOM   214  N  N     . ILE A 1 41  ? -6.681  -0.550  -7.970  1.00 42.16  ? 40  ILE A N     1 
ATOM   215  C  CA    . ILE A 1 41  ? -7.312  0.651   -7.432  1.00 42.18  ? 40  ILE A CA    1 
ATOM   216  C  C     . ILE A 1 41  ? -6.325  1.538   -6.723  1.00 40.37  ? 40  ILE A C     1 
ATOM   217  O  O     . ILE A 1 41  ? -5.401  1.043   -6.074  1.00 42.97  ? 40  ILE A O     1 
ATOM   218  C  CB    . ILE A 1 41  ? -8.444  0.304   -6.447  1.00 42.25  ? 40  ILE A CB    1 
ATOM   219  C  CG1   . ILE A 1 41  ? -7.962  -0.665  -5.378  1.00 43.00  ? 40  ILE A CG1   1 
ATOM   220  C  CG2   . ILE A 1 41  ? -9.603  -0.342  -7.196  1.00 45.25  ? 40  ILE A CG2   1 
ATOM   221  C  CD1   . ILE A 1 41  ? -8.957  -0.859  -4.273  1.00 54.31  ? 40  ILE A CD1   1 
ATOM   222  N  N     . PRO A 1 42  ? -6.508  2.857   -6.836  1.00 39.20  ? 41  PRO A N     1 
ATOM   223  C  CA    . PRO A 1 42  ? -5.665  3.790   -6.101  1.00 39.23  ? 41  PRO A CA    1 
ATOM   224  C  C     . PRO A 1 42  ? -6.047  3.879   -4.641  1.00 40.21  ? 41  PRO A C     1 
ATOM   225  O  O     . PRO A 1 42  ? -7.250  3.832   -4.301  1.00 38.77  ? 41  PRO A O     1 
ATOM   226  C  CB    . PRO A 1 42  ? -5.959  5.128   -6.776  1.00 38.77  ? 41  PRO A CB    1 
ATOM   227  C  CG    . PRO A 1 42  ? -7.310  5.006   -7.279  1.00 37.96  ? 41  PRO A CG    1 
ATOM   228  C  CD    . PRO A 1 42  ? -7.492  3.557   -7.672  1.00 38.73  ? 41  PRO A CD    1 
ATOM   229  N  N     . LEU A 1 43  ? -5.041  4.048   -3.789  1.00 41.88  ? 42  LEU A N     1 
ATOM   230  C  CA    . LEU A 1 43  ? -5.267  4.141   -2.348  1.00 42.09  ? 42  LEU A CA    1 
ATOM   231  C  C     . LEU A 1 43  ? -4.291  5.094   -1.704  1.00 42.17  ? 42  LEU A C     1 
ATOM   232  O  O     . LEU A 1 43  ? -3.152  5.194   -2.153  1.00 43.82  ? 42  LEU A O     1 
ATOM   233  C  CB    . LEU A 1 43  ? -5.063  2.779   -1.697  1.00 41.95  ? 42  LEU A CB    1 
ATOM   234  C  CG    . LEU A 1 43  ? -5.982  1.643   -2.117  1.00 40.45  ? 42  LEU A CG    1 
ATOM   235  C  CD1   . LEU A 1 43  ? -5.413  0.319   -1.585  1.00 38.48  ? 42  LEU A CD1   1 
ATOM   236  C  CD2   . LEU A 1 43  ? -7.374  1.898   -1.564  1.00 47.95  ? 42  LEU A CD2   1 
ATOM   237  N  N     . ASN A 1 44  ? -4.756  5.786   -0.661  1.00 43.48  ? 43  ASN A N     1 
ATOM   238  C  CA    . ASN A 1 44  ? -3.892  6.479   0.304   1.00 46.39  ? 43  ASN A CA    1 
ATOM   239  C  C     . ASN A 1 44  ? -3.258  5.438   1.197   1.00 47.56  ? 43  ASN A C     1 
ATOM   240  O  O     . ASN A 1 44  ? -3.860  4.413   1.480   1.00 48.56  ? 43  ASN A O     1 
ATOM   241  C  CB    . ASN A 1 44  ? -4.706  7.449   1.169   1.00 46.49  ? 43  ASN A CB    1 
ATOM   242  C  CG    . ASN A 1 44  ? -5.224  8.644   0.367   1.00 51.73  ? 43  ASN A CG    1 
ATOM   243  O  OD1   . ASN A 1 44  ? -4.489  9.234   -0.420  1.00 56.62  ? 43  ASN A OD1   1 
ATOM   244  N  ND2   . ASN A 1 44  ? -6.491  8.976   0.540   1.00 51.53  ? 43  ASN A ND2   1 
ATOM   245  N  N     . PHE A 1 45  ? -2.043  5.680   1.648   1.00 47.21  ? 44  PHE A N     1 
ATOM   246  C  CA    . PHE A 1 45  ? -1.328  4.643   2.333   1.00 48.58  ? 44  PHE A CA    1 
ATOM   247  C  C     . PHE A 1 45  ? -0.233  5.269   3.153   1.00 50.35  ? 44  PHE A C     1 
ATOM   248  O  O     . PHE A 1 45  ? 0.098   6.437   2.949   1.00 52.29  ? 44  PHE A O     1 
ATOM   249  C  CB    . PHE A 1 45  ? -0.685  3.705   1.315   1.00 49.57  ? 44  PHE A CB    1 
ATOM   250  C  CG    . PHE A 1 45  ? 0.495   4.308   0.635   1.00 48.65  ? 44  PHE A CG    1 
ATOM   251  C  CD1   . PHE A 1 45  ? 0.327   5.149   -0.449  1.00 52.38  ? 44  PHE A CD1   1 
ATOM   252  C  CD2   . PHE A 1 45  ? 1.770   4.066   1.096   1.00 48.15  ? 44  PHE A CD2   1 
ATOM   253  C  CE1   . PHE A 1 45  ? 1.422   5.725   -1.078  1.00 52.83  ? 44  PHE A CE1   1 
ATOM   254  C  CE2   . PHE A 1 45  ? 2.873   4.629   0.473   1.00 53.64  ? 44  PHE A CE2   1 
ATOM   255  C  CZ    . PHE A 1 45  ? 2.699   5.472   -0.615  1.00 51.00  ? 44  PHE A CZ    1 
ATOM   256  N  N     . VAL A 1 46  ? 0.307   4.487   4.090   1.00 50.65  ? 45  VAL A N     1 
ATOM   257  C  CA    . VAL A 1 46  ? 1.590   4.795   4.713   1.00 51.53  ? 45  VAL A CA    1 
ATOM   258  C  C     . VAL A 1 46  ? 2.489   3.593   4.667   1.00 52.02  ? 45  VAL A C     1 
ATOM   259  O  O     . VAL A 1 46  ? 2.032   2.457   4.670   1.00 48.95  ? 45  VAL A O     1 
ATOM   260  C  CB    . VAL A 1 46  ? 1.482   5.242   6.180   1.00 51.01  ? 45  VAL A CB    1 
ATOM   261  C  CG1   . VAL A 1 46  ? 0.697   6.504   6.251   1.00 56.26  ? 45  VAL A CG1   1 
ATOM   262  C  CG2   . VAL A 1 46  ? 0.850   4.150   7.052   1.00 49.78  ? 45  VAL A CG2   1 
ATOM   263  N  N     . TRP A 1 47  ? 3.778   3.883   4.606   1.00 56.55  ? 46  TRP A N     1 
ATOM   264  C  CA    . TRP A 1 47  ? 4.822   2.881   4.660   1.00 60.75  ? 46  TRP A CA    1 
ATOM   265  C  C     . TRP A 1 47  ? 5.345   2.906   6.098   1.00 64.98  ? 46  TRP A C     1 
ATOM   266  O  O     . TRP A 1 47  ? 5.721   3.961   6.614   1.00 65.00  ? 46  TRP A O     1 
ATOM   267  C  CB    . TRP A 1 47  ? 5.888   3.260   3.655   1.00 60.19  ? 46  TRP A CB    1 
ATOM   268  C  CG    . TRP A 1 47  ? 7.159   2.511   3.727   1.00 58.38  ? 46  TRP A CG    1 
ATOM   269  C  CD1   . TRP A 1 47  ? 8.371   3.004   4.109   1.00 53.65  ? 46  TRP A CD1   1 
ATOM   270  C  CD2   . TRP A 1 47  ? 7.374   1.146   3.356   1.00 53.47  ? 46  TRP A CD2   1 
ATOM   271  N  NE1   . TRP A 1 47  ? 9.324   2.024   4.007   1.00 52.96  ? 46  TRP A NE1   1 
ATOM   272  C  CE2   . TRP A 1 47  ? 8.738   0.873   3.555   1.00 50.57  ? 46  TRP A CE2   1 
ATOM   273  C  CE3   . TRP A 1 47  ? 6.546   0.131   2.875   1.00 50.95  ? 46  TRP A CE3   1 
ATOM   274  C  CZ2   . TRP A 1 47  ? 9.296   -0.375  3.290   1.00 56.22  ? 46  TRP A CZ2   1 
ATOM   275  C  CZ3   . TRP A 1 47  ? 7.098   -1.098  2.595   1.00 51.88  ? 46  TRP A CZ3   1 
ATOM   276  C  CH2   . TRP A 1 47  ? 8.461   -1.348  2.812   1.00 56.21  ? 46  TRP A CH2   1 
ATOM   277  N  N     . HIS A 1 48  ? 5.314   1.755   6.758   1.00 69.49  ? 47  HIS A N     1 
ATOM   278  C  CA    . HIS A 1 48  ? 5.580   1.674   8.193   1.00 72.87  ? 47  HIS A CA    1 
ATOM   279  C  C     . HIS A 1 48  ? 6.044   0.252   8.435   1.00 74.28  ? 47  HIS A C     1 
ATOM   280  O  O     . HIS A 1 48  ? 5.716   -0.646  7.639   1.00 74.48  ? 47  HIS A O     1 
ATOM   281  C  CB    . HIS A 1 48  ? 4.300   1.973   8.950   1.00 74.86  ? 47  HIS A CB    1 
ATOM   282  C  CG    . HIS A 1 48  ? 4.501   2.319   10.391  1.00 85.34  ? 47  HIS A CG    1 
ATOM   283  N  ND1   . HIS A 1 48  ? 4.320   3.598   10.878  1.00 92.52  ? 47  HIS A ND1   1 
ATOM   284  C  CD2   . HIS A 1 48  ? 4.831   1.550   11.457  1.00 89.86  ? 47  HIS A CD2   1 
ATOM   285  C  CE1   . HIS A 1 48  ? 4.546   3.604   12.179  1.00 92.90  ? 47  HIS A CE1   1 
ATOM   286  N  NE2   . HIS A 1 48  ? 4.857   2.375   12.554  1.00 94.85  ? 47  HIS A NE2   1 
ATOM   287  N  N     . ASN A 1 49  ? 6.824   0.013   9.490   1.00 74.88  ? 48  ASN A N     1 
ATOM   288  C  CA    . ASN A 1 49  ? 7.480   -1.280  9.586   1.00 74.43  ? 48  ASN A CA    1 
ATOM   289  C  C     . ASN A 1 49  ? 8.080   -1.525  8.202   1.00 73.04  ? 48  ASN A C     1 
ATOM   290  O  O     . ASN A 1 49  ? 8.563   -0.603  7.547   1.00 75.51  ? 48  ASN A O     1 
ATOM   291  C  CB    . ASN A 1 49  ? 6.478   -2.392  9.928   1.00 76.58  ? 48  ASN A CB    1 
ATOM   292  C  CG    . ASN A 1 49  ? 6.480   -2.769  11.403  1.00 82.81  ? 48  ASN A CG    1 
ATOM   293  O  OD1   . ASN A 1 49  ? 7.525   -3.075  11.984  1.00 86.37  ? 48  ASN A OD1   1 
ATOM   294  N  ND2   . ASN A 1 49  ? 5.294   -2.790  12.003  1.00 89.16  ? 48  ASN A ND2   1 
ATOM   295  N  N     . HIS A 1 50  ? 8.037   -2.758  7.733   1.00 69.93  ? 49  HIS A N     1 
ATOM   296  C  CA    . HIS A 1 50  ? 8.526   -3.064  6.400   1.00 66.50  ? 49  HIS A CA    1 
ATOM   297  C  C     . HIS A 1 50  ? 7.242   -3.351  5.638   1.00 63.15  ? 49  HIS A C     1 
ATOM   298  O  O     . HIS A 1 50  ? 7.064   -4.433  5.052   1.00 61.39  ? 49  HIS A O     1 
ATOM   299  C  CB    . HIS A 1 50  ? 9.467   -4.283  6.469   1.00 66.30  ? 49  HIS A CB    1 
ATOM   300  C  CG    . HIS A 1 50  ? 10.294  -4.501  5.240   1.00 69.41  ? 49  HIS A CG    1 
ATOM   301  N  ND1   . HIS A 1 50  ? 11.159  -3.548  4.744   1.00 75.11  ? 49  HIS A ND1   1 
ATOM   302  C  CD2   . HIS A 1 50  ? 10.399  -5.573  4.416   1.00 75.57  ? 49  HIS A CD2   1 
ATOM   303  C  CE1   . HIS A 1 50  ? 11.751  -4.018  3.656   1.00 79.71  ? 49  HIS A CE1   1 
ATOM   304  N  NE2   . HIS A 1 50  ? 11.303  -5.243  3.433   1.00 76.78  ? 49  HIS A NE2   1 
ATOM   305  N  N     . ALA A 1 51  ? 6.309   -2.396  5.694   1.00 59.63  ? 50  ALA A N     1 
ATOM   306  C  CA    . ALA A 1 51  ? 4.956   -2.679  5.210   1.00 57.29  ? 50  ALA A CA    1 
ATOM   307  C  C     . ALA A 1 51  ? 4.127   -1.470  4.787   1.00 54.37  ? 50  ALA A C     1 
ATOM   308  O  O     . ALA A 1 51  ? 4.366   -0.340  5.213   1.00 54.72  ? 50  ALA A O     1 
ATOM   309  C  CB    . ALA A 1 51  ? 4.184   -3.500  6.270   1.00 57.81  ? 50  ALA A CB    1 
ATOM   310  N  N     . ILE A 1 52  ? 3.117   -1.762  3.968   1.00 51.64  ? 51  ILE A N     1 
ATOM   311  C  CA    . ILE A 1 52  ? 2.142   -0.792  3.498   1.00 48.08  ? 51  ILE A CA    1 
ATOM   312  C  C     . ILE A 1 52  ? 0.839   -1.014  4.271   1.00 47.96  ? 51  ILE A C     1 
ATOM   313  O  O     . ILE A 1 52  ? 0.323   -2.143  4.348   1.00 45.07  ? 51  ILE A O     1 
ATOM   314  C  CB    . ILE A 1 52  ? 1.866   -0.996  1.971   1.00 48.25  ? 51  ILE A CB    1 
ATOM   315  C  CG1   . ILE A 1 52  ? 3.130   -0.739  1.120   1.00 47.82  ? 51  ILE A CG1   1 
ATOM   316  C  CG2   . ILE A 1 52  ? 0.729   -0.121  1.509   1.00 47.91  ? 51  ILE A CG2   1 
ATOM   317  C  CD1   . ILE A 1 52  ? 3.587   0.726   1.072   1.00 49.88  ? 51  ILE A CD1   1 
ATOM   318  N  N     . TYR A 1 53  ? 0.311   0.060   4.844   1.00 47.57  ? 52  TYR A N     1 
ATOM   319  C  CA    . TYR A 1 53  ? -0.967  0.019   5.512   1.00 48.84  ? 52  TYR A CA    1 
ATOM   320  C  C     . TYR A 1 53  ? -1.928  0.962   4.823   1.00 49.01  ? 52  TYR A C     1 
ATOM   321  O  O     . TYR A 1 53  ? -1.536  2.029   4.374   1.00 50.80  ? 52  TYR A O     1 
ATOM   322  C  CB    . TYR A 1 53  ? -0.844  0.505   6.952   1.00 50.05  ? 52  TYR A CB    1 
ATOM   323  C  CG    . TYR A 1 53  ? 0.011   -0.329  7.860   1.00 52.51  ? 52  TYR A CG    1 
ATOM   324  C  CD1   . TYR A 1 53  ? 1.385   -0.132  7.924   1.00 52.92  ? 52  TYR A CD1   1 
ATOM   325  C  CD2   . TYR A 1 53  ? -0.556  -1.285  8.690   1.00 53.63  ? 52  TYR A CD2   1 
ATOM   326  C  CE1   . TYR A 1 53  ? 2.169   -0.887  8.765   1.00 55.36  ? 52  TYR A CE1   1 
ATOM   327  C  CE2   . TYR A 1 53  ? 0.222   -2.039  9.537   1.00 55.12  ? 52  TYR A CE2   1 
ATOM   328  C  CZ    . TYR A 1 53  ? 1.583   -1.836  9.572   1.00 57.02  ? 52  TYR A CZ    1 
ATOM   329  O  OH    . TYR A 1 53  ? 2.367   -2.582  10.410  1.00 52.90  ? 52  TYR A OH    1 
ATOM   330  N  N     . PHE A 1 54  ? -3.199  0.605   4.783   1.00 47.71  ? 53  PHE A N     1 
ATOM   331  C  CA    . PHE A 1 54  ? -4.202  1.563   4.375   1.00 47.23  ? 53  PHE A CA    1 
ATOM   332  C  C     . PHE A 1 54  ? -5.504  1.301   5.129   1.00 48.75  ? 53  PHE A C     1 
ATOM   333  O  O     . PHE A 1 54  ? -5.706  0.222   5.663   1.00 49.81  ? 53  PHE A O     1 
ATOM   334  C  CB    . PHE A 1 54  ? -4.396  1.524   2.856   1.00 47.40  ? 53  PHE A CB    1 
ATOM   335  C  CG    . PHE A 1 54  ? -4.963  0.227   2.329   1.00 45.51  ? 53  PHE A CG    1 
ATOM   336  C  CD1   . PHE A 1 54  ? -6.334  0.036   2.244   1.00 54.07  ? 53  PHE A CD1   1 
ATOM   337  C  CD2   . PHE A 1 54  ? -4.129  -0.777  1.880   1.00 46.03  ? 53  PHE A CD2   1 
ATOM   338  C  CE1   . PHE A 1 54  ? -6.871  -1.164  1.746   1.00 47.79  ? 53  PHE A CE1   1 
ATOM   339  C  CE2   . PHE A 1 54  ? -4.649  -1.981  1.378   1.00 43.99  ? 53  PHE A CE2   1 
ATOM   340  C  CZ    . PHE A 1 54  ? -6.028  -2.168  1.313   1.00 42.67  ? 53  PHE A CZ    1 
ATOM   341  N  N     . HIS A 1 55  ? -6.351  2.318   5.202   1.00 49.87  ? 54  HIS A N     1 
ATOM   342  C  CA    . HIS A 1 55  ? -7.644  2.223   5.832   1.00 51.72  ? 54  HIS A CA    1 
ATOM   343  C  C     . HIS A 1 55  ? -8.653  2.070   4.711   1.00 53.03  ? 54  HIS A C     1 
ATOM   344  O  O     . HIS A 1 55  ? -8.594  2.794   3.728   1.00 54.62  ? 54  HIS A O     1 
ATOM   345  C  CB    . HIS A 1 55  ? -7.916  3.491   6.634   1.00 51.60  ? 54  HIS A CB    1 
ATOM   346  C  CG    . HIS A 1 55  ? -9.195  3.461   7.415   1.00 57.18  ? 54  HIS A CG    1 
ATOM   347  N  ND1   . HIS A 1 55  ? -9.918  4.599   7.699   1.00 63.26  ? 54  HIS A ND1   1 
ATOM   348  C  CD2   . HIS A 1 55  ? -9.878  2.438   7.977   1.00 66.75  ? 54  HIS A CD2   1 
ATOM   349  C  CE1   . HIS A 1 55  ? -10.988 4.281   8.402   1.00 63.92  ? 54  HIS A CE1   1 
ATOM   350  N  NE2   . HIS A 1 55  ? -10.986 2.975   8.589   1.00 67.74  ? 54  HIS A NE2   1 
ATOM   351  N  N     . GLY A 1 56  ? -9.567  1.118   4.848   1.00 53.88  ? 55  GLY A N     1 
ATOM   352  C  CA    . GLY A 1 56  ? -10.506 0.802   3.782   1.00 54.45  ? 55  GLY A CA    1 
ATOM   353  C  C     . GLY A 1 56  ? -11.803 0.218   4.300   1.00 55.15  ? 55  GLY A C     1 
ATOM   354  O  O     . GLY A 1 56  ? -11.849 -0.353  5.386   1.00 54.48  ? 55  GLY A O     1 
ATOM   355  N  N     . ALA A 1 57  ? -12.867 0.378   3.525   1.00 55.89  ? 56  ALA A N     1 
ATOM   356  C  CA    . ALA A 1 57  ? -14.132 -0.247  3.857   1.00 56.38  ? 56  ALA A CA    1 
ATOM   357  C  C     . ALA A 1 57  ? -13.896 -1.747  3.824   1.00 58.19  ? 56  ALA A C     1 
ATOM   358  O  O     . ALA A 1 57  ? -13.195 -2.243  2.933   1.00 61.19  ? 56  ALA A O     1 
ATOM   359  C  CB    . ALA A 1 57  ? -15.210 0.156   2.867   1.00 53.69  ? 56  ALA A CB    1 
ATOM   360  N  N     . SER A 1 58  ? -14.454 -2.470  4.794   1.00 59.04  ? 57  SER A N     1 
ATOM   361  C  CA    . SER A 1 58  ? -14.290 -3.924  4.830   1.00 60.67  ? 57  SER A CA    1 
ATOM   362  C  C     . SER A 1 58  ? -15.363 -4.628  4.005   1.00 59.57  ? 57  SER A C     1 
ATOM   363  O  O     . SER A 1 58  ? -15.663 -5.788  4.224   1.00 61.61  ? 57  SER A O     1 
ATOM   364  C  CB    . SER A 1 58  ? -14.278 -4.440  6.267   1.00 60.27  ? 57  SER A CB    1 
ATOM   365  O  OG    . SER A 1 58  ? -15.324 -3.863  7.020   1.00 65.82  ? 57  SER A OG    1 
ATOM   366  N  N     . GLU A 1 59  ? -15.927 -3.918  3.041   1.00 59.43  ? 58  GLU A N     1 
ATOM   367  C  CA    . GLU A 1 59  ? -16.833 -4.514  2.075   1.00 59.77  ? 58  GLU A CA    1 
ATOM   368  C  C     . GLU A 1 59  ? -16.420 -4.033  0.688   1.00 59.01  ? 58  GLU A C     1 
ATOM   369  O  O     . GLU A 1 59  ? -15.715 -3.025  0.561   1.00 60.38  ? 58  GLU A O     1 
ATOM   370  C  CB    . GLU A 1 59  ? -18.281 -4.090  2.375   1.00 60.79  ? 58  GLU A CB    1 
ATOM   371  N  N     . GLY A 1 60  ? -16.843 -4.743  -0.351  1.00 57.65  ? 59  GLY A N     1 
ATOM   372  C  CA    . GLY A 1 60  ? -16.561 -4.321  -1.729  1.00 55.93  ? 59  GLY A CA    1 
ATOM   373  C  C     . GLY A 1 60  ? -15.794 -5.363  -2.538  1.00 54.94  ? 59  GLY A C     1 
ATOM   374  O  O     . GLY A 1 60  ? -15.373 -6.397  -2.012  1.00 53.62  ? 59  GLY A O     1 
ATOM   375  N  N     . ARG A 1 61  ? -15.613 -5.084  -3.827  1.00 53.14  ? 60  ARG A N     1 
ATOM   376  C  CA    . ARG A 1 61  ? -14.902 -5.995  -4.713  1.00 53.92  ? 60  ARG A CA    1 
ATOM   377  C  C     . ARG A 1 61  ? -13.510 -6.285  -4.193  1.00 55.37  ? 60  ARG A C     1 
ATOM   378  O  O     . ARG A 1 61  ? -13.060 -7.443  -4.156  1.00 54.48  ? 60  ARG A O     1 
ATOM   379  C  CB    . ARG A 1 61  ? -14.795 -5.395  -6.103  1.00 53.35  ? 60  ARG A CB    1 
ATOM   380  C  CG    . ARG A 1 61  ? -14.040 -6.264  -7.058  1.00 53.52  ? 60  ARG A CG    1 
ATOM   381  C  CD    . ARG A 1 61  ? -14.216 -5.798  -8.494  1.00 52.26  ? 60  ARG A CD    1 
ATOM   382  N  NE    . ARG A 1 61  ? -13.469 -6.666  -9.402  1.00 60.20  ? 60  ARG A NE    1 
ATOM   383  C  CZ    . ARG A 1 61  ? -13.513 -6.596  -10.730 1.00 63.42  ? 60  ARG A CZ    1 
ATOM   384  N  NH1   . ARG A 1 61  ? -14.273 -5.685  -11.325 1.00 66.66  ? 60  ARG A NH1   1 
ATOM   385  N  NH2   . ARG A 1 61  ? -12.789 -7.438  -11.465 1.00 65.99  ? 60  ARG A NH2   1 
ATOM   386  N  N     . LYS A 1 62  ? -12.828 -5.225  -3.769  1.00 55.38  ? 61  LYS A N     1 
ATOM   387  C  CA    . LYS A 1 62  ? -11.476 -5.394  -3.251  1.00 57.00  ? 61  LYS A CA    1 
ATOM   388  C  C     . LYS A 1 62  ? -11.407 -6.468  -2.161  1.00 56.33  ? 61  LYS A C     1 
ATOM   389  O  O     . LYS A 1 62  ? -10.454 -7.241  -2.118  1.00 56.03  ? 61  LYS A O     1 
ATOM   390  C  CB    . LYS A 1 62  ? -10.891 -4.059  -2.757  1.00 56.86  ? 61  LYS A CB    1 
ATOM   391  C  CG    . LYS A 1 62  ? -11.492 -3.499  -1.476  1.00 55.91  ? 61  LYS A CG    1 
ATOM   392  C  CD    . LYS A 1 62  ? -11.081 -2.028  -1.284  1.00 55.43  ? 61  LYS A CD    1 
ATOM   393  C  CE    . LYS A 1 62  ? -11.700 -1.407  -0.047  1.00 56.28  ? 61  LYS A CE    1 
ATOM   394  N  NZ    . LYS A 1 62  ? -13.197 -1.358  -0.134  1.00 47.47  ? 61  LYS A NZ    1 
ATOM   395  N  N     . ILE A 1 63  ? -12.415 -6.528  -1.298  1.00 56.53  ? 62  ILE A N     1 
ATOM   396  C  CA    . ILE A 1 63  ? -12.380 -7.441  -0.152  1.00 55.51  ? 62  ILE A CA    1 
ATOM   397  C  C     . ILE A 1 63  ? -12.810 -8.851  -0.522  1.00 55.92  ? 62  ILE A C     1 
ATOM   398  O  O     . ILE A 1 63  ? -12.293 -9.822  0.016   1.00 56.51  ? 62  ILE A O     1 
ATOM   399  C  CB    . ILE A 1 63  ? -13.237 -6.921  1.014   1.00 55.17  ? 62  ILE A CB    1 
ATOM   400  C  CG1   . ILE A 1 63  ? -12.687 -5.579  1.515   1.00 54.23  ? 62  ILE A CG1   1 
ATOM   401  C  CG2   . ILE A 1 63  ? -13.240 -7.908  2.164   1.00 51.71  ? 62  ILE A CG2   1 
ATOM   402  C  CD1   . ILE A 1 63  ? -11.274 -5.651  2.082   1.00 56.74  ? 62  ILE A CD1   1 
ATOM   403  N  N     . LYS A 1 64  ? -13.742 -8.988  -1.451  1.00 57.48  ? 63  LYS A N     1 
ATOM   404  C  CA    . LYS A 1 64  ? -14.023 -10.318 -1.984  1.00 57.97  ? 63  LYS A CA    1 
ATOM   405  C  C     . LYS A 1 64  ? -12.745 -10.923 -2.580  1.00 59.31  ? 63  LYS A C     1 
ATOM   406  O  O     . LYS A 1 64  ? -12.367 -12.064 -2.269  1.00 59.51  ? 63  LYS A O     1 
ATOM   407  C  CB    . LYS A 1 64  ? -15.128 -10.265 -3.037  1.00 57.88  ? 63  LYS A CB    1 
ATOM   408  C  CG    . LYS A 1 64  ? -16.514 -10.045 -2.470  1.00 60.57  ? 63  LYS A CG    1 
HETATM 409  N  N     . MSE A 1 65  ? -12.052 -10.160 -3.419  1.00 60.11  ? 64  MSE A N     1 
HETATM 410  C  CA    . MSE A 1 65  ? -10.856 -10.700 -4.086  1.00 60.25  ? 64  MSE A CA    1 
HETATM 411  C  C     . MSE A 1 65  ? -9.747  -11.088 -3.105  1.00 61.17  ? 64  MSE A C     1 
HETATM 412  O  O     . MSE A 1 65  ? -9.078  -12.120 -3.265  1.00 59.60  ? 64  MSE A O     1 
HETATM 413  C  CB    . MSE A 1 65  ? -10.341 -9.702  -5.108  1.00 59.42  ? 64  MSE A CB    1 
HETATM 414  C  CG    . MSE A 1 65  ? -11.326 -9.489  -6.218  1.00 57.52  ? 64  MSE A CG    1 
HETATM 415  SE SE    . MSE A 1 65  ? -10.690 -8.261  -7.523  0.70 55.94  ? 64  MSE A SE    1 
HETATM 416  C  CE    . MSE A 1 65  ? -9.273  -9.306  -8.179  1.00 52.01  ? 64  MSE A CE    1 
ATOM   417  N  N     . ILE A 1 66  ? -9.578  -10.263 -2.078  1.00 61.20  ? 65  ILE A N     1 
ATOM   418  C  CA    . ILE A 1 66  ? -8.552  -10.481 -1.072  1.00 61.93  ? 65  ILE A CA    1 
ATOM   419  C  C     . ILE A 1 66  ? -8.814  -11.762 -0.285  1.00 63.33  ? 65  ILE A C     1 
ATOM   420  O  O     . ILE A 1 66  ? -7.903  -12.535 0.011   1.00 63.41  ? 65  ILE A O     1 
ATOM   421  C  CB    . ILE A 1 66  ? -8.493  -9.271  -0.128  1.00 61.16  ? 65  ILE A CB    1 
ATOM   422  C  CG1   . ILE A 1 66  ? -7.580  -8.216  -0.728  1.00 67.32  ? 65  ILE A CG1   1 
ATOM   423  C  CG2   . ILE A 1 66  ? -8.008  -9.659  1.255   1.00 62.10  ? 65  ILE A CG2   1 
ATOM   424  C  CD1   . ILE A 1 66  ? -7.657  -6.874  -0.012  1.00 73.81  ? 65  ILE A CD1   1 
ATOM   425  N  N     . GLU A 1 67  ? -10.069 -11.979 0.070   1.00 65.33  ? 66  GLU A N     1 
ATOM   426  C  CA    . GLU A 1 67  ? -10.425 -13.165 0.817   1.00 67.02  ? 66  GLU A CA    1 
ATOM   427  C  C     . GLU A 1 67  ? -10.172 -14.379 -0.060  1.00 65.72  ? 66  GLU A C     1 
ATOM   428  O  O     . GLU A 1 67  ? -9.730  -15.423 0.417   1.00 68.19  ? 66  GLU A O     1 
ATOM   429  C  CB    . GLU A 1 67  ? -11.872 -13.077 1.307   1.00 67.91  ? 66  GLU A CB    1 
ATOM   430  C  CG    . GLU A 1 67  ? -11.988 -12.168 2.542   1.00 76.65  ? 66  GLU A CG    1 
ATOM   431  C  CD    . GLU A 1 67  ? -13.406 -11.669 2.830   1.00 86.13  ? 66  GLU A CD    1 
ATOM   432  O  OE1   . GLU A 1 67  ? -14.355 -12.053 2.103   1.00 89.85  ? 66  GLU A OE1   1 
ATOM   433  O  OE2   . GLU A 1 67  ? -13.562 -10.881 3.796   1.00 86.60  ? 66  GLU A OE2   1 
ATOM   434  N  N     . ALA A 1 68  ? -10.406 -14.228 -1.354  1.00 63.94  ? 67  ALA A N     1 
ATOM   435  C  CA    . ALA A 1 68  ? -10.105 -15.297 -2.299  1.00 62.46  ? 67  ALA A CA    1 
ATOM   436  C  C     . ALA A 1 68  ? -8.595  -15.442 -2.542  1.00 62.80  ? 67  ALA A C     1 
ATOM   437  O  O     . ALA A 1 68  ? -8.083  -16.551 -2.567  1.00 65.12  ? 67  ALA A O     1 
ATOM   438  C  CB    . ALA A 1 68  ? -10.844 -15.064 -3.616  1.00 60.36  ? 67  ALA A CB    1 
ATOM   439  N  N     . ASN A 1 69  ? -7.876  -14.332 -2.704  1.00 61.61  ? 68  ASN A N     1 
ATOM   440  C  CA    . ASN A 1 69  ? -6.462  -14.393 -3.093  1.00 58.85  ? 68  ASN A CA    1 
ATOM   441  C  C     . ASN A 1 69  ? -5.685  -13.230 -2.511  1.00 56.79  ? 68  ASN A C     1 
ATOM   442  O  O     . ASN A 1 69  ? -5.697  -12.153 -3.081  1.00 56.45  ? 68  ASN A O     1 
ATOM   443  C  CB    . ASN A 1 69  ? -6.357  -14.343 -4.619  1.00 59.26  ? 68  ASN A CB    1 
ATOM   444  C  CG    . ASN A 1 69  ? -4.938  -14.211 -5.099  1.00 57.81  ? 68  ASN A CG    1 
ATOM   445  O  OD1   . ASN A 1 69  ? -4.000  -14.590 -4.401  1.00 57.25  ? 68  ASN A OD1   1 
ATOM   446  N  ND2   . ASN A 1 69  ? -4.769  -13.677 -6.293  1.00 59.64  ? 68  ASN A ND2   1 
ATOM   447  N  N     . PRO A 1 70  ? -5.023  -13.437 -1.365  1.00 55.93  ? 69  PRO A N     1 
ATOM   448  C  CA    . PRO A 1 70  ? -4.309  -12.394 -0.623  1.00 53.76  ? 69  PRO A CA    1 
ATOM   449  C  C     . PRO A 1 70  ? -2.932  -12.069 -1.162  1.00 52.36  ? 69  PRO A C     1 
ATOM   450  O  O     . PRO A 1 70  ? -2.203  -11.289 -0.549  1.00 51.65  ? 69  PRO A O     1 
ATOM   451  C  CB    . PRO A 1 70  ? -4.163  -13.002 0.784   1.00 54.70  ? 69  PRO A CB    1 
ATOM   452  C  CG    . PRO A 1 70  ? -4.140  -14.460 0.565   1.00 53.73  ? 69  PRO A CG    1 
ATOM   453  C  CD    . PRO A 1 70  ? -4.957  -14.741 -0.677  1.00 57.72  ? 69  PRO A CD    1 
ATOM   454  N  N     . GLU A 1 71  ? -2.557  -12.679 -2.276  1.00 51.59  ? 70  GLU A N     1 
ATOM   455  C  CA    . GLU A 1 71  ? -1.326  -12.306 -2.937  1.00 51.77  ? 70  GLU A CA    1 
ATOM   456  C  C     . GLU A 1 71  ? -1.564  -11.039 -3.750  1.00 50.51  ? 70  GLU A C     1 
ATOM   457  O  O     . GLU A 1 71  ? -2.413  -11.010 -4.663  1.00 49.42  ? 70  GLU A O     1 
ATOM   458  C  CB    . GLU A 1 71  ? -0.844  -13.438 -3.841  1.00 54.65  ? 70  GLU A CB    1 
ATOM   459  C  CG    . GLU A 1 71  ? -0.070  -14.517 -3.085  1.00 64.32  ? 70  GLU A CG    1 
ATOM   460  C  CD    . GLU A 1 71  ? 1.304   -14.043 -2.655  1.00 75.97  ? 70  GLU A CD    1 
ATOM   461  O  OE1   . GLU A 1 71  ? 1.992   -13.412 -3.496  1.00 84.07  ? 70  GLU A OE1   1 
ATOM   462  O  OE2   . GLU A 1 71  ? 1.690   -14.296 -1.486  1.00 83.39  ? 70  GLU A OE2   1 
ATOM   463  N  N     . VAL A 1 72  ? -0.830  -9.983  -3.420  1.00 48.46  ? 71  VAL A N     1 
ATOM   464  C  CA    . VAL A 1 72  ? -1.100  -8.697  -4.055  1.00 49.06  ? 71  VAL A CA    1 
ATOM   465  C  C     . VAL A 1 72  ? 0.150   -8.005  -4.535  1.00 48.51  ? 71  VAL A C     1 
ATOM   466  O  O     . VAL A 1 72  ? 1.264   -8.424  -4.271  1.00 50.20  ? 71  VAL A O     1 
ATOM   467  C  CB    . VAL A 1 72  ? -1.851  -7.727  -3.114  1.00 47.19  ? 71  VAL A CB    1 
ATOM   468  C  CG1   . VAL A 1 72  ? -3.117  -8.372  -2.593  1.00 50.43  ? 71  VAL A CG1   1 
ATOM   469  C  CG2   . VAL A 1 72  ? -0.960  -7.308  -1.970  1.00 44.54  ? 71  VAL A CG2   1 
ATOM   470  N  N     . CYS A 1 73  ? -0.076  -6.907  -5.229  1.00 49.65  ? 72  CYS A N     1 
ATOM   471  C  CA    . CYS A 1 73  ? 0.982   -6.047  -5.727  1.00 48.94  ? 72  CYS A CA    1 
ATOM   472  C  C     . CYS A 1 73  ? 0.673   -4.603  -5.326  1.00 46.06  ? 72  CYS A C     1 
ATOM   473  O  O     . CYS A 1 73  ? -0.470  -4.177  -5.399  1.00 47.10  ? 72  CYS A O     1 
ATOM   474  C  CB    . CYS A 1 73  ? 1.002   -6.174  -7.244  1.00 49.16  ? 72  CYS A CB    1 
ATOM   475  S  SG    . CYS A 1 73  ? 2.270   -5.266  -7.965  1.00 58.51  ? 72  CYS A SG    1 
ATOM   476  N  N     . PHE A 1 74  ? 1.668   -3.842  -4.901  1.00 44.85  ? 73  PHE A N     1 
ATOM   477  C  CA    . PHE A 1 74  ? 1.439   -2.422  -4.618  1.00 44.32  ? 73  PHE A CA    1 
ATOM   478  C  C     . PHE A 1 74  ? 2.513   -1.560  -5.301  1.00 45.50  ? 73  PHE A C     1 
ATOM   479  O  O     . PHE A 1 74  ? 3.699   -1.700  -5.029  1.00 43.22  ? 73  PHE A O     1 
ATOM   480  C  CB    . PHE A 1 74  ? 1.414   -2.161  -3.110  1.00 44.84  ? 73  PHE A CB    1 
ATOM   481  C  CG    . PHE A 1 74  ? 0.810   -0.844  -2.732  1.00 41.22  ? 73  PHE A CG    1 
ATOM   482  C  CD1   . PHE A 1 74  ? -0.547  -0.682  -2.699  1.00 38.78  ? 73  PHE A CD1   1 
ATOM   483  C  CD2   . PHE A 1 74  ? 1.607   0.235   -2.431  1.00 44.74  ? 73  PHE A CD2   1 
ATOM   484  C  CE1   . PHE A 1 74  ? -1.109  0.536   -2.376  1.00 43.74  ? 73  PHE A CE1   1 
ATOM   485  C  CE2   . PHE A 1 74  ? 1.046   1.442   -2.094  1.00 46.07  ? 73  PHE A CE2   1 
ATOM   486  C  CZ    . PHE A 1 74  ? -0.318  1.590   -2.066  1.00 44.38  ? 73  PHE A CZ    1 
ATOM   487  N  N     . THR A 1 75  ? 2.068   -0.664  -6.184  1.00 46.20  ? 74  THR A N     1 
ATOM   488  C  CA    . THR A 1 75  ? 2.957   0.097   -7.050  1.00 45.21  ? 74  THR A CA    1 
ATOM   489  C  C     . THR A 1 75  ? 2.793   1.578   -6.808  1.00 44.75  ? 74  THR A C     1 
ATOM   490  O  O     . THR A 1 75  ? 1.692   2.095   -6.769  1.00 43.32  ? 74  THR A O     1 
ATOM   491  C  CB    . THR A 1 75  ? 2.659   -0.170  -8.525  1.00 45.51  ? 74  THR A CB    1 
ATOM   492  O  OG1   . THR A 1 75  ? 2.911   -1.541  -8.807  1.00 41.72  ? 74  THR A OG1   1 
ATOM   493  C  CG2   . THR A 1 75  ? 3.520   0.686   -9.433  1.00 47.86  ? 74  THR A CG2   1 
ATOM   494  N  N     . ILE A 1 76  ? 3.920   2.246   -6.653  1.00 47.30  ? 75  ILE A N     1 
ATOM   495  C  CA    . ILE A 1 76  ? 3.957   3.657   -6.362  1.00 50.41  ? 75  ILE A CA    1 
ATOM   496  C  C     . ILE A 1 76  ? 4.925   4.321   -7.313  1.00 52.67  ? 75  ILE A C     1 
ATOM   497  O  O     . ILE A 1 76  ? 6.026   3.817   -7.599  1.00 48.21  ? 75  ILE A O     1 
ATOM   498  C  CB    . ILE A 1 76  ? 4.452   3.906   -4.954  1.00 50.75  ? 75  ILE A CB    1 
ATOM   499  C  CG1   . ILE A 1 76  ? 3.596   3.113   -3.970  1.00 52.64  ? 75  ILE A CG1   1 
ATOM   500  C  CG2   . ILE A 1 76  ? 4.382   5.404   -4.625  1.00 52.90  ? 75  ILE A CG2   1 
ATOM   501  C  CD1   . ILE A 1 76  ? 4.393   2.457   -2.905  1.00 53.95  ? 75  ILE A CD1   1 
ATOM   502  N  N     . CYS A 1 77  ? 4.524   5.477   -7.795  1.00 56.67  ? 76  CYS A N     1 
ATOM   503  C  CA    . CYS A 1 77  ? 5.278   6.091   -8.850  1.00 61.39  ? 76  CYS A CA    1 
ATOM   504  C  C     . CYS A 1 77  ? 5.048   7.584   -8.844  1.00 63.36  ? 76  CYS A C     1 
ATOM   505  O  O     . CYS A 1 77  ? 3.917   8.043   -8.782  1.00 62.83  ? 76  CYS A O     1 
ATOM   506  C  CB    . CYS A 1 77  ? 4.858   5.438   -10.164 1.00 62.51  ? 76  CYS A CB    1 
ATOM   507  S  SG    . CYS A 1 77  ? 5.193   6.371   -11.612 1.00 65.59  ? 76  CYS A SG    1 
ATOM   508  N  N     . GLU A 1 78  ? 6.131   8.338   -8.894  1.00 68.78  ? 77  GLU A N     1 
ATOM   509  C  CA    . GLU A 1 78  ? 6.046   9.780   -8.713  1.00 75.11  ? 77  GLU A CA    1 
ATOM   510  C  C     . GLU A 1 78  ? 7.364   10.461  -9.071  1.00 78.91  ? 77  GLU A C     1 
ATOM   511  O  O     . GLU A 1 78  ? 8.267   9.848   -9.643  1.00 77.33  ? 77  GLU A O     1 
ATOM   512  C  CB    . GLU A 1 78  ? 5.650   10.114  -7.254  1.00 76.09  ? 77  GLU A CB    1 
ATOM   513  C  CG    . GLU A 1 78  ? 4.168   10.456  -7.038  1.00 79.15  ? 77  GLU A CG    1 
ATOM   514  C  CD    . GLU A 1 78  ? 3.874   11.080  -5.665  1.00 82.75  ? 77  GLU A CD    1 
ATOM   515  O  OE1   . GLU A 1 78  ? 4.802   11.634  -5.034  1.00 86.10  ? 77  GLU A OE1   1 
ATOM   516  O  OE2   . GLU A 1 78  ? 2.704   11.028  -5.222  1.00 82.40  ? 77  GLU A OE2   1 
ATOM   517  N  N     . ASP A 1 79  ? 7.468   11.728  -8.682  1.00 85.47  ? 78  ASP A N     1 
ATOM   518  C  CA    . ASP A 1 79  ? 8.500   12.631  -9.175  1.00 89.98  ? 78  ASP A CA    1 
ATOM   519  C  C     . ASP A 1 79  ? 9.886   12.513  -8.501  1.00 92.38  ? 78  ASP A C     1 
ATOM   520  O  O     . ASP A 1 79  ? 10.794  11.893  -9.056  1.00 93.01  ? 78  ASP A O     1 
ATOM   521  C  CB    . ASP A 1 79  ? 7.978   14.068  -9.080  1.00 91.24  ? 78  ASP A CB    1 
ATOM   522  C  CG    . ASP A 1 79  ? 8.671   14.998  -10.047 1.00 96.28  ? 78  ASP A CG    1 
ATOM   523  O  OD1   . ASP A 1 79  ? 8.534   14.794  -11.277 1.00 99.37  ? 78  ASP A OD1   1 
ATOM   524  O  OD2   . ASP A 1 79  ? 9.356   15.932  -9.573  1.00 106.90 ? 78  ASP A OD2   1 
ATOM   525  N  N     . LEU A 1 80  ? 10.051  13.108  -7.319  1.00 95.34  ? 79  LEU A N     1 
ATOM   526  C  CA    . LEU A 1 80  ? 11.391  13.303  -6.722  1.00 96.52  ? 79  LEU A CA    1 
ATOM   527  C  C     . LEU A 1 80  ? 12.017  11.981  -6.255  1.00 96.90  ? 79  LEU A C     1 
ATOM   528  O  O     . LEU A 1 80  ? 12.552  11.207  -7.057  1.00 97.42  ? 79  LEU A O     1 
ATOM   529  C  CB    . LEU A 1 80  ? 11.323  14.300  -5.542  1.00 97.02  ? 79  LEU A CB    1 
ATOM   530  C  CG    . LEU A 1 80  ? 10.766  15.707  -5.815  1.00 97.23  ? 79  LEU A CG    1 
ATOM   531  C  CD1   . LEU A 1 80  ? 10.487  16.442  -4.517  1.00 96.96  ? 79  LEU A CD1   1 
ATOM   532  C  CD2   . LEU A 1 80  ? 11.722  16.515  -6.683  1.00 99.30  ? 79  LEU A CD2   1 
ATOM   533  N  N     . ALA A 1 94  ? 13.054  13.449  -13.605 1.00 83.89  ? 93  ALA A N     1 
ATOM   534  C  CA    . ALA A 1 94  ? 13.135  11.982  -13.576 1.00 83.16  ? 93  ALA A CA    1 
ATOM   535  C  C     . ALA A 1 94  ? 12.088  11.370  -12.634 1.00 81.82  ? 93  ALA A C     1 
ATOM   536  O  O     . ALA A 1 94  ? 11.730  11.969  -11.616 1.00 80.24  ? 93  ALA A O     1 
ATOM   537  C  CB    . ALA A 1 94  ? 14.538  11.531  -13.176 1.00 82.95  ? 93  ALA A CB    1 
ATOM   538  N  N     . TYR A 1 95  ? 11.606  10.174  -12.982 1.00 80.66  ? 94  TYR A N     1 
ATOM   539  C  CA    . TYR A 1 95  ? 10.560  9.500   -12.203 1.00 77.96  ? 94  TYR A CA    1 
ATOM   540  C  C     . TYR A 1 95  ? 11.067  8.257   -11.478 1.00 73.05  ? 94  TYR A C     1 
ATOM   541  O  O     . TYR A 1 95  ? 11.752  7.429   -12.066 1.00 72.84  ? 94  TYR A O     1 
ATOM   542  C  CB    . TYR A 1 95  ? 9.391   9.115   -13.107 1.00 79.07  ? 94  TYR A CB    1 
ATOM   543  C  CG    . TYR A 1 95  ? 8.465   10.267  -13.421 1.00 84.17  ? 94  TYR A CG    1 
ATOM   544  C  CD1   . TYR A 1 95  ? 8.762   11.162  -14.451 1.00 89.07  ? 94  TYR A CD1   1 
ATOM   545  C  CD2   . TYR A 1 95  ? 7.284   10.462  -12.694 1.00 84.40  ? 94  TYR A CD2   1 
ATOM   546  C  CE1   . TYR A 1 95  ? 7.919   12.219  -14.742 1.00 89.89  ? 94  TYR A CE1   1 
ATOM   547  C  CE2   . TYR A 1 95  ? 6.432   11.508  -12.980 1.00 85.68  ? 94  TYR A CE2   1 
ATOM   548  C  CZ    . TYR A 1 95  ? 6.758   12.389  -14.001 1.00 92.08  ? 94  TYR A CZ    1 
ATOM   549  O  OH    . TYR A 1 95  ? 5.919   13.442  -14.294 1.00 93.98  ? 94  TYR A OH    1 
HETATM 550  N  N     . MSE A 1 96  ? 10.725  8.134   -10.198 1.00 67.81  ? 95  MSE A N     1 
HETATM 551  C  CA    . MSE A 1 96  ? 10.941  6.883   -9.480  1.00 63.57  ? 95  MSE A CA    1 
HETATM 552  C  C     . MSE A 1 96  ? 9.650   6.069   -9.341  1.00 57.04  ? 95  MSE A C     1 
HETATM 553  O  O     . MSE A 1 96  ? 8.576   6.624   -9.133  1.00 51.26  ? 95  MSE A O     1 
HETATM 554  C  CB    . MSE A 1 96  ? 11.503  7.138   -8.089  1.00 64.94  ? 95  MSE A CB    1 
HETATM 555  C  CG    . MSE A 1 96  ? 12.150  5.880   -7.509  1.00 69.71  ? 95  MSE A CG    1 
HETATM 556  SE SE    . MSE A 1 96  ? 12.671  6.084   -5.658  0.70 78.88  ? 95  MSE A SE    1 
HETATM 557  C  CE    . MSE A 1 96  ? 13.011  8.079   -5.697  1.00 76.98  ? 95  MSE A CE    1 
ATOM   558  N  N     . SER A 1 97  ? 9.785   4.749   -9.439  1.00 52.82  ? 96  SER A N     1 
ATOM   559  C  CA    . SER A 1 97  ? 8.672   3.850   -9.257  1.00 52.16  ? 96  SER A CA    1 
ATOM   560  C  C     . SER A 1 97  ? 9.082   2.686   -8.382  1.00 50.04  ? 96  SER A C     1 
ATOM   561  O  O     . SER A 1 97  ? 10.144  2.115   -8.540  1.00 48.56  ? 96  SER A O     1 
ATOM   562  C  CB    . SER A 1 97  ? 8.159   3.337   -10.599 1.00 53.26  ? 96  SER A CB    1 
ATOM   563  O  OG    . SER A 1 97  ? 9.127   2.521   -11.217 1.00 58.87  ? 96  SER A OG    1 
ATOM   564  N  N     . VAL A 1 98  ? 8.234   2.348   -7.431  1.00 50.73  ? 97  VAL A N     1 
ATOM   565  C  CA    . VAL A 1 98  ? 8.497   1.216   -6.542  1.00 50.78  ? 97  VAL A CA    1 
ATOM   566  C  C     . VAL A 1 98  ? 7.376   0.199   -6.692  1.00 48.12  ? 97  VAL A C     1 
ATOM   567  O  O     . VAL A 1 98  ? 6.207   0.572   -6.773  1.00 44.84  ? 97  VAL A O     1 
ATOM   568  C  CB    . VAL A 1 98  ? 8.553   1.668   -5.065  1.00 50.16  ? 97  VAL A CB    1 
ATOM   569  C  CG1   . VAL A 1 98  ? 8.960   0.527   -4.180  1.00 52.68  ? 97  VAL A CG1   1 
ATOM   570  C  CG2   . VAL A 1 98  ? 9.524   2.819   -4.891  1.00 55.66  ? 97  VAL A CG2   1 
ATOM   571  N  N     . ILE A 1 99  ? 7.729   -1.077  -6.742  1.00 48.50  ? 98  ILE A N     1 
ATOM   572  C  CA    . ILE A 1 99  ? 6.732   -2.141  -6.760  1.00 49.19  ? 98  ILE A CA    1 
ATOM   573  C  C     . ILE A 1 99  ? 6.989   -3.031  -5.577  1.00 50.50  ? 98  ILE A C     1 
ATOM   574  O  O     . ILE A 1 99  ? 8.130   -3.393  -5.298  1.00 50.33  ? 98  ILE A O     1 
ATOM   575  C  CB    . ILE A 1 99  ? 6.782   -2.990  -8.030  1.00 49.90  ? 98  ILE A CB    1 
ATOM   576  C  CG1   . ILE A 1 99  ? 6.421   -2.144  -9.250  1.00 48.21  ? 98  ILE A CG1   1 
ATOM   577  C  CG2   . ILE A 1 99  ? 5.842   -4.186  -7.899  1.00 52.99  ? 98  ILE A CG2   1 
ATOM   578  C  CD1   . ILE A 1 99  ? 6.516   -2.891  -10.541 1.00 53.76  ? 98  ILE A CD1   1 
ATOM   579  N  N     . ILE A 1 100 ? 5.917   -3.362  -4.871  1.00 51.87  ? 99  ILE A N     1 
ATOM   580  C  CA    . ILE A 1 100 ? 5.994   -4.138  -3.649  1.00 52.39  ? 99  ILE A CA    1 
ATOM   581  C  C     . ILE A 1 100 ? 5.116   -5.347  -3.828  1.00 53.02  ? 99  ILE A C     1 
ATOM   582  O  O     . ILE A 1 100 ? 3.933   -5.214  -4.143  1.00 53.74  ? 99  ILE A O     1 
ATOM   583  C  CB    . ILE A 1 100 ? 5.498   -3.331  -2.447  1.00 52.05  ? 99  ILE A CB    1 
ATOM   584  C  CG1   . ILE A 1 100 ? 6.475   -2.195  -2.150  1.00 55.32  ? 99  ILE A CG1   1 
ATOM   585  C  CG2   . ILE A 1 100 ? 5.364   -4.225  -1.221  1.00 55.01  ? 99  ILE A CG2   1 
ATOM   586  C  CD1   . ILE A 1 100 ? 6.006   -1.228  -1.094  1.00 55.33  ? 99  ILE A CD1   1 
ATOM   587  N  N     . PHE A 1 101 ? 5.706   -6.528  -3.671  1.00 54.27  ? 100 PHE A N     1 
ATOM   588  C  CA    . PHE A 1 101 ? 4.951   -7.774  -3.707  1.00 54.10  ? 100 PHE A CA    1 
ATOM   589  C  C     . PHE A 1 101 ? 4.847   -8.313  -2.283  1.00 53.13  ? 100 PHE A C     1 
ATOM   590  O  O     . PHE A 1 101 ? 5.736   -8.115  -1.456  1.00 51.09  ? 100 PHE A O     1 
ATOM   591  C  CB    . PHE A 1 101 ? 5.636   -8.797  -4.599  1.00 54.50  ? 100 PHE A CB    1 
ATOM   592  C  CG    . PHE A 1 101 ? 5.882   -8.322  -6.008  1.00 55.73  ? 100 PHE A CG    1 
ATOM   593  C  CD1   . PHE A 1 101 ? 7.066   -7.684  -6.346  1.00 56.18  ? 100 PHE A CD1   1 
ATOM   594  C  CD2   . PHE A 1 101 ? 4.952   -8.550  -7.000  1.00 57.61  ? 100 PHE A CD2   1 
ATOM   595  C  CE1   . PHE A 1 101 ? 7.307   -7.279  -7.633  1.00 55.90  ? 100 PHE A CE1   1 
ATOM   596  C  CE2   . PHE A 1 101 ? 5.191   -8.135  -8.289  1.00 57.14  ? 100 PHE A CE2   1 
ATOM   597  C  CZ    . PHE A 1 101 ? 6.372   -7.497  -8.603  1.00 55.16  ? 100 PHE A CZ    1 
ATOM   598  N  N     . GLY A 1 102 ? 3.739   -8.975  -1.991  1.00 53.92  ? 101 GLY A N     1 
ATOM   599  C  CA    . GLY A 1 102 ? 3.515   -9.497  -0.648  1.00 52.74  ? 101 GLY A CA    1 
ATOM   600  C  C     . GLY A 1 102 ? 2.095   -9.986  -0.477  1.00 51.77  ? 101 GLY A C     1 
ATOM   601  O  O     . GLY A 1 102 ? 1.375   -10.205 -1.453  1.00 51.15  ? 101 GLY A O     1 
ATOM   602  N  N     . THR A 1 103 ? 1.698   -10.171 0.772   1.00 52.37  ? 102 THR A N     1 
ATOM   603  C  CA    . THR A 1 103 ? 0.372   -10.671 1.079   1.00 53.50  ? 102 THR A CA    1 
ATOM   604  C  C     . THR A 1 103 ? -0.292  -9.670  1.993   1.00 52.98  ? 102 THR A C     1 
ATOM   605  O  O     . THR A 1 103 ? 0.345   -9.042  2.832   1.00 51.38  ? 102 THR A O     1 
ATOM   606  C  CB    . THR A 1 103 ? 0.393   -12.074 1.759   1.00 53.22  ? 102 THR A CB    1 
ATOM   607  O  OG1   . THR A 1 103 ? 1.408   -12.100 2.756   1.00 59.38  ? 102 THR A OG1   1 
ATOM   608  C  CG2   . THR A 1 103 ? 0.705   -13.152 0.768   1.00 55.35  ? 102 THR A CG2   1 
ATOM   609  N  N     . ILE A 1 104 ? -1.591  -9.531  1.811   1.00 53.97  ? 103 ILE A N     1 
ATOM   610  C  CA    . ILE A 1 104 ? -2.339  -8.537  2.512   1.00 54.67  ? 103 ILE A CA    1 
ATOM   611  C  C     . ILE A 1 104 ? -3.159  -9.241  3.576   1.00 54.17  ? 103 ILE A C     1 
ATOM   612  O  O     . ILE A 1 104 ? -3.506  -10.400 3.420   1.00 53.68  ? 103 ILE A O     1 
ATOM   613  C  CB    . ILE A 1 104 ? -3.251  -7.811  1.537   1.00 54.52  ? 103 ILE A CB    1 
ATOM   614  C  CG1   . ILE A 1 104 ? -3.917  -6.609  2.207   1.00 54.39  ? 103 ILE A CG1   1 
ATOM   615  C  CG2   . ILE A 1 104 ? -4.295  -8.750  1.003   1.00 57.36  ? 103 ILE A CG2   1 
ATOM   616  C  CD1   . ILE A 1 104 ? -4.553  -5.657  1.201   1.00 53.65  ? 103 ILE A CD1   1 
ATOM   617  N  N     . GLU A 1 105 ? -3.454  -8.539  4.659   1.00 54.78  ? 104 GLU A N     1 
ATOM   618  C  CA    . GLU A 1 105 ? -4.315  -9.068  5.694   1.00 56.68  ? 104 GLU A CA    1 
ATOM   619  C  C     . GLU A 1 105 ? -4.811  -7.920  6.550   1.00 54.85  ? 104 GLU A C     1 
ATOM   620  O  O     . GLU A 1 105 ? -4.103  -6.932  6.722   1.00 52.51  ? 104 GLU A O     1 
ATOM   621  C  CB    . GLU A 1 105 ? -3.549  -10.044 6.579   1.00 58.67  ? 104 GLU A CB    1 
ATOM   622  C  CG    . GLU A 1 105 ? -2.861  -9.365  7.757   1.00 70.20  ? 104 GLU A CG    1 
ATOM   623  C  CD    . GLU A 1 105 ? -1.544  -10.024 8.155   1.00 84.52  ? 104 GLU A CD    1 
ATOM   624  O  OE1   . GLU A 1 105 ? -1.477  -11.279 8.149   1.00 93.31  ? 104 GLU A OE1   1 
ATOM   625  O  OE2   . GLU A 1 105 ? -0.582  -9.277  8.475   1.00 82.26  ? 104 GLU A OE2   1 
ATOM   626  N  N     . PRO A 1 106 ? -6.014  -8.064  7.128   1.00 55.04  ? 105 PRO A N     1 
ATOM   627  C  CA    . PRO A 1 106 ? -6.541  -7.019  7.980   1.00 53.93  ? 105 PRO A CA    1 
ATOM   628  C  C     . PRO A 1 106 ? -5.818  -7.046  9.302   1.00 53.59  ? 105 PRO A C     1 
ATOM   629  O  O     . PRO A 1 106 ? -5.387  -8.094  9.741   1.00 54.91  ? 105 PRO A O     1 
ATOM   630  C  CB    . PRO A 1 106 ? -8.014  -7.389  8.134   1.00 54.32  ? 105 PRO A CB    1 
ATOM   631  C  CG    . PRO A 1 106 ? -8.061  -8.841  7.956   1.00 54.43  ? 105 PRO A CG    1 
ATOM   632  C  CD    . PRO A 1 106 ? -6.919  -9.222  7.054   1.00 55.40  ? 105 PRO A CD    1 
ATOM   633  N  N     . VAL A 1 107 ? -5.645  -5.878  9.893   1.00 54.35  ? 106 VAL A N     1 
ATOM   634  C  CA    . VAL A 1 107 ? -4.936  -5.729  11.137  1.00 54.58  ? 106 VAL A CA    1 
ATOM   635  C  C     . VAL A 1 107 ? -5.928  -5.837  12.306  1.00 55.94  ? 106 VAL A C     1 
ATOM   636  O  O     . VAL A 1 107 ? -6.956  -5.157  12.322  1.00 54.72  ? 106 VAL A O     1 
ATOM   637  C  CB    . VAL A 1 107 ? -4.228  -4.376  11.160  1.00 53.85  ? 106 VAL A CB    1 
ATOM   638  C  CG1   . VAL A 1 107 ? -3.656  -4.067  12.540  1.00 56.44  ? 106 VAL A CG1   1 
ATOM   639  C  CG2   . VAL A 1 107 ? -3.133  -4.368  10.123  1.00 57.16  ? 106 VAL A CG2   1 
ATOM   640  N  N     . SER A 1 108 ? -5.612  -6.707  13.267  1.00 57.27  ? 107 SER A N     1 
ATOM   641  C  CA    . SER A 1 108 ? -6.410  -6.860  14.496  1.00 57.32  ? 107 SER A CA    1 
ATOM   642  C  C     . SER A 1 108 ? -5.664  -6.337  15.719  1.00 57.92  ? 107 SER A C     1 
ATOM   643  O  O     . SER A 1 108 ? -6.273  -6.003  16.721  1.00 60.17  ? 107 SER A O     1 
ATOM   644  C  CB    . SER A 1 108 ? -6.755  -8.317  14.714  1.00 56.80  ? 107 SER A CB    1 
ATOM   645  O  OG    . SER A 1 108 ? -5.569  -9.082  14.731  1.00 57.68  ? 107 SER A OG    1 
ATOM   646  N  N     . ALA A 1 109 ? -4.344  -6.262  15.624  1.00 58.83  ? 108 ALA A N     1 
ATOM   647  C  CA    . ALA A 1 109 ? -3.510  -5.668  16.669  1.00 59.92  ? 108 ALA A CA    1 
ATOM   648  C  C     . ALA A 1 109 ? -3.853  -4.201  16.912  1.00 60.90  ? 108 ALA A C     1 
ATOM   649  O  O     . ALA A 1 109 ? -3.630  -3.346  16.059  1.00 60.23  ? 108 ALA A O     1 
ATOM   650  C  CB    . ALA A 1 109 ? -2.054  -5.803  16.290  1.00 60.48  ? 108 ALA A CB    1 
ATOM   651  N  N     . ILE A 1 110 ? -4.380  -3.913  18.094  1.00 62.04  ? 109 ILE A N     1 
ATOM   652  C  CA    . ILE A 1 110 ? -4.973  -2.611  18.348  1.00 62.60  ? 109 ILE A CA    1 
ATOM   653  C  C     . ILE A 1 110 ? -3.966  -1.479  18.213  1.00 63.79  ? 109 ILE A C     1 
ATOM   654  O  O     . ILE A 1 110 ? -4.279  -0.401  17.699  1.00 63.61  ? 109 ILE A O     1 
ATOM   655  C  CB    . ILE A 1 110 ? -5.613  -2.570  19.738  1.00 62.87  ? 109 ILE A CB    1 
ATOM   656  C  CG1   . ILE A 1 110 ? -6.939  -3.344  19.714  1.00 62.64  ? 109 ILE A CG1   1 
ATOM   657  C  CG2   . ILE A 1 110 ? -5.855  -1.131  20.177  1.00 60.71  ? 109 ILE A CG2   1 
ATOM   658  C  CD1   . ILE A 1 110 ? -7.297  -4.001  21.043  1.00 64.69  ? 109 ILE A CD1   1 
ATOM   659  N  N     . GLU A 1 111 ? -2.750  -1.729  18.668  1.00 64.63  ? 110 GLU A N     1 
ATOM   660  C  CA    . GLU A 1 111 ? -1.755  -0.678  18.765  1.00 65.33  ? 110 GLU A CA    1 
ATOM   661  C  C     . GLU A 1 111 ? -1.026  -0.468  17.431  1.00 64.24  ? 110 GLU A C     1 
ATOM   662  O  O     . GLU A 1 111 ? -0.802  0.663   17.013  1.00 63.53  ? 110 GLU A O     1 
ATOM   663  C  CB    . GLU A 1 111 ? -0.777  -1.011  19.895  1.00 66.26  ? 110 GLU A CB    1 
ATOM   664  C  CG    . GLU A 1 111 ? -1.468  -1.146  21.283  1.00 69.01  ? 110 GLU A CG    1 
ATOM   665  C  CD    . GLU A 1 111 ? -1.924  -2.571  21.609  1.00 67.87  ? 110 GLU A CD    1 
ATOM   666  O  OE1   . GLU A 1 111 ? -1.590  -3.497  20.837  1.00 61.19  ? 110 GLU A OE1   1 
ATOM   667  O  OE2   . GLU A 1 111 ? -2.613  -2.759  22.639  1.00 66.44  ? 110 GLU A OE2   1 
ATOM   668  N  N     . GLU A 1 112 ? -0.662  -1.564  16.774  1.00 63.74  ? 111 GLU A N     1 
ATOM   669  C  CA    . GLU A 1 112 ? -0.184  -1.505  15.397  1.00 63.90  ? 111 GLU A CA    1 
ATOM   670  C  C     . GLU A 1 112 ? -1.225  -0.746  14.558  1.00 64.66  ? 111 GLU A C     1 
ATOM   671  O  O     . GLU A 1 112 ? -0.899  0.215   13.858  1.00 65.82  ? 111 GLU A O     1 
ATOM   672  C  CB    . GLU A 1 112 ? 0.036   -2.917  14.863  1.00 63.18  ? 111 GLU A CB    1 
ATOM   673  C  CG    . GLU A 1 112 ? 0.799   -2.999  13.548  1.00 65.69  ? 111 GLU A CG    1 
ATOM   674  C  CD    . GLU A 1 112 ? 0.993   -4.434  13.066  1.00 69.52  ? 111 GLU A CD    1 
ATOM   675  O  OE1   . GLU A 1 112 ? 0.734   -5.375  13.850  1.00 80.69  ? 111 GLU A OE1   1 
ATOM   676  O  OE2   . GLU A 1 112 ? 1.397   -4.630  11.901  1.00 72.22  ? 111 GLU A OE2   1 
ATOM   677  N  N     . GLY A 1 113 ? -2.482  -1.160  14.663  1.00 64.06  ? 112 GLY A N     1 
ATOM   678  C  CA    . GLY A 1 113 ? -3.574  -0.496  13.973  1.00 64.35  ? 112 GLY A CA    1 
ATOM   679  C  C     . GLY A 1 113 ? -3.674  0.985   14.283  1.00 65.68  ? 112 GLY A C     1 
ATOM   680  O  O     . GLY A 1 113 ? -3.947  1.797   13.394  1.00 67.36  ? 112 GLY A O     1 
ATOM   681  N  N     . THR A 1 114 ? -3.448  1.349   15.541  1.00 65.79  ? 113 THR A N     1 
ATOM   682  C  CA    . THR A 1 114 ? -3.578  2.746   15.968  1.00 64.82  ? 113 THR A CA    1 
ATOM   683  C  C     . THR A 1 114 ? -2.355  3.588   15.564  1.00 62.54  ? 113 THR A C     1 
ATOM   684  O  O     . THR A 1 114 ? -2.490  4.756   15.197  1.00 59.27  ? 113 THR A O     1 
ATOM   685  C  CB    . THR A 1 114 ? -3.842  2.853   17.506  1.00 65.78  ? 113 THR A CB    1 
ATOM   686  O  OG1   . THR A 1 114 ? -5.093  2.228   17.826  1.00 68.82  ? 113 THR A OG1   1 
ATOM   687  C  CG2   . THR A 1 114 ? -3.917  4.322   17.966  1.00 67.50  ? 113 THR A CG2   1 
ATOM   688  N  N     . GLU A 1 115 ? -1.165  3.001   15.641  1.00 62.21  ? 114 GLU A N     1 
ATOM   689  C  CA    . GLU A 1 115 ? 0.029   3.682   15.168  1.00 61.36  ? 114 GLU A CA    1 
ATOM   690  C  C     . GLU A 1 115 ? -0.192  4.045   13.697  1.00 62.24  ? 114 GLU A C     1 
ATOM   691  O  O     . GLU A 1 115 ? -0.169  5.219   13.327  1.00 61.15  ? 114 GLU A O     1 
ATOM   692  C  CB    . GLU A 1 115 ? 1.261   2.793   15.328  1.00 60.81  ? 114 GLU A CB    1 
ATOM   693  N  N     . ALA A 1 116 ? -0.452  3.025   12.881  1.00 63.66  ? 115 ALA A N     1 
ATOM   694  C  CA    . ALA A 1 116 ? -0.641  3.182   11.438  1.00 64.49  ? 115 ALA A CA    1 
ATOM   695  C  C     . ALA A 1 116 ? -1.674  4.264   11.099  1.00 65.52  ? 115 ALA A C     1 
ATOM   696  O  O     . ALA A 1 116 ? -1.487  5.025   10.152  1.00 65.02  ? 115 ALA A O     1 
ATOM   697  C  CB    . ALA A 1 116 ? -1.034  1.840   10.803  1.00 63.61  ? 115 ALA A CB    1 
HETATM 698  N  N     . MSE A 1 117 ? -2.747  4.347   11.879  1.00 66.62  ? 116 MSE A N     1 
HETATM 699  C  CA    . MSE A 1 117 ? -3.761  5.366   11.638  1.00 68.98  ? 116 MSE A CA    1 
HETATM 700  C  C     . MSE A 1 117 ? -3.243  6.782   11.938  1.00 69.94  ? 116 MSE A C     1 
HETATM 701  O  O     . MSE A 1 117 ? -3.528  7.724   11.208  1.00 68.74  ? 116 MSE A O     1 
HETATM 702  C  CB    . MSE A 1 117 ? -4.986  5.093   12.495  1.00 70.08  ? 116 MSE A CB    1 
HETATM 703  C  CG    . MSE A 1 117 ? -6.145  6.050   12.230  1.00 79.95  ? 116 MSE A CG    1 
HETATM 704  SE SE    . MSE A 1 117 ? -7.038  5.745   10.486  0.70 99.71  ? 116 MSE A SE    1 
HETATM 705  C  CE    . MSE A 1 117 ? -8.223  4.258   11.007  1.00 98.40  ? 116 MSE A CE    1 
ATOM   706  N  N     . GLN A 1 118 ? -2.503  6.929   13.032  1.00 71.32  ? 117 GLN A N     1 
ATOM   707  C  CA    . GLN A 1 118 ? -1.946  8.222   13.409  1.00 71.60  ? 117 GLN A CA    1 
ATOM   708  C  C     . GLN A 1 118 ? -0.913  8.609   12.356  1.00 71.46  ? 117 GLN A C     1 
ATOM   709  O  O     . GLN A 1 118 ? -0.827  9.769   11.954  1.00 71.19  ? 117 GLN A O     1 
ATOM   710  C  CB    . GLN A 1 118 ? -1.309  8.163   14.818  1.00 71.72  ? 117 GLN A CB    1 
ATOM   711  C  CG    . GLN A 1 118 ? -0.708  9.494   15.323  1.00 71.39  ? 117 GLN A CG    1 
ATOM   712  N  N     . GLN A 1 119 ? -0.140  7.624   11.910  1.00 70.61  ? 118 GLN A N     1 
ATOM   713  C  CA    . GLN A 1 119 ? 0.886   7.855   10.910  1.00 71.12  ? 118 GLN A CA    1 
ATOM   714  C  C     . GLN A 1 119 ? 0.236   8.436   9.647   1.00 71.56  ? 118 GLN A C     1 
ATOM   715  O  O     . GLN A 1 119 ? 0.837   9.256   8.955   1.00 72.10  ? 118 GLN A O     1 
ATOM   716  C  CB    . GLN A 1 119 ? 1.647   6.554   10.604  1.00 71.12  ? 118 GLN A CB    1 
ATOM   717  C  CG    . GLN A 1 119 ? 3.089   6.758   10.152  1.00 74.71  ? 118 GLN A CG    1 
HETATM 718  N  N     . MSE A 1 120 ? -1.007  8.048   9.375   1.00 71.21  ? 119 MSE A N     1 
HETATM 719  C  CA    . MSE A 1 120 ? -1.690  8.503   8.170   1.00 70.71  ? 119 MSE A CA    1 
HETATM 720  C  C     . MSE A 1 120 ? -2.193  9.912   8.281   1.00 70.02  ? 119 MSE A C     1 
HETATM 721  O  O     . MSE A 1 120 ? -2.090  10.699  7.332   1.00 68.56  ? 119 MSE A O     1 
HETATM 722  C  CB    . MSE A 1 120 ? -2.854  7.590   7.812   1.00 69.86  ? 119 MSE A CB    1 
HETATM 723  C  CG    . MSE A 1 120 ? -2.441  6.656   6.716   1.00 77.85  ? 119 MSE A CG    1 
HETATM 724  SE SE    . MSE A 1 120 ? -3.822  5.591   5.940   0.70 83.47  ? 119 MSE A SE    1 
HETATM 725  C  CE    . MSE A 1 120 ? -4.267  4.403   7.596   1.00 58.72  ? 119 MSE A CE    1 
ATOM   726  N  N     . LEU A 1 121 ? -2.764  10.228  9.430   1.00 68.90  ? 120 LEU A N     1 
ATOM   727  C  CA    . LEU A 1 121 ? -3.252  11.571  9.649   1.00 69.36  ? 120 LEU A CA    1 
ATOM   728  C  C     . LEU A 1 121 ? -2.066  12.527  9.567   1.00 67.82  ? 120 LEU A C     1 
ATOM   729  O  O     . LEU A 1 121 ? -2.129  13.532  8.876   1.00 65.12  ? 120 LEU A O     1 
ATOM   730  C  CB    . LEU A 1 121 ? -3.954  11.678  10.996  1.00 69.65  ? 120 LEU A CB    1 
ATOM   731  C  CG    . LEU A 1 121 ? -5.097  10.679  11.166  1.00 70.35  ? 120 LEU A CG    1 
ATOM   732  C  CD1   . LEU A 1 121 ? -5.550  10.666  12.618  1.00 72.30  ? 120 LEU A CD1   1 
ATOM   733  C  CD2   . LEU A 1 121 ? -6.246  10.991  10.229  1.00 67.91  ? 120 LEU A CD2   1 
ATOM   734  N  N     . ASP A 1 122 ? -0.971  12.181  10.233  1.00 67.77  ? 121 ASP A N     1 
ATOM   735  C  CA    . ASP A 1 122 ? 0.232   12.996  10.160  1.00 69.91  ? 121 ASP A CA    1 
ATOM   736  C  C     . ASP A 1 122 ? 0.678   13.202  8.704   1.00 70.12  ? 121 ASP A C     1 
ATOM   737  O  O     . ASP A 1 122 ? 1.145   14.281  8.341   1.00 70.31  ? 121 ASP A O     1 
ATOM   738  C  CB    . ASP A 1 122 ? 1.368   12.375  10.975  1.00 70.49  ? 121 ASP A CB    1 
ATOM   739  C  CG    . ASP A 1 122 ? 1.183   12.561  12.475  1.00 74.67  ? 121 ASP A CG    1 
ATOM   740  O  OD2   . ASP A 1 122 ? 1.592   11.654  13.245  1.00 81.76  ? 121 ASP A OD2   1 
ATOM   741  N  N     . LYS A 1 123 ? 0.538   12.171  7.873   1.00 68.98  ? 122 LYS A N     1 
ATOM   742  C  CA    . LYS A 1 123 ? 0.979   12.262  6.486   1.00 66.05  ? 122 LYS A CA    1 
ATOM   743  C  C     . LYS A 1 123 ? 0.006   13.079  5.639   1.00 65.68  ? 122 LYS A C     1 
ATOM   744  O  O     . LYS A 1 123 ? 0.435   13.891  4.844   1.00 65.01  ? 122 LYS A O     1 
ATOM   745  C  CB    . LYS A 1 123 ? 1.216   10.867  5.876   1.00 64.55  ? 122 LYS A CB    1 
ATOM   746  C  CG    . LYS A 1 123 ? 1.431   10.855  4.343   1.00 59.73  ? 122 LYS A CG    1 
ATOM   747  C  CD    . LYS A 1 123 ? 2.096   9.566   3.863   1.00 53.83  ? 122 LYS A CD    1 
ATOM   748  C  CE    . LYS A 1 123 ? 2.028   9.396   2.346   1.00 52.57  ? 122 LYS A CE    1 
ATOM   749  N  NZ    . LYS A 1 123 ? 2.126   7.972   1.919   1.00 47.64  ? 122 LYS A NZ    1 
ATOM   750  N  N     . TYR A 1 124 ? -1.291  12.880  5.811   1.00 66.86  ? 123 TYR A N     1 
ATOM   751  C  CA    . TYR A 1 124 ? -2.257  13.503  4.909   1.00 68.77  ? 123 TYR A CA    1 
ATOM   752  C  C     . TYR A 1 124 ? -2.898  14.771  5.478   1.00 72.54  ? 123 TYR A C     1 
ATOM   753  O  O     . TYR A 1 124 ? -3.348  15.633  4.725   1.00 74.18  ? 123 TYR A O     1 
ATOM   754  C  CB    . TYR A 1 124 ? -3.323  12.480  4.446   1.00 66.90  ? 123 TYR A CB    1 
ATOM   755  C  CG    . TYR A 1 124 ? -2.736  11.421  3.536   1.00 64.95  ? 123 TYR A CG    1 
ATOM   756  C  CD1   . TYR A 1 124 ? -2.530  11.671  2.186   1.00 67.33  ? 123 TYR A CD1   1 
ATOM   757  C  CD2   . TYR A 1 124 ? -2.342  10.184  4.033   1.00 65.11  ? 123 TYR A CD2   1 
ATOM   758  C  CE1   . TYR A 1 124 ? -1.961  10.706  1.344   1.00 62.65  ? 123 TYR A CE1   1 
ATOM   759  C  CE2   . TYR A 1 124 ? -1.768  9.220   3.205   1.00 64.06  ? 123 TYR A CE2   1 
ATOM   760  C  CZ    . TYR A 1 124 ? -1.590  9.488   1.863   1.00 57.68  ? 123 TYR A CZ    1 
ATOM   761  O  OH    . TYR A 1 124 ? -1.020  8.549   1.047   1.00 56.66  ? 123 TYR A OH    1 
ATOM   762  N  N     . VAL A 1 125 ? -2.931  14.906  6.797   1.00 76.36  ? 124 VAL A N     1 
ATOM   763  C  CA    . VAL A 1 125 ? -3.554  16.079  7.411   1.00 78.94  ? 124 VAL A CA    1 
ATOM   764  C  C     . VAL A 1 125 ? -2.715  16.693  8.542   1.00 81.10  ? 124 VAL A C     1 
ATOM   765  O  O     . VAL A 1 125 ? -3.170  16.739  9.680   1.00 81.41  ? 124 VAL A O     1 
ATOM   766  C  CB    . VAL A 1 125 ? -4.960  15.727  7.946   1.00 78.65  ? 124 VAL A CB    1 
ATOM   767  C  CG1   . VAL A 1 125 ? -5.930  15.597  6.815   1.00 80.07  ? 124 VAL A CG1   1 
ATOM   768  C  CG2   . VAL A 1 125 ? -4.936  14.430  8.711   1.00 82.13  ? 124 VAL A CG2   1 
ATOM   769  N  N     . PRO A 1 126 ? -1.489  17.169  8.235   1.00 84.11  ? 125 PRO A N     1 
ATOM   770  C  CA    . PRO A 1 126 ? -0.671  17.814  9.263   1.00 86.20  ? 125 PRO A CA    1 
ATOM   771  C  C     . PRO A 1 126 ? -0.855  19.334  9.284   1.00 88.09  ? 125 PRO A C     1 
ATOM   772  O  O     . PRO A 1 126 ? -1.301  19.890  10.293  1.00 89.65  ? 125 PRO A O     1 
ATOM   773  C  CB    . PRO A 1 126 ? 0.757   17.461  8.837   1.00 85.79  ? 125 PRO A CB    1 
ATOM   774  C  CG    . PRO A 1 126 ? 0.685   17.350  7.317   1.00 85.48  ? 125 PRO A CG    1 
ATOM   775  C  CD    . PRO A 1 126 ? -0.784  17.131  6.939   1.00 84.77  ? 125 PRO A CD    1 
ATOM   776  N  N     . SER A 1 144 ? -17.066 7.581   6.500   1.00 87.70  ? 143 SER A N     1 
ATOM   777  C  CA    . SER A 1 144 ? -17.122 8.132   5.141   1.00 88.69  ? 143 SER A CA    1 
ATOM   778  C  C     . SER A 1 144 ? -16.756 7.130   4.022   1.00 87.86  ? 143 SER A C     1 
ATOM   779  O  O     . SER A 1 144 ? -17.174 7.315   2.875   1.00 87.82  ? 143 SER A O     1 
ATOM   780  C  CB    . SER A 1 144 ? -16.223 9.362   5.035   1.00 89.61  ? 143 SER A CB    1 
ATOM   781  O  OG    . SER A 1 144 ? -16.242 9.858   3.706   1.00 92.43  ? 143 SER A OG    1 
ATOM   782  N  N     . LEU A 1 145 ? -15.929 6.124   4.351   1.00 86.55  ? 144 LEU A N     1 
ATOM   783  C  CA    . LEU A 1 145 ? -15.822 4.862   3.590   1.00 84.55  ? 144 LEU A CA    1 
ATOM   784  C  C     . LEU A 1 145 ? -16.900 3.981   4.214   1.00 83.56  ? 144 LEU A C     1 
ATOM   785  O  O     . LEU A 1 145 ? -16.877 2.756   4.133   1.00 82.19  ? 144 LEU A O     1 
ATOM   786  C  CB    . LEU A 1 145 ? -14.438 4.235   3.786   1.00 85.03  ? 144 LEU A CB    1 
ATOM   787  C  CG    . LEU A 1 145 ? -13.190 5.060   3.423   1.00 85.84  ? 144 LEU A CG    1 
ATOM   788  C  CD1   . LEU A 1 145 ? -11.933 4.415   3.961   1.00 87.66  ? 144 LEU A CD1   1 
ATOM   789  C  CD2   . LEU A 1 145 ? -13.071 5.237   1.907   1.00 91.62  ? 144 LEU A CD2   1 
ATOM   790  N  N     . GLY A 1 146 ? -17.929 4.699   4.655   1.00 83.63  ? 145 GLY A N     1 
ATOM   791  C  CA    . GLY A 1 146 ? -18.595 4.639   5.968   1.00 82.68  ? 145 GLY A CA    1 
ATOM   792  C  C     . GLY A 1 146 ? -18.874 3.581   7.016   1.00 81.04  ? 145 GLY A C     1 
ATOM   793  O  O     . GLY A 1 146 ? -18.475 3.724   8.181   1.00 83.45  ? 145 GLY A O     1 
ATOM   794  N  N     . SER A 1 147 ? -19.616 2.557   6.623   1.00 78.66  ? 146 SER A N     1 
ATOM   795  C  CA    . SER A 1 147 ? -20.316 1.787   7.661   1.00 76.76  ? 146 SER A CA    1 
ATOM   796  C  C     . SER A 1 147 ? -19.354 0.999   8.557   1.00 73.82  ? 146 SER A C     1 
ATOM   797  O  O     . SER A 1 147 ? -19.331 1.169   9.773   1.00 74.15  ? 146 SER A O     1 
ATOM   798  C  CB    . SER A 1 147 ? -21.339 0.852   6.988   1.00 77.11  ? 146 SER A CB    1 
ATOM   799  O  OG    . SER A 1 147 ? -22.118 0.150   7.936   1.00 77.09  ? 146 SER A OG    1 
ATOM   800  N  N     . ARG A 1 148 ? -18.538 0.048   7.722   1.00 69.97  ? 147 ARG A N     1 
ATOM   801  C  CA    . ARG A 1 148 ? -17.695 -0.989  8.274   1.00 67.32  ? 147 ARG A CA    1 
ATOM   802  C  C     . ARG A 1 148 ? -16.301 -0.949  7.624   1.00 64.55  ? 147 ARG A C     1 
ATOM   803  O  O     . ARG A 1 148 ? -16.128 -1.263  6.446   1.00 63.73  ? 147 ARG A O     1 
ATOM   804  C  CB    . ARG A 1 148 ? -18.354 -2.352  8.041   1.00 67.86  ? 147 ARG A CB    1 
ATOM   805  C  CG    . ARG A 1 148 ? -19.849 -2.413  8.407   1.00 70.55  ? 147 ARG A CG    1 
ATOM   806  N  N     . THR A 1 149 ? -15.302 -0.567  8.404   1.00 61.30  ? 148 THR A N     1 
ATOM   807  C  CA    . THR A 1 149 ? -13.971 -0.393  7.883   1.00 59.45  ? 148 THR A CA    1 
ATOM   808  C  C     . THR A 1 149 ? -12.950 -1.204  8.672   1.00 56.97  ? 148 THR A C     1 
ATOM   809  O  O     . THR A 1 149 ? -13.259 -1.747  9.727   1.00 58.18  ? 148 THR A O     1 
ATOM   810  C  CB    . THR A 1 149 ? -13.561 1.106   7.893   1.00 58.93  ? 148 THR A CB    1 
ATOM   811  O  OG1   . THR A 1 149 ? -13.175 1.498   9.211   1.00 62.05  ? 148 THR A OG1   1 
ATOM   812  C  CG2   . THR A 1 149 ? -14.707 1.974   7.423   1.00 61.81  ? 148 THR A CG2   1 
ATOM   813  N  N     . ALA A 1 150 ? -11.734 -1.275  8.129   1.00 54.91  ? 149 ALA A N     1 
ATOM   814  C  CA    . ALA A 1 150 ? -10.611 -1.927  8.775   1.00 52.64  ? 149 ALA A CA    1 
ATOM   815  C  C     . ALA A 1 150 ? -9.305  -1.325  8.287   1.00 52.05  ? 149 ALA A C     1 
ATOM   816  O  O     . ALA A 1 150 ? -9.276  -0.613  7.286   1.00 54.58  ? 149 ALA A O     1 
ATOM   817  C  CB    . ALA A 1 150 ? -10.628 -3.389  8.484   1.00 51.75  ? 149 ALA A CB    1 
ATOM   818  N  N     . ILE A 1 151 ? -8.227  -1.613  9.004   1.00 49.35  ? 150 ILE A N     1 
ATOM   819  C  CA    . ILE A 1 151 ? -6.890  -1.292  8.550   1.00 48.73  ? 150 ILE A CA    1 
ATOM   820  C  C     . ILE A 1 151 ? -6.325  -2.517  7.859   1.00 49.33  ? 150 ILE A C     1 
ATOM   821  O  O     . ILE A 1 151 ? -6.414  -3.615  8.408   1.00 48.48  ? 150 ILE A O     1 
ATOM   822  C  CB    . ILE A 1 151 ? -5.963  -0.964  9.720   1.00 47.75  ? 150 ILE A CB    1 
ATOM   823  C  CG1   . ILE A 1 151 ? -6.477  0.228   10.522  1.00 49.57  ? 150 ILE A CG1   1 
ATOM   824  C  CG2   . ILE A 1 151 ? -4.581  -0.688  9.235   1.00 50.65  ? 150 ILE A CG2   1 
ATOM   825  C  CD1   . ILE A 1 151 ? -6.582  1.480   9.737   1.00 60.15  ? 150 ILE A CD1   1 
ATOM   826  N  N     . TYR A 1 152 ? -5.727  -2.342  6.674   1.00 47.97  ? 151 TYR A N     1 
ATOM   827  C  CA    . TYR A 1 152 ? -5.134  -3.472  5.959   1.00 46.78  ? 151 TYR A CA    1 
ATOM   828  C  C     . TYR A 1 152 ? -3.619  -3.345  5.874   1.00 47.05  ? 151 TYR A C     1 
ATOM   829  O  O     . TYR A 1 152 ? -3.075  -2.249  5.864   1.00 45.16  ? 151 TYR A O     1 
ATOM   830  C  CB    . TYR A 1 152 ? -5.754  -3.618  4.578   1.00 47.42  ? 151 TYR A CB    1 
ATOM   831  C  CG    . TYR A 1 152 ? -7.203  -3.980  4.664   1.00 47.25  ? 151 TYR A CG    1 
ATOM   832  C  CD1   . TYR A 1 152 ? -8.169  -2.996  4.727   1.00 49.76  ? 151 TYR A CD1   1 
ATOM   833  C  CD2   . TYR A 1 152 ? -7.608  -5.303  4.734   1.00 50.16  ? 151 TYR A CD2   1 
ATOM   834  C  CE1   . TYR A 1 152 ? -9.495  -3.307  4.826   1.00 47.52  ? 151 TYR A CE1   1 
ATOM   835  C  CE2   . TYR A 1 152 ? -8.940  -5.626  4.851   1.00 50.15  ? 151 TYR A CE2   1 
ATOM   836  C  CZ    . TYR A 1 152 ? -9.882  -4.619  4.897   1.00 51.08  ? 151 TYR A CZ    1 
ATOM   837  O  OH    . TYR A 1 152 ? -11.228 -4.906  5.011   1.00 56.21  ? 151 TYR A OH    1 
ATOM   838  N  N     . LYS A 1 153 ? -2.942  -4.487  5.844   1.00 48.46  ? 152 LYS A N     1 
ATOM   839  C  CA    . LYS A 1 153 ? -1.493  -4.517  5.886   1.00 49.53  ? 152 LYS A CA    1 
ATOM   840  C  C     . LYS A 1 153 ? -0.933  -5.453  4.833   1.00 49.92  ? 152 LYS A C     1 
ATOM   841  O  O     . LYS A 1 153 ? -1.280  -6.633  4.784   1.00 47.73  ? 152 LYS A O     1 
ATOM   842  C  CB    . LYS A 1 153 ? -0.995  -4.936  7.260   1.00 51.85  ? 152 LYS A CB    1 
ATOM   843  C  CG    . LYS A 1 153 ? 0.493   -5.257  7.280   1.00 55.35  ? 152 LYS A CG    1 
ATOM   844  C  CD    . LYS A 1 153 ? 0.993   -5.443  8.690   1.00 61.57  ? 152 LYS A CD    1 
ATOM   845  C  CE    . LYS A 1 153 ? 2.436   -5.944  8.707   1.00 64.74  ? 152 LYS A CE    1 
ATOM   846  N  NZ    . LYS A 1 153 ? 2.845   -6.360  10.089  1.00 63.70  ? 152 LYS A NZ    1 
ATOM   847  N  N     . ILE A 1 154 ? -0.090  -4.893  3.967   1.00 51.45  ? 153 ILE A N     1 
ATOM   848  C  CA    . ILE A 1 154 ? 0.630   -5.665  2.961   1.00 52.98  ? 153 ILE A CA    1 
ATOM   849  C  C     . ILE A 1 154 ? 2.038   -5.836  3.490   1.00 55.46  ? 153 ILE A C     1 
ATOM   850  O  O     . ILE A 1 154 ? 2.778   -4.865  3.676   1.00 55.26  ? 153 ILE A O     1 
ATOM   851  C  CB    . ILE A 1 154 ? 0.673   -4.951  1.584   1.00 53.02  ? 153 ILE A CB    1 
ATOM   852  C  CG1   . ILE A 1 154 ? -0.738  -4.638  1.089   1.00 51.58  ? 153 ILE A CG1   1 
ATOM   853  C  CG2   . ILE A 1 154 ? 1.401   -5.801  0.545   1.00 50.94  ? 153 ILE A CG2   1 
ATOM   854  C  CD1   . ILE A 1 154 ? -0.773  -3.508  0.088   1.00 53.23  ? 153 ILE A CD1   1 
ATOM   855  N  N     . SER A 1 155 ? 2.393   -7.076  3.778   1.00 60.26  ? 154 SER A N     1 
ATOM   856  C  CA    . SER A 1 155 ? 3.721   -7.380  4.276   1.00 64.54  ? 154 SER A CA    1 
ATOM   857  C  C     . SER A 1 155 ? 4.653   -7.425  3.068   1.00 65.17  ? 154 SER A C     1 
ATOM   858  O  O     . SER A 1 155 ? 4.425   -8.197  2.134   1.00 64.83  ? 154 SER A O     1 
ATOM   859  C  CB    . SER A 1 155 ? 3.716   -8.739  4.956   1.00 65.42  ? 154 SER A CB    1 
ATOM   860  O  OG    . SER A 1 155 ? 3.747   -9.758  3.952   1.00 72.79  ? 154 SER A OG    1 
ATOM   861  N  N     . CYS A 1 156 ? 5.694   -6.602  3.086   1.00 67.48  ? 155 CYS A N     1 
ATOM   862  C  CA    . CYS A 1 156 ? 6.624   -6.524  1.963   1.00 68.80  ? 155 CYS A CA    1 
ATOM   863  C  C     . CYS A 1 156 ? 7.541   -7.735  1.866   1.00 67.97  ? 155 CYS A C     1 
ATOM   864  O  O     . CYS A 1 156 ? 8.620   -7.740  2.451   1.00 68.17  ? 155 CYS A O     1 
ATOM   865  C  CB    . CYS A 1 156 ? 7.486   -5.275  2.076   1.00 69.30  ? 155 CYS A CB    1 
ATOM   866  S  SG    . CYS A 1 156 ? 8.682   -5.146  0.730   1.00 78.78  ? 155 CYS A SG    1 
ATOM   867  N  N     . ARG A 1 157 ? 7.120   -8.751  1.120   1.00 67.96  ? 156 ARG A N     1 
ATOM   868  C  CA    . ARG A 1 157 ? 7.987   -9.884  0.850   1.00 68.96  ? 156 ARG A CA    1 
ATOM   869  C  C     . ARG A 1 157 ? 9.133   -9.468  -0.076  1.00 68.60  ? 156 ARG A C     1 
ATOM   870  O  O     . ARG A 1 157 ? 10.305  -9.704  0.218   1.00 68.08  ? 156 ARG A O     1 
ATOM   871  C  CB    . ARG A 1 157 ? 7.221   -11.038 0.205   1.00 69.49  ? 156 ARG A CB    1 
ATOM   872  C  CG    . ARG A 1 157 ? 8.162   -12.028 -0.495  1.00 74.73  ? 156 ARG A CG    1 
ATOM   873  C  CD    . ARG A 1 157 ? 7.455   -13.277 -0.994  1.00 78.79  ? 156 ARG A CD    1 
ATOM   874  N  NE    . ARG A 1 157 ? 6.491   -12.953 -2.040  1.00 85.56  ? 156 ARG A NE    1 
ATOM   875  C  CZ    . ARG A 1 157 ? 5.185   -12.804 -1.839  1.00 90.59  ? 156 ARG A CZ    1 
ATOM   876  N  NH1   . ARG A 1 157 ? 4.657   -12.959 -0.621  1.00 93.32  ? 156 ARG A NH1   1 
ATOM   877  N  NH2   . ARG A 1 157 ? 4.403   -12.503 -2.865  1.00 90.45  ? 156 ARG A NH2   1 
ATOM   878  N  N     . GLU A 1 158 ? 8.779   -8.861  -1.200  1.00 67.53  ? 157 GLU A N     1 
ATOM   879  C  CA    . GLU A 1 158 ? 9.766   -8.393  -2.164  1.00 67.54  ? 157 GLU A CA    1 
ATOM   880  C  C     . GLU A 1 158 ? 9.456   -6.993  -2.666  1.00 64.63  ? 157 GLU A C     1 
ATOM   881  O  O     . GLU A 1 158 ? 8.307   -6.629  -2.863  1.00 63.71  ? 157 GLU A O     1 
ATOM   882  C  CB    . GLU A 1 158 ? 9.842   -9.341  -3.348  1.00 69.24  ? 157 GLU A CB    1 
ATOM   883  C  CG    . GLU A 1 158 ? 10.636  -8.779  -4.511  1.00 77.32  ? 157 GLU A CG    1 
ATOM   884  C  CD    . GLU A 1 158 ? 10.597  -9.685  -5.726  1.00 90.19  ? 157 GLU A CD    1 
ATOM   885  O  OE1   . GLU A 1 158 ? 10.179  -10.856 -5.574  1.00 97.17  ? 157 GLU A OE1   1 
ATOM   886  O  OE2   . GLU A 1 158 ? 10.981  -9.224  -6.829  1.00 98.11  ? 157 GLU A OE2   1 
ATOM   887  N  N     . ARG A 1 159 ? 10.504  -6.223  -2.892  1.00 62.64  ? 158 ARG A N     1 
ATOM   888  C  CA    . ARG A 1 159 ? 10.375  -4.854  -3.307  1.00 61.31  ? 158 ARG A CA    1 
ATOM   889  C  C     . ARG A 1 159 ? 11.382  -4.527  -4.409  1.00 62.52  ? 158 ARG A C     1 
ATOM   890  O  O     . ARG A 1 159 ? 12.531  -4.937  -4.347  1.00 64.47  ? 158 ARG A O     1 
ATOM   891  C  CB    . ARG A 1 159 ? 10.633  -3.957  -2.119  1.00 59.44  ? 158 ARG A CB    1 
ATOM   892  C  CG    . ARG A 1 159 ? 10.534  -2.499  -2.454  1.00 65.29  ? 158 ARG A CG    1 
ATOM   893  C  CD    . ARG A 1 159 ? 10.655  -1.658  -1.217  1.00 69.62  ? 158 ARG A CD    1 
ATOM   894  N  NE    . ARG A 1 159 ? 12.044  -1.369  -0.874  1.00 72.82  ? 158 ARG A NE    1 
ATOM   895  C  CZ    . ARG A 1 159 ? 12.438  -0.945  0.320   1.00 74.50  ? 158 ARG A CZ    1 
ATOM   896  N  NH1   . ARG A 1 159 ? 11.547  -0.787  1.283   1.00 75.18  ? 158 ARG A NH1   1 
ATOM   897  N  NH2   . ARG A 1 159 ? 13.719  -0.690  0.553   1.00 79.27  ? 158 ARG A NH2   1 
ATOM   898  N  N     . THR A 1 160 ? 10.960  -3.773  -5.412  1.00 62.17  ? 159 THR A N     1 
ATOM   899  C  CA    . THR A 1 160 ? 11.866  -3.365  -6.464  1.00 61.89  ? 159 THR A CA    1 
ATOM   900  C  C     . THR A 1 160 ? 11.626  -1.898  -6.793  1.00 60.99  ? 159 THR A C     1 
ATOM   901  O  O     . THR A 1 160 ? 10.495  -1.431  -6.754  1.00 60.64  ? 159 THR A O     1 
ATOM   902  C  CB    . THR A 1 160 ? 11.703  -4.244  -7.703  1.00 62.06  ? 159 THR A CB    1 
ATOM   903  O  OG1   . THR A 1 160 ? 10.435  -3.999  -8.306  1.00 66.78  ? 159 THR A OG1   1 
ATOM   904  C  CG2   . THR A 1 160 ? 11.789  -5.712  -7.323  1.00 66.37  ? 159 THR A CG2   1 
ATOM   905  N  N     . ALA A 1 161 ? 12.706  -1.172  -7.073  1.00 60.88  ? 160 ALA A N     1 
ATOM   906  C  CA    . ALA A 1 161 ? 12.635  0.244   -7.379  1.00 63.16  ? 160 ALA A CA    1 
ATOM   907  C  C     . ALA A 1 161 ? 13.292  0.507   -8.715  1.00 66.17  ? 160 ALA A C     1 
ATOM   908  O  O     . ALA A 1 161 ? 14.102  -0.293  -9.183  1.00 68.03  ? 160 ALA A O     1 
ATOM   909  C  CB    . ALA A 1 161 ? 13.321  1.036   -6.321  1.00 63.33  ? 160 ALA A CB    1 
ATOM   910  N  N     . LYS A 1 162 ? 12.944  1.630   -9.330  1.00 67.55  ? 161 LYS A N     1 
ATOM   911  C  CA    . LYS A 1 162 ? 13.518  2.005   -10.612 1.00 68.66  ? 161 LYS A CA    1 
ATOM   912  C  C     . LYS A 1 162 ? 13.420  3.500   -10.767 1.00 70.79  ? 161 LYS A C     1 
ATOM   913  O  O     . LYS A 1 162 ? 12.486  4.120   -10.269 1.00 69.47  ? 161 LYS A O     1 
ATOM   914  C  CB    . LYS A 1 162 ? 12.789  1.327   -11.771 1.00 68.83  ? 161 LYS A CB    1 
ATOM   915  C  CG    . LYS A 1 162 ? 13.407  0.010   -12.219 1.00 73.09  ? 161 LYS A CG    1 
ATOM   916  C  CD    . LYS A 1 162 ? 12.733  -0.585  -13.475 1.00 76.50  ? 161 LYS A CD    1 
ATOM   917  C  CE    . LYS A 1 162 ? 12.491  0.447   -14.598 1.00 79.48  ? 161 LYS A CE    1 
ATOM   918  N  NZ    . LYS A 1 162 ? 12.016  -0.173  -15.888 1.00 73.18  ? 161 LYS A NZ    1 
ATOM   919  N  N     . VAL A 1 163 ? 14.410  4.080   -11.434 1.00 75.35  ? 162 VAL A N     1 
ATOM   920  C  CA    . VAL A 1 163 ? 14.353  5.479   -11.834 1.00 78.88  ? 162 VAL A CA    1 
ATOM   921  C  C     . VAL A 1 163 ? 14.251  5.503   -13.346 1.00 81.76  ? 162 VAL A C     1 
ATOM   922  O  O     . VAL A 1 163 ? 14.924  4.729   -14.026 1.00 82.29  ? 162 VAL A O     1 
ATOM   923  C  CB    . VAL A 1 163 ? 15.588  6.252   -11.405 1.00 79.11  ? 162 VAL A CB    1 
ATOM   924  C  CG1   . VAL A 1 163 ? 15.370  7.743   -11.627 1.00 81.97  ? 162 VAL A CG1   1 
ATOM   925  C  CG2   . VAL A 1 163 ? 15.898  5.966   -9.953  1.00 78.22  ? 162 VAL A CG2   1 
ATOM   926  N  N     . ASN A 1 164 ? 13.395  6.376   -13.867 1.00 85.95  ? 163 ASN A N     1 
ATOM   927  C  CA    . ASN A 1 164 ? 13.002  6.320   -15.281 1.00 88.67  ? 163 ASN A CA    1 
ATOM   928  C  C     . ASN A 1 164 ? 13.170  7.671   -15.989 1.00 91.27  ? 163 ASN A C     1 
ATOM   929  O  O     . ASN A 1 164 ? 12.981  8.742   -15.382 1.00 91.12  ? 163 ASN A O     1 
ATOM   930  C  CB    . ASN A 1 164 ? 11.558  5.778   -15.427 1.00 88.18  ? 163 ASN A CB    1 
ATOM   931  C  CG    . ASN A 1 164 ? 11.462  4.256   -15.164 1.00 87.66  ? 163 ASN A CG    1 
ATOM   932  O  OD1   . ASN A 1 164 ? 11.127  3.819   -14.058 1.00 85.67  ? 163 ASN A OD1   1 
ATOM   933  N  ND2   . ASN A 1 164 ? 11.767  3.455   -16.182 1.00 81.54  ? 163 ASN A ND2   1 
ATOM   934  N  N     . GLU A 1 165 ? 13.539  7.588   -17.274 1.00 93.61  ? 164 GLU A N     1 
ATOM   935  C  CA    . GLU A 1 165 ? 13.794  8.755   -18.130 1.00 94.62  ? 164 GLU A CA    1 
ATOM   936  C  C     . GLU A 1 165 ? 12.587  9.668   -18.375 1.00 94.90  ? 164 GLU A C     1 
ATOM   937  O  O     . GLU A 1 165 ? 12.542  10.797  -17.859 1.00 94.46  ? 164 GLU A O     1 
ATOM   938  C  CB    . GLU A 1 165 ? 14.319  8.293   -19.500 1.00 94.73  ? 164 GLU A CB    1 
ATOM   939  N  N     . PRO A 1 166 ? 11.602  9.176   -19.156 1.00 95.20  ? 165 PRO A N     1 
ATOM   940  C  CA    . PRO A 1 166 ? 10.364  9.877   -19.521 1.00 95.38  ? 165 PRO A CA    1 
ATOM   941  C  C     . PRO A 1 166 ? 9.137   8.970   -19.351 1.00 95.22  ? 165 PRO A C     1 
ATOM   942  O  O     . PRO A 1 166 ? 8.668   8.762   -18.229 1.00 94.25  ? 165 PRO A O     1 
ATOM   943  C  CB    . PRO A 1 166 ? 10.548  10.272  -20.996 1.00 94.87  ? 165 PRO A CB    1 
HETATM 944  NA NA    . NA  B 2 .   ? -0.870  9.216   -10.602 0.50 55.45  ? 185 NA  A NA    1 
HETATM 945  P  PA    . FAD C 3 .   ? -16.502 -1.448  -5.306  1.00 62.68  ? 200 FAD A PA    1 
HETATM 946  O  O1A   . FAD C 3 .   ? -17.521 -0.390  -5.006  1.00 66.87  ? 200 FAD A O1A   1 
HETATM 947  O  O2A   . FAD C 3 .   ? -16.830 -2.800  -4.715  1.00 55.74  ? 200 FAD A O2A   1 
HETATM 948  O  O5B   . FAD C 3 .   ? -16.223 -1.505  -6.900  1.00 66.74  ? 200 FAD A O5B   1 
HETATM 949  C  C5B   . FAD C 3 .   ? -16.965 -2.233  -7.852  1.00 64.03  ? 200 FAD A C5B   1 
HETATM 950  C  C4B   . FAD C 3 .   ? -16.717 -1.607  -9.222  1.00 61.97  ? 200 FAD A C4B   1 
HETATM 951  O  O4B   . FAD C 3 .   ? -16.631 -0.195  -9.097  1.00 58.06  ? 200 FAD A O4B   1 
HETATM 952  C  C3B   . FAD C 3 .   ? -15.386 -2.061  -9.821  1.00 63.50  ? 200 FAD A C3B   1 
HETATM 953  O  O3B   . FAD C 3 .   ? -15.507 -3.213  -10.614 1.00 71.36  ? 200 FAD A O3B   1 
HETATM 954  C  C2B   . FAD C 3 .   ? -14.908 -0.863  -10.610 1.00 59.31  ? 200 FAD A C2B   1 
HETATM 955  O  O2B   . FAD C 3 .   ? -15.316 -0.938  -11.958 1.00 65.22  ? 200 FAD A O2B   1 
HETATM 956  C  C1B   . FAD C 3 .   ? -15.570 0.311   -9.908  1.00 56.13  ? 200 FAD A C1B   1 
HETATM 957  N  N9A   . FAD C 3 .   ? -14.574 1.013   -9.082  1.00 55.55  ? 200 FAD A N9A   1 
HETATM 958  C  C8A   . FAD C 3 .   ? -14.176 0.721   -7.796  1.00 56.32  ? 200 FAD A C8A   1 
HETATM 959  N  N7A   . FAD C 3 .   ? -13.231 1.629   -7.410  1.00 55.56  ? 200 FAD A N7A   1 
HETATM 960  C  C5A   . FAD C 3 .   ? -13.014 2.490   -8.439  1.00 46.52  ? 200 FAD A C5A   1 
HETATM 961  C  C6A   . FAD C 3 .   ? -12.180 3.591   -8.587  1.00 47.03  ? 200 FAD A C6A   1 
HETATM 962  N  N6A   . FAD C 3 .   ? -11.368 4.031   -7.608  1.00 36.67  ? 200 FAD A N6A   1 
HETATM 963  N  N1A   . FAD C 3 .   ? -12.225 4.274   -9.780  1.00 48.26  ? 200 FAD A N1A   1 
HETATM 964  C  C2A   . FAD C 3 .   ? -13.055 3.874   -10.806 1.00 50.88  ? 200 FAD A C2A   1 
HETATM 965  N  N3A   . FAD C 3 .   ? -13.862 2.776   -10.657 1.00 45.61  ? 200 FAD A N3A   1 
HETATM 966  C  C4A   . FAD C 3 .   ? -13.853 2.109   -9.488  1.00 51.36  ? 200 FAD A C4A   1 
HETATM 967  N  N1    . FAD C 3 .   ? -10.325 3.888   -1.007  1.00 46.68  ? 200 FAD A N1    1 
HETATM 968  C  C2    . FAD C 3 .   ? -10.100 3.369   0.244   1.00 53.15  ? 200 FAD A C2    1 
HETATM 969  O  O2    . FAD C 3 .   ? -10.806 2.424   0.640   1.00 52.69  ? 200 FAD A O2    1 
HETATM 970  N  N3    . FAD C 3 .   ? -9.099  3.935   1.032   1.00 49.66  ? 200 FAD A N3    1 
HETATM 971  C  C4    . FAD C 3 .   ? -8.315  4.988   0.576   1.00 50.62  ? 200 FAD A C4    1 
HETATM 972  O  O4    . FAD C 3 .   ? -7.263  5.271   1.172   1.00 50.91  ? 200 FAD A O4    1 
HETATM 973  C  C4X   . FAD C 3 .   ? -8.546  5.500   -0.702  1.00 48.55  ? 200 FAD A C4X   1 
HETATM 974  N  N5    . FAD C 3 .   ? -7.812  6.548   -1.227  1.00 48.95  ? 200 FAD A N5    1 
HETATM 975  C  C5X   . FAD C 3 .   ? -8.056  7.021   -2.512  1.00 52.17  ? 200 FAD A C5X   1 
HETATM 976  C  C6    . FAD C 3 .   ? -7.319  8.064   -3.067  1.00 49.54  ? 200 FAD A C6    1 
HETATM 977  C  C7    . FAD C 3 .   ? -7.594  8.526   -4.348  1.00 50.66  ? 200 FAD A C7    1 
HETATM 978  C  C7M   . FAD C 3 .   ? -6.541  9.354   -5.030  1.00 52.92  ? 200 FAD A C7M   1 
HETATM 979  C  C8    . FAD C 3 .   ? -8.610  7.928   -5.085  1.00 49.89  ? 200 FAD A C8    1 
HETATM 980  C  C8M   . FAD C 3 .   ? -8.861  8.218   -6.535  1.00 55.70  ? 200 FAD A C8M   1 
HETATM 981  C  C9    . FAD C 3 .   ? -9.322  6.894   -4.539  1.00 47.83  ? 200 FAD A C9    1 
HETATM 982  C  C9A   . FAD C 3 .   ? -9.057  6.450   -3.259  1.00 48.90  ? 200 FAD A C9A   1 
HETATM 983  N  N10   . FAD C 3 .   ? -9.787  5.417   -2.727  1.00 47.04  ? 200 FAD A N10   1 
HETATM 984  C  C10   . FAD C 3 .   ? -9.544  4.933   -1.471  1.00 50.61  ? 200 FAD A C10   1 
HETATM 985  C  "C1'" . FAD C 3 .   ? -10.934 4.818   -3.453  1.00 47.25  ? 200 FAD A "C1'" 1 
HETATM 986  C  "C2'" . FAD C 3 .   ? -10.587 3.356   -3.598  1.00 52.41  ? 200 FAD A "C2'" 1 
HETATM 987  O  "O2'" . FAD C 3 .   ? -10.309 3.193   -4.973  1.00 43.61  ? 200 FAD A "O2'" 1 
HETATM 988  C  "C3'" . FAD C 3 .   ? -11.756 2.524   -3.045  1.00 52.94  ? 200 FAD A "C3'" 1 
HETATM 989  O  "O3'" . FAD C 3 .   ? -11.464 1.475   -2.115  1.00 53.37  ? 200 FAD A "O3'" 1 
HETATM 990  C  "C4'" . FAD C 3 .   ? -12.346 1.956   -4.285  1.00 54.74  ? 200 FAD A "C4'" 1 
HETATM 991  O  "O4'" . FAD C 3 .   ? -12.574 3.097   -5.093  1.00 39.63  ? 200 FAD A "O4'" 1 
HETATM 992  C  "C5'" . FAD C 3 .   ? -13.545 1.106   -3.867  1.00 54.77  ? 200 FAD A "C5'" 1 
HETATM 993  O  "O5'" . FAD C 3 .   ? -13.055 -0.197  -3.640  1.00 59.39  ? 200 FAD A "O5'" 1 
HETATM 994  P  P     . FAD C 3 .   ? -13.939 -1.499  -3.953  1.00 55.89  ? 200 FAD A P     1 
HETATM 995  O  O1P   . FAD C 3 .   ? -13.193 -2.531  -4.771  1.00 53.75  ? 200 FAD A O1P   1 
HETATM 996  O  O2P   . FAD C 3 .   ? -14.388 -2.083  -2.630  1.00 66.18  ? 200 FAD A O2P   1 
HETATM 997  O  O3P   . FAD C 3 .   ? -15.129 -0.795  -4.763  1.00 64.30  ? 200 FAD A O3P   1 
HETATM 998  O  O     . HOH D 4 .   ? -3.997  -9.907  16.849  1.00 58.12  ? 201 HOH A O     1 
HETATM 999  O  O     . HOH D 4 .   ? -2.779  -7.681  13.310  1.00 59.04  ? 202 HOH A O     1 
HETATM 1000 O  O     . HOH D 4 .   ? -4.962  -10.582 -5.234  1.00 50.91  ? 203 HOH A O     1 
HETATM 1001 O  O     . HOH D 4 .   ? 4.806   12.658  -9.622  1.00 78.74  ? 204 HOH A O     1 
HETATM 1002 O  O     . HOH D 4 .   ? -3.213  13.239  -1.761  1.00 81.47  ? 205 HOH A O     1 
HETATM 1003 O  O     . HOH D 4 .   ? 11.541  -1.686  6.014   1.00 65.34  ? 206 HOH A O     1 
HETATM 1004 O  O     . HOH D 4 .   ? 1.844   6.405   -7.489  1.00 44.59  ? 207 HOH A O     1 
HETATM 1005 O  O     . HOH D 4 .   ? 0.316   -8.659  5.724   1.00 57.15  ? 208 HOH A O     1 
HETATM 1006 O  O     . HOH D 4 .   ? -13.085 1.473   0.708   1.00 53.96  ? 209 HOH A O     1 
HETATM 1007 O  O     . HOH D 4 .   ? 3.980   6.918   3.463   1.00 56.42  ? 210 HOH A O     1 
HETATM 1008 O  O     . HOH D 4 .   ? -10.605 -9.798  4.660   1.00 63.45  ? 211 HOH A O     1 
HETATM 1009 O  O     . HOH D 4 .   ? -11.652 -7.422  5.892   1.00 50.22  ? 212 HOH A O     1 
HETATM 1010 O  O     . HOH D 4 .   ? 10.592  -9.467  -9.352  1.00 65.46  ? 213 HOH A O     1 
HETATM 1011 O  O     . HOH D 4 .   ? 5.198   7.279   5.764   1.00 65.62  ? 214 HOH A O     1 
HETATM 1012 O  O     . HOH D 4 .   ? 1.066   9.427   -5.845  1.00 63.64  ? 215 HOH A O     1 
HETATM 1013 O  O     . HOH D 4 .   ? 11.956  -6.573  1.397   1.00 85.77  ? 216 HOH A O     1 
HETATM 1014 O  O     . HOH D 4 .   ? 5.183   15.608  -13.421 1.00 90.82  ? 217 HOH A O     1 
HETATM 1015 O  O     . HOH D 4 .   ? -6.286  -10.398 11.593  1.00 72.64  ? 218 HOH A O     1 
HETATM 1016 O  O     . HOH D 4 .   ? 4.816   -11.483 2.579   1.00 67.59  ? 219 HOH A O     1 
HETATM 1017 O  O     . HOH D 4 .   ? -5.999  4.345   3.213   1.00 46.45  ? 220 HOH A O     1 
# 
